data_8AMW
#
_entry.id   8AMW
#
_cell.length_a   1.00
_cell.length_b   1.00
_cell.length_c   1.00
_cell.angle_alpha   90.00
_cell.angle_beta   90.00
_cell.angle_gamma   90.00
#
_symmetry.space_group_name_H-M   'P 1'
#
loop_
_entity.id
_entity.type
_entity.pdbx_description
1 polymer Aquaporin-7
2 non-polymer GLYCEROL
3 water water
#
_entity_poly.entity_id   1
_entity_poly.type   'polypeptide(L)'
_entity_poly.pdbx_seq_one_letter_code
;MVQASGHRRSTRGSKMVSWSVIAKIQEILQRKMVREFLAEFMSTYVMMVFGLGSVAHMVLNKKYGSYLGVNLGFGFGVTM
GVHVAGRISGAHMNAAVTFANCALGRVPWRKFPVYVLGQFLGSFLAAATIYSLFYTAILHFSGGQLMVTGPVATAGIFAT
YLPDHMTLWRGFLNEAWLTGMLQLCLFAITDQENNPALPGTEALVIGILVVIIGVSLGMNTGYAINPSRDLPPRIFTFIA
GWGKQVFSNGENWWWVPVVAPLLGAYLGGIIYLVFIGSTIPREPLKLEDSVAYEDHGITVLPKMGSHEPTISPLTPVSVS
PANRSSVHPAPPLHESMALEHF
;
_entity_poly.pdbx_strand_id   A,B,C,D,E,F,G,H
#
loop_
_chem_comp.id
_chem_comp.type
_chem_comp.name
_chem_comp.formula
GOL non-polymer GLYCEROL 'C3 H8 O3'
#
# COMPACT_ATOMS: atom_id res chain seq x y z
N LYS A 24 -25.33 48.26 -34.35
CA LYS A 24 -23.99 48.44 -33.83
C LYS A 24 -23.69 47.47 -32.69
N ILE A 25 -24.72 47.20 -31.88
CA ILE A 25 -24.60 46.39 -30.67
C ILE A 25 -23.51 46.98 -29.79
N GLN A 26 -23.53 48.30 -29.63
CA GLN A 26 -22.62 49.00 -28.74
C GLN A 26 -23.30 50.04 -27.87
N GLU A 27 -24.55 50.42 -28.18
CA GLU A 27 -25.32 51.30 -27.32
C GLU A 27 -26.13 50.51 -26.29
N ILE A 28 -26.72 49.39 -26.70
CA ILE A 28 -27.40 48.50 -25.76
C ILE A 28 -26.40 47.88 -24.81
N LEU A 29 -25.19 47.59 -25.27
CA LEU A 29 -24.18 46.92 -24.46
C LEU A 29 -23.62 47.81 -23.35
N GLN A 30 -23.91 49.10 -23.37
CA GLN A 30 -23.38 50.02 -22.38
C GLN A 30 -24.36 50.34 -21.26
N ARG A 31 -25.51 49.66 -21.22
CA ARG A 31 -26.46 49.87 -20.15
C ARG A 31 -25.96 49.22 -18.87
N LYS A 32 -26.25 49.86 -17.73
CA LYS A 32 -25.73 49.38 -16.46
C LYS A 32 -26.21 47.98 -16.13
N MET A 33 -27.51 47.74 -16.28
CA MET A 33 -28.08 46.43 -15.96
C MET A 33 -27.63 45.33 -16.92
N VAL A 34 -27.08 45.69 -18.07
CA VAL A 34 -26.55 44.69 -18.99
C VAL A 34 -25.12 44.30 -18.61
N ARG A 35 -24.29 45.28 -18.26
CA ARG A 35 -22.92 44.94 -17.88
C ARG A 35 -22.85 44.31 -16.50
N GLU A 36 -23.81 44.61 -15.61
CA GLU A 36 -23.87 43.86 -14.35
C GLU A 36 -24.17 42.39 -14.60
N PHE A 37 -25.12 42.11 -15.49
CA PHE A 37 -25.42 40.73 -15.88
C PHE A 37 -24.20 40.05 -16.48
N LEU A 38 -23.50 40.75 -17.37
CA LEU A 38 -22.32 40.17 -18.00
C LEU A 38 -21.22 39.89 -16.98
N ALA A 39 -21.02 40.79 -16.03
CA ALA A 39 -20.00 40.60 -15.01
C ALA A 39 -20.32 39.37 -14.14
N GLU A 40 -21.58 39.25 -13.70
CA GLU A 40 -21.95 38.09 -12.91
C GLU A 40 -21.77 36.79 -13.70
N PHE A 41 -22.19 36.80 -14.97
CA PHE A 41 -22.05 35.61 -15.81
C PHE A 41 -20.59 35.20 -15.93
N MET A 42 -19.71 36.16 -16.22
CA MET A 42 -18.30 35.83 -16.43
C MET A 42 -17.63 35.33 -15.16
N SER A 43 -17.89 36.00 -14.02
CA SER A 43 -17.24 35.58 -12.78
C SER A 43 -17.71 34.20 -12.35
N THR A 44 -19.02 33.93 -12.47
CA THR A 44 -19.51 32.60 -12.12
C THR A 44 -18.93 31.54 -13.03
N TYR A 45 -18.83 31.84 -14.34
CA TYR A 45 -18.24 30.89 -15.27
C TYR A 45 -16.82 30.53 -14.87
N VAL A 46 -16.00 31.54 -14.57
CA VAL A 46 -14.61 31.29 -14.19
C VAL A 46 -14.53 30.42 -12.95
N MET A 47 -15.27 30.81 -11.90
CA MET A 47 -15.22 30.06 -10.65
C MET A 47 -15.62 28.61 -10.84
N MET A 48 -16.72 28.39 -11.55
CA MET A 48 -17.23 27.02 -11.69
C MET A 48 -16.33 26.18 -12.57
N VAL A 49 -15.72 26.78 -13.60
CA VAL A 49 -14.76 26.02 -14.42
C VAL A 49 -13.62 25.51 -13.54
N PHE A 50 -13.03 26.40 -12.75
CA PHE A 50 -11.91 25.97 -11.91
C PHE A 50 -12.34 24.89 -10.91
N GLY A 51 -13.47 25.10 -10.24
CA GLY A 51 -13.88 24.16 -9.20
C GLY A 51 -14.22 22.79 -9.75
N LEU A 52 -15.02 22.74 -10.83
CA LEU A 52 -15.40 21.46 -11.39
C LEU A 52 -14.21 20.76 -12.03
N GLY A 53 -13.25 21.50 -12.59
CA GLY A 53 -12.03 20.86 -13.05
C GLY A 53 -11.29 20.16 -11.93
N SER A 54 -11.17 20.83 -10.77
CA SER A 54 -10.49 20.20 -9.64
C SER A 54 -11.22 18.95 -9.17
N VAL A 55 -12.55 19.01 -9.10
CA VAL A 55 -13.32 17.86 -8.64
C VAL A 55 -13.16 16.68 -9.61
N ALA A 56 -13.20 16.96 -10.92
CA ALA A 56 -12.99 15.89 -11.90
C ALA A 56 -11.60 15.30 -11.78
N HIS A 57 -10.59 16.15 -11.57
CA HIS A 57 -9.23 15.64 -11.35
C HIS A 57 -9.20 14.67 -10.18
N MET A 58 -9.87 15.01 -9.08
CA MET A 58 -9.85 14.12 -7.92
C MET A 58 -10.57 12.81 -8.21
N VAL A 59 -11.75 12.89 -8.82
CA VAL A 59 -12.57 11.69 -8.99
C VAL A 59 -11.92 10.72 -9.98
N LEU A 60 -11.48 11.23 -11.14
CA LEU A 60 -11.06 10.33 -12.21
C LEU A 60 -9.69 9.71 -11.93
N ASN A 61 -8.66 10.54 -11.85
CA ASN A 61 -7.29 10.05 -11.70
C ASN A 61 -6.89 10.04 -10.23
N LYS A 62 -6.09 9.06 -9.86
CA LYS A 62 -5.70 8.87 -8.46
C LYS A 62 -4.40 9.59 -8.10
N LYS A 63 -3.40 9.53 -8.98
CA LYS A 63 -2.11 10.15 -8.70
C LYS A 63 -2.09 11.64 -8.99
N TYR A 64 -3.06 12.17 -9.72
CA TYR A 64 -3.13 13.59 -10.03
C TYR A 64 -4.19 14.33 -9.22
N GLY A 65 -4.80 13.68 -8.25
CA GLY A 65 -5.92 14.27 -7.54
C GLY A 65 -5.83 14.05 -6.05
N SER A 66 -6.36 15.00 -5.31
CA SER A 66 -6.41 14.94 -3.86
C SER A 66 -7.51 15.87 -3.37
N TYR A 67 -7.88 15.72 -2.10
CA TYR A 67 -8.90 16.58 -1.52
C TYR A 67 -8.41 18.02 -1.41
N LEU A 68 -7.13 18.20 -1.04
CA LEU A 68 -6.57 19.54 -0.93
C LEU A 68 -6.56 20.24 -2.28
N GLY A 69 -6.36 19.51 -3.37
CA GLY A 69 -6.47 20.11 -4.68
C GLY A 69 -7.86 20.64 -4.97
N VAL A 70 -8.89 19.89 -4.56
CA VAL A 70 -10.27 20.34 -4.71
C VAL A 70 -10.48 21.63 -3.94
N ASN A 71 -9.98 21.66 -2.70
CA ASN A 71 -10.13 22.85 -1.87
C ASN A 71 -9.46 24.05 -2.51
N LEU A 72 -8.21 23.88 -2.97
CA LEU A 72 -7.48 24.98 -3.57
C LEU A 72 -8.16 25.48 -4.84
N GLY A 73 -8.60 24.57 -5.70
CA GLY A 73 -9.24 25.00 -6.93
C GLY A 73 -10.51 25.78 -6.68
N PHE A 74 -11.39 25.25 -5.83
CA PHE A 74 -12.64 25.95 -5.56
C PHE A 74 -12.39 27.28 -4.84
N GLY A 75 -11.46 27.29 -3.89
CA GLY A 75 -11.20 28.52 -3.13
C GLY A 75 -10.60 29.62 -3.98
N PHE A 76 -9.61 29.29 -4.81
CA PHE A 76 -8.90 30.30 -5.58
C PHE A 76 -9.49 30.54 -6.96
N GLY A 77 -10.58 29.86 -7.34
CA GLY A 77 -11.39 30.38 -8.42
C GLY A 77 -12.20 31.60 -8.01
N VAL A 78 -12.52 31.69 -6.71
CA VAL A 78 -13.25 32.84 -6.19
C VAL A 78 -12.40 34.11 -6.30
N THR A 79 -11.09 34.00 -6.10
CA THR A 79 -10.21 35.16 -6.23
C THR A 79 -10.26 35.72 -7.65
N MET A 80 -10.19 34.84 -8.64
CA MET A 80 -10.22 35.28 -10.02
C MET A 80 -11.59 35.86 -10.39
N GLY A 81 -12.66 35.26 -9.88
CA GLY A 81 -13.97 35.84 -10.09
C GLY A 81 -14.10 37.24 -9.51
N VAL A 82 -13.57 37.42 -8.29
CA VAL A 82 -13.62 38.73 -7.65
C VAL A 82 -12.83 39.75 -8.47
N HIS A 83 -11.65 39.36 -8.97
CA HIS A 83 -10.89 40.30 -9.80
C HIS A 83 -11.63 40.62 -11.10
N VAL A 84 -12.37 39.66 -11.65
CA VAL A 84 -13.09 39.91 -12.90
C VAL A 84 -14.23 40.88 -12.67
N ALA A 85 -15.04 40.66 -11.62
CA ALA A 85 -16.29 41.40 -11.49
C ALA A 85 -16.51 41.91 -10.08
N GLY A 86 -15.45 42.32 -9.40
CA GLY A 86 -15.59 42.77 -8.03
C GLY A 86 -16.10 44.18 -7.86
N ARG A 87 -15.95 45.03 -8.88
CA ARG A 87 -16.36 46.43 -8.78
C ARG A 87 -17.64 46.73 -9.52
N ILE A 88 -17.91 46.04 -10.64
CA ILE A 88 -19.10 46.34 -11.43
C ILE A 88 -20.36 45.93 -10.68
N SER A 89 -20.37 44.72 -10.11
CA SER A 89 -21.56 44.17 -9.50
C SER A 89 -21.39 43.70 -8.06
N GLY A 90 -20.16 43.60 -7.56
CA GLY A 90 -19.92 43.09 -6.23
C GLY A 90 -19.39 41.67 -6.19
N ALA A 91 -19.50 40.93 -7.29
CA ALA A 91 -18.96 39.58 -7.41
C ALA A 91 -19.51 38.65 -6.33
N HIS A 92 -20.84 38.55 -6.30
CA HIS A 92 -21.48 37.64 -5.36
C HIS A 92 -21.23 36.19 -5.76
N MET A 93 -21.44 35.86 -7.03
CA MET A 93 -21.23 34.51 -7.56
C MET A 93 -21.98 33.45 -6.77
N ASN A 94 -23.03 33.85 -6.06
CA ASN A 94 -23.70 32.98 -5.10
C ASN A 94 -25.11 33.50 -4.89
N ALA A 95 -26.10 32.64 -5.10
CA ALA A 95 -27.48 33.09 -4.96
C ALA A 95 -27.83 33.35 -3.50
N ALA A 96 -27.25 32.56 -2.58
CA ALA A 96 -27.50 32.77 -1.16
C ALA A 96 -26.96 34.12 -0.68
N VAL A 97 -25.77 34.49 -1.15
CA VAL A 97 -25.19 35.76 -0.76
C VAL A 97 -26.00 36.93 -1.31
N THR A 98 -26.46 36.82 -2.57
CA THR A 98 -27.31 37.85 -3.14
C THR A 98 -28.62 37.98 -2.37
N PHE A 99 -29.22 36.84 -1.99
CA PHE A 99 -30.46 36.88 -1.22
C PHE A 99 -30.24 37.55 0.13
N ALA A 100 -29.15 37.20 0.82
CA ALA A 100 -28.88 37.80 2.12
C ALA A 100 -28.62 39.30 2.00
N ASN A 101 -27.90 39.71 0.96
CA ASN A 101 -27.65 41.15 0.78
C ASN A 101 -28.93 41.91 0.46
N CYS A 102 -29.79 41.33 -0.38
CA CYS A 102 -31.05 42.01 -0.71
C CYS A 102 -31.97 42.09 0.50
N ALA A 103 -32.05 41.01 1.29
CA ALA A 103 -32.99 40.98 2.41
C ALA A 103 -32.59 41.94 3.52
N LEU A 104 -31.30 42.19 3.69
CA LEU A 104 -30.81 43.05 4.76
C LEU A 104 -30.76 44.51 4.35
N GLY A 105 -31.18 44.86 3.15
CA GLY A 105 -31.25 46.23 2.71
C GLY A 105 -30.04 46.79 2.00
N ARG A 106 -29.00 45.97 1.82
CA ARG A 106 -27.78 46.48 1.17
C ARG A 106 -27.93 46.58 -0.34
N VAL A 107 -28.79 45.77 -0.95
CA VAL A 107 -28.96 45.74 -2.40
C VAL A 107 -30.45 45.87 -2.71
N PRO A 108 -30.85 46.60 -3.75
CA PRO A 108 -32.26 46.66 -4.11
C PRO A 108 -32.77 45.31 -4.56
N TRP A 109 -34.07 45.07 -4.34
CA TRP A 109 -34.70 43.82 -4.73
C TRP A 109 -34.91 43.69 -6.23
N ARG A 110 -34.74 44.77 -6.99
CA ARG A 110 -34.95 44.71 -8.42
C ARG A 110 -33.77 44.12 -9.18
N LYS A 111 -32.62 43.95 -8.53
CA LYS A 111 -31.44 43.36 -9.15
C LYS A 111 -31.31 41.87 -8.89
N PHE A 112 -32.17 41.29 -8.07
CA PHE A 112 -32.09 39.87 -7.77
C PHE A 112 -32.29 38.98 -8.99
N PRO A 113 -33.35 39.14 -9.80
CA PRO A 113 -33.53 38.22 -10.93
C PRO A 113 -32.39 38.22 -11.92
N VAL A 114 -31.81 39.39 -12.23
CA VAL A 114 -30.77 39.44 -13.25
C VAL A 114 -29.48 38.79 -12.73
N TYR A 115 -29.15 39.01 -11.45
CA TYR A 115 -27.98 38.38 -10.87
C TYR A 115 -28.14 36.86 -10.85
N VAL A 116 -29.31 36.38 -10.42
CA VAL A 116 -29.52 34.94 -10.36
C VAL A 116 -29.49 34.32 -11.75
N LEU A 117 -30.09 35.00 -12.73
CA LEU A 117 -30.07 34.50 -14.10
C LEU A 117 -28.66 34.39 -14.64
N GLY A 118 -27.84 35.43 -14.43
CA GLY A 118 -26.47 35.37 -14.89
C GLY A 118 -25.67 34.27 -14.23
N GLN A 119 -25.83 34.10 -12.91
CA GLN A 119 -25.12 33.04 -12.21
C GLN A 119 -25.53 31.66 -12.72
N PHE A 120 -26.82 31.45 -12.94
CA PHE A 120 -27.29 30.15 -13.43
C PHE A 120 -26.75 29.86 -14.82
N LEU A 121 -26.77 30.85 -15.71
CA LEU A 121 -26.21 30.63 -17.04
C LEU A 121 -24.72 30.32 -16.99
N GLY A 122 -23.97 31.06 -16.16
CA GLY A 122 -22.55 30.80 -16.05
C GLY A 122 -22.24 29.41 -15.53
N SER A 123 -22.97 28.97 -14.51
CA SER A 123 -22.75 27.64 -13.96
C SER A 123 -23.08 26.55 -14.98
N PHE A 124 -24.19 26.72 -15.72
CA PHE A 124 -24.55 25.73 -16.73
C PHE A 124 -23.48 25.62 -17.81
N LEU A 125 -22.99 26.77 -18.30
CA LEU A 125 -21.98 26.72 -19.36
C LEU A 125 -20.65 26.19 -18.85
N ALA A 126 -20.30 26.46 -17.59
CA ALA A 126 -19.09 25.87 -17.03
C ALA A 126 -19.18 24.36 -16.93
N ALA A 127 -20.35 23.84 -16.53
CA ALA A 127 -20.56 22.41 -16.54
C ALA A 127 -20.40 21.83 -17.94
N ALA A 128 -20.96 22.50 -18.95
CA ALA A 128 -20.81 22.05 -20.32
C ALA A 128 -19.35 22.01 -20.75
N THR A 129 -18.58 23.06 -20.40
CA THR A 129 -17.16 23.10 -20.75
C THR A 129 -16.38 21.97 -20.09
N ILE A 130 -16.63 21.72 -18.80
CA ILE A 130 -15.92 20.64 -18.11
C ILE A 130 -16.27 19.30 -18.72
N TYR A 131 -17.54 19.12 -19.13
CA TYR A 131 -17.92 17.89 -19.81
C TYR A 131 -17.18 17.72 -21.13
N SER A 132 -17.04 18.80 -21.90
CA SER A 132 -16.38 18.69 -23.19
C SER A 132 -14.88 18.48 -23.08
N LEU A 133 -14.23 19.02 -22.05
CA LEU A 133 -12.79 18.86 -21.94
C LEU A 133 -12.37 17.50 -21.39
N PHE A 134 -13.17 16.89 -20.55
CA PHE A 134 -12.83 15.63 -19.89
C PHE A 134 -13.62 14.45 -20.44
N TYR A 135 -14.08 14.54 -21.69
CA TYR A 135 -14.99 13.53 -22.24
C TYR A 135 -14.33 12.16 -22.32
N THR A 136 -13.15 12.10 -22.92
CA THR A 136 -12.46 10.81 -23.10
C THR A 136 -12.11 10.18 -21.76
N ALA A 137 -11.66 11.00 -20.80
CA ALA A 137 -11.30 10.46 -19.49
C ALA A 137 -12.53 9.91 -18.77
N ILE A 138 -13.67 10.60 -18.87
CA ILE A 138 -14.89 10.11 -18.24
C ILE A 138 -15.31 8.77 -18.85
N LEU A 139 -15.27 8.67 -20.18
CA LEU A 139 -15.65 7.41 -20.81
C LEU A 139 -14.68 6.28 -20.45
N HIS A 140 -13.39 6.59 -20.38
CA HIS A 140 -12.42 5.57 -20.00
C HIS A 140 -12.62 5.11 -18.56
N PHE A 141 -12.88 6.03 -17.64
CA PHE A 141 -13.03 5.67 -16.24
C PHE A 141 -14.30 4.88 -16.01
N SER A 142 -15.43 5.36 -16.52
CA SER A 142 -16.70 4.72 -16.23
C SER A 142 -16.90 3.43 -17.01
N GLY A 143 -16.16 3.23 -18.10
CA GLY A 143 -16.39 2.08 -18.95
C GLY A 143 -17.46 2.29 -19.99
N GLY A 144 -17.80 3.53 -20.30
CA GLY A 144 -18.84 3.83 -21.26
C GLY A 144 -20.24 3.90 -20.70
N GLN A 145 -20.40 3.70 -19.40
N GLN A 145 -20.40 3.71 -19.40
CA GLN A 145 -21.71 3.74 -18.75
CA GLN A 145 -21.72 3.74 -18.76
C GLN A 145 -21.73 4.92 -17.80
C GLN A 145 -21.76 4.91 -17.78
N LEU A 146 -22.69 5.82 -18.01
CA LEU A 146 -22.85 7.00 -17.14
C LEU A 146 -23.69 6.59 -15.94
N MET A 147 -23.07 6.57 -14.75
CA MET A 147 -23.69 6.00 -13.56
C MET A 147 -23.75 7.03 -12.45
N VAL A 148 -24.88 7.03 -11.73
CA VAL A 148 -25.05 7.90 -10.57
C VAL A 148 -24.63 7.20 -9.28
N THR A 149 -24.87 5.89 -9.19
CA THR A 149 -24.55 5.10 -8.01
C THR A 149 -23.63 3.95 -8.39
N GLY A 150 -22.59 3.72 -7.59
CA GLY A 150 -21.73 2.58 -7.80
C GLY A 150 -20.27 2.90 -7.58
N PRO A 151 -19.40 1.89 -7.79
CA PRO A 151 -17.96 2.14 -7.68
C PRO A 151 -17.39 3.01 -8.79
N VAL A 152 -18.12 3.20 -9.89
CA VAL A 152 -17.64 3.98 -11.01
C VAL A 152 -18.61 5.12 -11.30
N ALA A 153 -19.24 5.65 -10.26
CA ALA A 153 -20.20 6.73 -10.43
C ALA A 153 -19.48 8.03 -10.77
N THR A 154 -19.96 8.71 -11.81
CA THR A 154 -19.35 9.94 -12.28
C THR A 154 -20.30 11.13 -12.23
N ALA A 155 -21.51 10.97 -11.73
CA ALA A 155 -22.44 12.08 -11.67
C ALA A 155 -22.09 13.06 -10.55
N GLY A 156 -21.23 12.66 -9.62
CA GLY A 156 -20.81 13.51 -8.53
C GLY A 156 -19.72 14.50 -8.87
N ILE A 157 -19.21 14.47 -10.10
CA ILE A 157 -18.27 15.48 -10.55
C ILE A 157 -18.95 16.84 -10.64
N PHE A 158 -20.19 16.86 -11.11
CA PHE A 158 -20.89 18.11 -11.38
C PHE A 158 -21.75 18.59 -10.22
N ALA A 159 -22.40 17.69 -9.50
CA ALA A 159 -23.23 18.09 -8.36
C ALA A 159 -22.84 17.32 -7.11
N THR A 160 -23.63 17.48 -6.05
CA THR A 160 -23.32 16.90 -4.74
C THR A 160 -24.39 15.88 -4.36
N TYR A 161 -23.96 14.76 -3.79
CA TYR A 161 -24.85 13.68 -3.42
C TYR A 161 -24.62 13.27 -1.98
N LEU A 162 -25.69 12.86 -1.32
CA LEU A 162 -25.65 12.59 0.10
C LEU A 162 -24.82 11.34 0.39
N PRO A 163 -23.86 11.40 1.32
CA PRO A 163 -23.06 10.21 1.63
C PRO A 163 -23.87 9.06 2.22
N ASP A 164 -23.20 7.93 2.47
CA ASP A 164 -23.93 6.70 2.79
C ASP A 164 -24.62 6.78 4.15
N HIS A 165 -23.89 7.20 5.19
CA HIS A 165 -24.41 7.15 6.55
C HIS A 165 -25.20 8.40 6.94
N MET A 166 -25.10 9.48 6.17
CA MET A 166 -25.80 10.70 6.52
C MET A 166 -27.29 10.60 6.20
N THR A 167 -28.09 11.33 6.96
CA THR A 167 -29.52 11.46 6.72
C THR A 167 -29.81 12.83 6.12
N LEU A 168 -31.06 13.03 5.70
CA LEU A 168 -31.42 14.25 4.97
C LEU A 168 -31.38 15.47 5.88
N TRP A 169 -31.92 15.36 7.09
CA TRP A 169 -32.00 16.53 7.95
C TRP A 169 -30.64 16.90 8.55
N ARG A 170 -29.77 15.91 8.76
CA ARG A 170 -28.39 16.22 9.11
C ARG A 170 -27.71 17.01 8.00
N GLY A 171 -27.96 16.64 6.74
CA GLY A 171 -27.43 17.40 5.64
C GLY A 171 -28.00 18.81 5.58
N PHE A 172 -29.28 18.96 5.88
CA PHE A 172 -29.88 20.29 5.96
C PHE A 172 -29.17 21.14 7.00
N LEU A 173 -28.94 20.57 8.17
CA LEU A 173 -28.24 21.29 9.23
C LEU A 173 -26.83 21.68 8.80
N ASN A 174 -26.11 20.76 8.14
CA ASN A 174 -24.76 21.05 7.70
C ASN A 174 -24.73 22.19 6.69
N GLU A 175 -25.63 22.15 5.71
CA GLU A 175 -25.67 23.21 4.70
C GLU A 175 -25.97 24.56 5.35
N ALA A 176 -26.96 24.61 6.23
CA ALA A 176 -27.32 25.87 6.86
C ALA A 176 -26.16 26.44 7.66
N TRP A 177 -25.50 25.60 8.45
CA TRP A 177 -24.42 26.10 9.31
C TRP A 177 -23.22 26.56 8.50
N LEU A 178 -22.85 25.81 7.45
CA LEU A 178 -21.71 26.21 6.64
C LEU A 178 -21.98 27.53 5.93
N THR A 179 -23.19 27.71 5.39
CA THR A 179 -23.50 28.97 4.73
C THR A 179 -23.51 30.12 5.74
N GLY A 180 -23.99 29.87 6.96
CA GLY A 180 -23.95 30.91 7.98
C GLY A 180 -22.54 31.35 8.31
N MET A 181 -21.63 30.40 8.48
CA MET A 181 -20.24 30.75 8.73
C MET A 181 -19.64 31.53 7.57
N LEU A 182 -19.91 31.09 6.34
CA LEU A 182 -19.41 31.80 5.17
C LEU A 182 -19.89 33.25 5.15
N GLN A 183 -21.18 33.47 5.37
CA GLN A 183 -21.70 34.83 5.29
C GLN A 183 -21.18 35.72 6.41
N LEU A 184 -21.05 35.16 7.62
CA LEU A 184 -20.49 35.94 8.72
C LEU A 184 -19.07 36.40 8.40
N CYS A 185 -18.23 35.48 7.92
CA CYS A 185 -16.85 35.86 7.64
C CYS A 185 -16.76 36.79 6.43
N LEU A 186 -17.64 36.61 5.45
CA LEU A 186 -17.67 37.54 4.32
C LEU A 186 -18.00 38.95 4.76
N PHE A 187 -18.98 39.10 5.65
CA PHE A 187 -19.26 40.42 6.21
C PHE A 187 -18.06 40.96 6.98
N ALA A 188 -17.37 40.10 7.72
CA ALA A 188 -16.25 40.54 8.53
C ALA A 188 -15.10 41.06 7.67
N ILE A 189 -14.82 40.40 6.55
CA ILE A 189 -13.65 40.76 5.74
C ILE A 189 -13.84 42.13 5.11
N THR A 190 -15.05 42.46 4.66
CA THR A 190 -15.29 43.62 3.84
C THR A 190 -15.97 44.78 4.58
N ASP A 191 -15.86 44.82 5.91
CA ASP A 191 -16.51 45.87 6.69
C ASP A 191 -15.53 47.01 6.93
N GLN A 192 -15.83 48.19 6.37
CA GLN A 192 -14.88 49.29 6.41
C GLN A 192 -14.75 49.88 7.81
N GLU A 193 -15.83 49.90 8.58
CA GLU A 193 -15.78 50.48 9.93
C GLU A 193 -15.07 49.55 10.91
N ASN A 194 -15.18 48.24 10.71
CA ASN A 194 -14.48 47.25 11.52
C ASN A 194 -13.04 47.14 11.05
N ASN A 195 -12.37 46.03 11.35
CA ASN A 195 -11.04 45.73 10.86
C ASN A 195 -11.11 44.96 9.55
N PRO A 196 -11.00 45.63 8.39
CA PRO A 196 -11.08 44.92 7.11
C PRO A 196 -9.73 44.53 6.54
N ALA A 197 -9.74 43.78 5.44
CA ALA A 197 -8.53 43.53 4.68
C ALA A 197 -8.18 44.74 3.83
N LEU A 198 -6.90 44.90 3.56
CA LEU A 198 -6.43 46.07 2.81
C LEU A 198 -7.03 46.07 1.42
N PRO A 199 -7.57 47.20 0.94
CA PRO A 199 -8.14 47.24 -0.40
C PRO A 199 -7.10 46.86 -1.45
N GLY A 200 -7.52 46.05 -2.41
CA GLY A 200 -6.62 45.44 -3.35
C GLY A 200 -6.04 44.11 -2.90
N THR A 201 -6.29 43.71 -1.65
CA THR A 201 -5.87 42.42 -1.12
C THR A 201 -7.05 41.62 -0.61
N GLU A 202 -8.27 42.03 -0.93
CA GLU A 202 -9.48 41.42 -0.39
C GLU A 202 -9.92 40.19 -1.16
N ALA A 203 -9.25 39.83 -2.25
CA ALA A 203 -9.60 38.61 -2.97
C ALA A 203 -8.86 37.39 -2.43
N LEU A 204 -7.61 37.56 -2.02
CA LEU A 204 -6.85 36.45 -1.44
C LEU A 204 -7.50 35.97 -0.15
N VAL A 205 -7.99 36.89 0.67
CA VAL A 205 -8.57 36.50 1.95
C VAL A 205 -9.88 35.74 1.75
N ILE A 206 -10.69 36.17 0.78
CA ILE A 206 -11.91 35.42 0.46
C ILE A 206 -11.58 34.04 -0.07
N GLY A 207 -10.57 33.95 -0.95
CA GLY A 207 -10.14 32.65 -1.42
C GLY A 207 -9.70 31.74 -0.29
N ILE A 208 -8.95 32.27 0.67
CA ILE A 208 -8.49 31.48 1.80
C ILE A 208 -9.66 31.05 2.68
N LEU A 209 -10.65 31.94 2.84
CA LEU A 209 -11.85 31.58 3.59
C LEU A 209 -12.54 30.37 2.97
N VAL A 210 -12.73 30.40 1.65
CA VAL A 210 -13.38 29.27 0.98
C VAL A 210 -12.53 28.02 1.08
N VAL A 211 -11.20 28.18 0.98
CA VAL A 211 -10.31 27.02 1.05
C VAL A 211 -10.45 26.33 2.40
N ILE A 212 -10.47 27.09 3.49
CA ILE A 212 -10.54 26.44 4.79
C ILE A 212 -11.95 25.97 5.11
N ILE A 213 -12.97 26.59 4.52
CA ILE A 213 -14.32 26.01 4.65
C ILE A 213 -14.35 24.63 4.02
N GLY A 214 -13.73 24.47 2.86
CA GLY A 214 -13.63 23.15 2.27
C GLY A 214 -12.80 22.19 3.09
N VAL A 215 -11.68 22.66 3.64
CA VAL A 215 -10.76 21.80 4.37
C VAL A 215 -11.37 21.30 5.67
N SER A 216 -12.11 22.16 6.37
CA SER A 216 -12.56 21.85 7.71
C SER A 216 -13.92 21.15 7.77
N LEU A 217 -14.86 21.49 6.90
CA LEU A 217 -16.25 21.05 7.06
C LEU A 217 -16.85 20.51 5.77
N GLY A 218 -16.05 19.87 4.93
CA GLY A 218 -16.52 19.53 3.60
C GLY A 218 -16.84 18.08 3.29
N MET A 219 -16.50 17.15 4.17
CA MET A 219 -16.68 15.73 3.86
C MET A 219 -18.08 15.22 4.16
N ASN A 220 -18.90 15.98 4.87
CA ASN A 220 -20.21 15.47 5.28
C ASN A 220 -21.26 15.65 4.19
N THR A 221 -21.20 16.75 3.43
CA THR A 221 -22.21 17.04 2.43
C THR A 221 -21.65 17.46 1.08
N GLY A 222 -20.33 17.52 0.93
CA GLY A 222 -19.74 18.08 -0.28
C GLY A 222 -19.68 19.59 -0.30
N TYR A 223 -20.02 20.24 0.81
CA TYR A 223 -20.05 21.69 0.99
C TYR A 223 -20.51 22.41 -0.28
N ALA A 224 -21.74 22.11 -0.67
CA ALA A 224 -22.44 22.89 -1.69
C ALA A 224 -23.17 24.02 -0.98
N ILE A 225 -22.43 25.08 -0.69
CA ILE A 225 -22.97 26.24 0.00
C ILE A 225 -23.46 27.30 -0.99
N ASN A 226 -23.76 26.88 -2.22
CA ASN A 226 -24.08 27.77 -3.32
C ASN A 226 -25.14 27.11 -4.18
N PRO A 227 -26.37 27.64 -4.23
CA PRO A 227 -27.38 27.06 -5.13
C PRO A 227 -26.96 27.06 -6.58
N SER A 228 -26.24 28.09 -7.03
CA SER A 228 -25.76 28.13 -8.40
C SER A 228 -24.74 27.05 -8.69
N ARG A 229 -23.98 26.64 -7.67
CA ARG A 229 -23.01 25.57 -7.83
C ARG A 229 -23.67 24.20 -7.91
N ASP A 230 -24.91 24.08 -7.46
CA ASP A 230 -25.56 22.78 -7.29
C ASP A 230 -26.63 22.51 -8.33
N LEU A 231 -27.54 23.45 -8.59
CA LEU A 231 -28.68 23.11 -9.43
C LEU A 231 -28.37 23.05 -10.93
N PRO A 232 -27.73 24.06 -11.52
CA PRO A 232 -27.50 24.03 -12.99
C PRO A 232 -26.65 22.85 -13.43
N PRO A 233 -25.58 22.48 -12.71
CA PRO A 233 -24.87 21.24 -13.10
C PRO A 233 -25.74 20.00 -13.02
N ARG A 234 -26.64 19.93 -12.06
CA ARG A 234 -27.57 18.79 -11.98
C ARG A 234 -28.49 18.75 -13.17
N ILE A 235 -29.00 19.92 -13.60
CA ILE A 235 -29.83 19.97 -14.80
C ILE A 235 -29.04 19.53 -16.02
N PHE A 236 -27.79 19.97 -16.12
CA PHE A 236 -26.97 19.55 -17.26
C PHE A 236 -26.76 18.05 -17.26
N THR A 237 -26.47 17.45 -16.09
CA THR A 237 -26.27 16.01 -16.04
C THR A 237 -27.56 15.27 -16.38
N PHE A 238 -28.71 15.81 -16.00
CA PHE A 238 -29.97 15.21 -16.40
C PHE A 238 -30.15 15.24 -17.91
N ILE A 239 -29.79 16.35 -18.55
CA ILE A 239 -29.96 16.47 -20.00
C ILE A 239 -28.96 15.57 -20.73
N ALA A 240 -27.72 15.51 -20.25
CA ALA A 240 -26.62 14.90 -21.01
C ALA A 240 -26.65 13.38 -20.99
N GLY A 241 -27.51 12.74 -20.20
CA GLY A 241 -27.62 11.30 -20.28
C GLY A 241 -27.32 10.53 -19.02
N TRP A 242 -27.37 11.20 -17.87
CA TRP A 242 -27.25 10.52 -16.59
C TRP A 242 -28.59 10.06 -16.04
N GLY A 243 -29.69 10.39 -16.71
CA GLY A 243 -31.00 9.92 -16.31
C GLY A 243 -31.63 10.77 -15.23
N LYS A 244 -32.86 10.40 -14.88
CA LYS A 244 -33.62 11.12 -13.87
C LYS A 244 -33.31 10.64 -12.46
N GLN A 245 -32.35 9.74 -12.29
CA GLN A 245 -31.89 9.36 -10.95
C GLN A 245 -31.07 10.45 -10.30
N VAL A 246 -30.66 11.48 -11.06
CA VAL A 246 -29.95 12.60 -10.46
C VAL A 246 -30.86 13.41 -9.54
N PHE A 247 -32.18 13.35 -9.75
CA PHE A 247 -33.12 14.08 -8.92
C PHE A 247 -33.70 13.24 -7.80
N SER A 248 -33.90 11.94 -8.01
CA SER A 248 -34.54 11.07 -7.04
C SER A 248 -33.52 10.21 -6.28
N ASN A 249 -32.34 10.74 -6.00
CA ASN A 249 -31.32 10.03 -5.26
C ASN A 249 -31.22 10.61 -3.85
N GLY A 250 -31.09 9.72 -2.87
CA GLY A 250 -31.01 10.14 -1.49
C GLY A 250 -32.27 10.79 -0.95
N GLU A 251 -33.44 10.23 -1.28
CA GLU A 251 -34.73 10.73 -0.81
C GLU A 251 -34.98 12.15 -1.29
N ASN A 252 -34.74 12.38 -2.58
CA ASN A 252 -34.93 13.68 -3.22
C ASN A 252 -34.11 14.76 -2.51
N TRP A 253 -32.79 14.57 -2.56
CA TRP A 253 -31.87 15.48 -1.90
C TRP A 253 -31.63 16.75 -2.69
N TRP A 254 -32.11 16.85 -3.93
CA TRP A 254 -31.72 17.94 -4.81
C TRP A 254 -32.19 19.30 -4.31
N TRP A 255 -33.21 19.37 -3.45
CA TRP A 255 -33.76 20.66 -3.03
C TRP A 255 -33.15 21.18 -1.74
N VAL A 256 -32.44 20.36 -0.98
CA VAL A 256 -31.79 20.84 0.24
C VAL A 256 -30.71 21.88 -0.06
N PRO A 257 -29.79 21.66 -1.01
CA PRO A 257 -28.77 22.68 -1.29
C PRO A 257 -29.31 23.95 -1.94
N VAL A 258 -30.62 24.06 -2.18
CA VAL A 258 -31.18 25.25 -2.78
C VAL A 258 -31.88 26.08 -1.69
N VAL A 259 -32.43 25.40 -0.68
CA VAL A 259 -33.23 26.05 0.34
C VAL A 259 -32.43 26.32 1.61
N ALA A 260 -31.59 25.38 2.04
CA ALA A 260 -30.83 25.57 3.27
C ALA A 260 -29.88 26.77 3.21
N PRO A 261 -29.09 26.99 2.15
CA PRO A 261 -28.17 28.13 2.14
C PRO A 261 -28.82 29.48 2.33
N LEU A 262 -30.03 29.70 1.82
CA LEU A 262 -30.66 31.01 1.98
C LEU A 262 -30.89 31.33 3.45
N LEU A 263 -31.49 30.41 4.19
CA LEU A 263 -31.72 30.60 5.62
C LEU A 263 -30.40 30.74 6.37
N GLY A 264 -29.42 29.89 6.04
CA GLY A 264 -28.15 29.97 6.73
C GLY A 264 -27.47 31.32 6.55
N ALA A 265 -27.43 31.80 5.30
CA ALA A 265 -26.78 33.07 5.02
C ALA A 265 -27.49 34.22 5.69
N TYR A 266 -28.84 34.21 5.67
CA TYR A 266 -29.57 35.28 6.33
C TYR A 266 -29.27 35.32 7.82
N LEU A 267 -29.27 34.15 8.47
CA LEU A 267 -29.02 34.11 9.91
C LEU A 267 -27.60 34.55 10.24
N GLY A 268 -26.61 34.11 9.46
CA GLY A 268 -25.24 34.53 9.72
C GLY A 268 -25.05 36.02 9.56
N GLY A 269 -25.64 36.60 8.51
CA GLY A 269 -25.55 38.04 8.35
C GLY A 269 -26.21 38.80 9.48
N ILE A 270 -27.38 38.35 9.91
CA ILE A 270 -28.06 39.02 11.02
C ILE A 270 -27.22 38.94 12.28
N ILE A 271 -26.63 37.79 12.55
CA ILE A 271 -25.80 37.64 13.75
C ILE A 271 -24.64 38.62 13.71
N TYR A 272 -23.95 38.71 12.57
CA TYR A 272 -22.83 39.65 12.50
C TYR A 272 -23.30 41.08 12.68
N LEU A 273 -24.40 41.46 12.02
CA LEU A 273 -24.86 42.85 12.12
C LEU A 273 -25.25 43.21 13.54
N VAL A 274 -25.92 42.30 14.25
CA VAL A 274 -26.37 42.62 15.60
C VAL A 274 -25.20 42.66 16.57
N PHE A 275 -24.31 41.67 16.52
CA PHE A 275 -23.33 41.51 17.59
C PHE A 275 -22.01 42.23 17.32
N ILE A 276 -21.35 41.92 16.21
CA ILE A 276 -20.03 42.50 15.95
C ILE A 276 -20.17 43.88 15.32
N GLY A 277 -21.09 44.03 14.37
CA GLY A 277 -21.30 45.32 13.73
C GLY A 277 -21.89 46.35 14.66
N ILE B 25 23.95 46.87 33.36
CA ILE B 25 24.46 46.47 32.06
C ILE B 25 23.46 46.85 30.97
N GLN B 26 22.66 47.88 31.23
CA GLN B 26 21.73 48.36 30.22
C GLN B 26 22.41 49.18 29.14
N GLU B 27 23.62 49.68 29.40
CA GLU B 27 24.33 50.48 28.41
C GLU B 27 24.92 49.62 27.30
N ILE B 28 25.45 48.44 27.64
CA ILE B 28 26.09 47.60 26.63
C ILE B 28 25.06 47.10 25.63
N LEU B 29 23.85 46.82 26.08
CA LEU B 29 22.80 46.37 25.17
C LEU B 29 22.37 47.45 24.19
N GLN B 30 22.66 48.72 24.47
CA GLN B 30 22.26 49.80 23.59
C GLN B 30 23.21 50.03 22.43
N ARG B 31 24.41 49.45 22.46
CA ARG B 31 25.38 49.68 21.39
C ARG B 31 24.91 49.02 20.09
N LYS B 32 25.23 49.67 18.97
CA LYS B 32 24.72 49.22 17.68
C LYS B 32 25.23 47.84 17.31
N MET B 33 26.52 47.58 17.54
CA MET B 33 27.08 46.27 17.18
C MET B 33 26.43 45.15 17.96
N VAL B 34 26.22 45.36 19.27
CA VAL B 34 25.57 44.33 20.08
C VAL B 34 24.14 44.12 19.63
N ARG B 35 23.46 45.20 19.26
CA ARG B 35 22.09 45.08 18.75
C ARG B 35 22.04 44.22 17.49
N GLU B 36 22.95 44.48 16.56
CA GLU B 36 22.96 43.71 15.31
C GLU B 36 23.33 42.25 15.56
N PHE B 37 24.29 42.01 16.46
CA PHE B 37 24.65 40.65 16.83
C PHE B 37 23.45 39.89 17.39
N LEU B 38 22.71 40.52 18.31
CA LEU B 38 21.55 39.88 18.91
C LEU B 38 20.45 39.65 17.89
N ALA B 39 20.25 40.60 16.97
CA ALA B 39 19.22 40.42 15.95
C ALA B 39 19.52 39.23 15.05
N GLU B 40 20.77 39.12 14.60
CA GLU B 40 21.15 37.97 13.76
C GLU B 40 21.00 36.67 14.53
N PHE B 41 21.44 36.64 15.79
CA PHE B 41 21.32 35.44 16.61
C PHE B 41 19.85 35.00 16.73
N MET B 42 18.96 35.93 17.06
CA MET B 42 17.56 35.58 17.28
C MET B 42 16.88 35.12 15.99
N SER B 43 17.10 35.84 14.89
CA SER B 43 16.45 35.45 13.64
C SER B 43 16.93 34.08 13.16
N THR B 44 18.25 33.83 13.26
CA THR B 44 18.75 32.53 12.85
C THR B 44 18.22 31.43 13.77
N TYR B 45 18.10 31.70 15.07
CA TYR B 45 17.56 30.71 15.99
C TYR B 45 16.15 30.32 15.61
N VAL B 46 15.29 31.32 15.33
CA VAL B 46 13.91 31.04 14.98
C VAL B 46 13.84 30.20 13.69
N MET B 47 14.56 30.64 12.67
CA MET B 47 14.52 29.93 11.38
C MET B 47 14.98 28.49 11.54
N MET B 48 16.09 28.27 12.24
CA MET B 48 16.64 26.94 12.35
C MET B 48 15.75 26.03 13.20
N VAL B 49 15.12 26.57 14.25
CA VAL B 49 14.21 25.76 15.05
C VAL B 49 13.06 25.26 14.18
N PHE B 50 12.43 26.15 13.40
CA PHE B 50 11.33 25.69 12.55
C PHE B 50 11.81 24.66 11.53
N GLY B 51 12.95 24.91 10.88
CA GLY B 51 13.41 24.00 9.84
C GLY B 51 13.76 22.62 10.37
N LEU B 52 14.52 22.57 11.46
CA LEU B 52 14.91 21.28 12.01
C LEU B 52 13.71 20.54 12.61
N GLY B 53 12.74 21.26 13.16
CA GLY B 53 11.53 20.59 13.59
C GLY B 53 10.80 19.91 12.44
N SER B 54 10.68 20.60 11.31
CA SER B 54 10.03 19.99 10.16
C SER B 54 10.79 18.77 9.66
N VAL B 55 12.13 18.85 9.62
CA VAL B 55 12.93 17.72 9.15
C VAL B 55 12.77 16.53 10.08
N ALA B 56 12.81 16.76 11.39
CA ALA B 56 12.63 15.67 12.35
C ALA B 56 11.25 15.05 12.22
N HIS B 57 10.22 15.86 11.99
CA HIS B 57 8.89 15.32 11.71
C HIS B 57 8.92 14.40 10.50
N MET B 58 9.59 14.81 9.43
CA MET B 58 9.64 13.99 8.23
C MET B 58 10.35 12.67 8.48
N VAL B 59 11.45 12.70 9.25
CA VAL B 59 12.25 11.50 9.42
C VAL B 59 11.60 10.53 10.39
N LEU B 60 11.30 11.00 11.61
CA LEU B 60 10.90 10.08 12.68
C LEU B 60 9.51 9.50 12.46
N ASN B 61 8.54 10.33 12.12
CA ASN B 61 7.16 9.88 12.00
C ASN B 61 6.76 9.76 10.54
N LYS B 62 5.84 8.83 10.28
CA LYS B 62 5.45 8.46 8.93
C LYS B 62 4.21 9.20 8.45
N LYS B 63 3.14 9.18 9.25
CA LYS B 63 1.90 9.83 8.85
C LYS B 63 1.90 11.33 9.11
N TYR B 64 2.83 11.85 9.92
CA TYR B 64 2.89 13.26 10.23
C TYR B 64 4.01 13.98 9.49
N GLY B 65 4.64 13.35 8.53
CA GLY B 65 5.80 13.92 7.87
C GLY B 65 5.73 13.81 6.37
N SER B 66 6.17 14.86 5.70
CA SER B 66 6.23 14.88 4.24
C SER B 66 7.27 15.90 3.82
N TYR B 67 7.67 15.81 2.56
CA TYR B 67 8.68 16.72 2.02
C TYR B 67 8.13 18.14 1.93
N LEU B 68 6.87 18.28 1.54
CA LEU B 68 6.24 19.60 1.48
C LEU B 68 6.22 20.26 2.85
N GLY B 69 6.06 19.47 3.91
CA GLY B 69 6.16 20.02 5.26
C GLY B 69 7.53 20.60 5.55
N VAL B 70 8.58 19.92 5.09
CA VAL B 70 9.94 20.43 5.27
C VAL B 70 10.11 21.76 4.55
N ASN B 71 9.63 21.81 3.30
CA ASN B 71 9.75 23.04 2.51
C ASN B 71 9.02 24.19 3.18
N LEU B 72 7.78 23.95 3.62
CA LEU B 72 7.00 24.99 4.29
C LEU B 72 7.71 25.45 5.56
N GLY B 73 8.19 24.50 6.37
CA GLY B 73 8.85 24.89 7.61
C GLY B 73 10.03 25.79 7.38
N PHE B 74 10.93 25.42 6.46
CA PHE B 74 12.10 26.24 6.22
C PHE B 74 11.71 27.61 5.65
N GLY B 75 10.85 27.64 4.63
CA GLY B 75 10.52 28.91 3.99
C GLY B 75 9.86 29.89 4.94
N PHE B 76 8.85 29.43 5.67
CA PHE B 76 8.15 30.38 6.53
C PHE B 76 8.88 30.63 7.84
N GLY B 77 9.82 29.77 8.24
CA GLY B 77 10.76 30.16 9.27
C GLY B 77 11.64 31.31 8.81
N VAL B 78 12.06 31.29 7.55
CA VAL B 78 12.80 32.43 7.00
C VAL B 78 11.93 33.69 7.03
N THR B 79 10.64 33.56 6.71
CA THR B 79 9.74 34.70 6.79
C THR B 79 9.68 35.27 8.21
N MET B 80 9.52 34.40 9.21
CA MET B 80 9.44 34.87 10.59
C MET B 80 10.74 35.52 11.04
N GLY B 81 11.88 34.96 10.64
CA GLY B 81 13.14 35.60 10.97
C GLY B 81 13.28 36.97 10.34
N VAL B 82 12.84 37.12 9.09
CA VAL B 82 12.86 38.43 8.44
C VAL B 82 12.02 39.42 9.22
N HIS B 83 10.86 38.98 9.71
CA HIS B 83 10.03 39.88 10.51
C HIS B 83 10.71 40.25 11.82
N VAL B 84 11.43 39.31 12.42
CA VAL B 84 12.08 39.59 13.70
C VAL B 84 13.18 40.63 13.52
N ALA B 85 14.07 40.44 12.55
CA ALA B 85 15.29 41.23 12.50
C ALA B 85 15.54 41.80 11.11
N GLY B 86 14.48 42.21 10.41
CA GLY B 86 14.64 42.74 9.06
C GLY B 86 15.16 44.16 8.98
N ARG B 87 15.02 44.92 10.05
CA ARG B 87 15.40 46.33 10.05
C ARG B 87 16.71 46.60 10.79
N ILE B 88 16.97 45.87 11.87
CA ILE B 88 18.16 46.13 12.67
C ILE B 88 19.42 45.77 11.91
N SER B 89 19.43 44.63 11.22
CA SER B 89 20.64 44.12 10.60
C SER B 89 20.44 43.64 9.17
N GLY B 90 19.25 43.80 8.60
CA GLY B 90 18.99 43.38 7.25
C GLY B 90 18.50 41.95 7.10
N ALA B 91 18.52 41.16 8.17
CA ALA B 91 17.98 39.80 8.18
C ALA B 91 18.66 38.92 7.12
N HIS B 92 19.97 38.75 7.27
CA HIS B 92 20.70 37.88 6.36
C HIS B 92 20.47 36.41 6.70
N MET B 93 20.72 36.02 7.94
CA MET B 93 20.52 34.65 8.43
C MET B 93 21.30 33.63 7.62
N ASN B 94 22.31 34.07 6.86
CA ASN B 94 23.00 33.22 5.91
C ASN B 94 24.38 33.80 5.70
N ALA B 95 25.41 32.98 5.89
CA ALA B 95 26.78 33.48 5.75
C ALA B 95 27.15 33.74 4.30
N ALA B 96 26.61 32.96 3.36
CA ALA B 96 26.85 33.20 1.95
C ALA B 96 26.26 34.54 1.51
N VAL B 97 25.06 34.87 2.00
CA VAL B 97 24.43 36.15 1.70
C VAL B 97 25.25 37.30 2.27
N THR B 98 25.74 37.15 3.50
CA THR B 98 26.57 38.19 4.10
C THR B 98 27.86 38.38 3.32
N PHE B 99 28.50 37.29 2.92
CA PHE B 99 29.72 37.39 2.13
C PHE B 99 29.47 38.07 0.79
N ALA B 100 28.38 37.71 0.12
CA ALA B 100 28.07 38.33 -1.17
C ALA B 100 27.78 39.82 -1.02
N ASN B 101 27.04 40.20 0.04
CA ASN B 101 26.75 41.62 0.24
C ASN B 101 28.00 42.41 0.59
N CYS B 102 28.89 41.85 1.42
CA CYS B 102 30.12 42.57 1.75
C CYS B 102 31.03 42.69 0.54
N ALA B 103 31.15 41.62 -0.26
CA ALA B 103 32.06 41.65 -1.41
C ALA B 103 31.62 42.66 -2.45
N LEU B 104 30.31 42.77 -2.69
CA LEU B 104 29.80 43.70 -3.70
C LEU B 104 29.74 45.14 -3.19
N GLY B 105 30.04 45.38 -1.91
CA GLY B 105 30.14 46.72 -1.39
C GLY B 105 28.93 47.26 -0.68
N ARG B 106 27.93 46.42 -0.39
CA ARG B 106 26.72 46.91 0.26
C ARG B 106 26.84 46.92 1.78
N VAL B 107 27.72 46.09 2.34
CA VAL B 107 27.90 45.99 3.79
C VAL B 107 29.39 46.07 4.10
N PRO B 108 29.80 46.84 5.10
CA PRO B 108 31.24 46.94 5.41
C PRO B 108 31.82 45.61 5.84
N TRP B 109 33.11 45.41 5.53
CA TRP B 109 33.77 44.16 5.88
C TRP B 109 33.96 43.98 7.38
N ARG B 110 33.84 45.06 8.15
CA ARG B 110 34.03 44.96 9.59
C ARG B 110 32.87 44.31 10.31
N LYS B 111 31.74 44.07 9.61
CA LYS B 111 30.57 43.46 10.20
C LYS B 111 30.43 41.98 9.85
N PHE B 112 31.29 41.44 9.00
CA PHE B 112 31.23 40.02 8.68
C PHE B 112 31.46 39.12 9.88
N PRO B 113 32.51 39.31 10.70
CA PRO B 113 32.72 38.39 11.83
C PRO B 113 31.57 38.36 12.83
N VAL B 114 31.00 39.51 13.18
CA VAL B 114 29.95 39.52 14.20
C VAL B 114 28.69 38.87 13.68
N TYR B 115 28.32 39.15 12.42
CA TYR B 115 27.15 38.50 11.84
C TYR B 115 27.34 36.99 11.80
N VAL B 116 28.51 36.53 11.33
CA VAL B 116 28.73 35.09 11.22
C VAL B 116 28.72 34.44 12.59
N LEU B 117 29.32 35.08 13.59
CA LEU B 117 29.33 34.52 14.93
C LEU B 117 27.93 34.39 15.50
N GLY B 118 27.10 35.44 15.33
CA GLY B 118 25.73 35.35 15.80
C GLY B 118 24.96 34.24 15.11
N GLN B 119 25.11 34.11 13.79
CA GLN B 119 24.41 33.07 13.07
C GLN B 119 24.83 31.69 13.53
N PHE B 120 26.13 31.47 13.73
CA PHE B 120 26.61 30.17 14.16
C PHE B 120 26.10 29.82 15.55
N LEU B 121 26.12 30.78 16.48
CA LEU B 121 25.59 30.50 17.82
C LEU B 121 24.11 30.18 17.78
N GLY B 122 23.34 30.92 16.98
CA GLY B 122 21.92 30.64 16.86
C GLY B 122 21.65 29.25 16.31
N SER B 123 22.40 28.85 15.28
CA SER B 123 22.19 27.52 14.70
C SER B 123 22.55 26.42 15.69
N PHE B 124 23.65 26.59 16.44
CA PHE B 124 24.04 25.59 17.42
C PHE B 124 22.98 25.43 18.50
N LEU B 125 22.46 26.55 19.02
CA LEU B 125 21.44 26.46 20.06
C LEU B 125 20.12 25.91 19.53
N ALA B 126 19.77 26.20 18.28
CA ALA B 126 18.56 25.60 17.71
C ALA B 126 18.71 24.09 17.56
N ALA B 127 19.91 23.62 17.18
CA ALA B 127 20.14 22.19 17.13
C ALA B 127 19.99 21.57 18.51
N ALA B 128 20.53 22.22 19.55
CA ALA B 128 20.38 21.70 20.90
C ALA B 128 18.92 21.64 21.33
N THR B 129 18.15 22.68 20.99
CA THR B 129 16.73 22.71 21.33
C THR B 129 15.96 21.57 20.66
N ILE B 130 16.22 21.35 19.37
CA ILE B 130 15.53 20.27 18.66
C ILE B 130 15.94 18.92 19.22
N TYR B 131 17.22 18.77 19.61
CA TYR B 131 17.65 17.53 20.23
C TYR B 131 16.90 17.27 21.54
N SER B 132 16.72 18.31 22.36
CA SER B 132 16.03 18.13 23.62
C SER B 132 14.54 17.86 23.43
N LEU B 133 13.90 18.47 22.42
CA LEU B 133 12.45 18.34 22.29
C LEU B 133 12.02 17.00 21.71
N PHE B 134 12.82 16.38 20.85
CA PHE B 134 12.45 15.13 20.19
C PHE B 134 13.26 13.94 20.70
N TYR B 135 13.74 14.01 21.95
CA TYR B 135 14.70 13.02 22.43
C TYR B 135 14.10 11.62 22.49
N THR B 136 12.93 11.48 23.12
CA THR B 136 12.32 10.18 23.28
C THR B 136 11.93 9.58 21.93
N ALA B 137 11.47 10.40 21.00
CA ALA B 137 11.14 9.90 19.67
C ALA B 137 12.38 9.40 18.95
N ILE B 138 13.51 10.11 19.08
CA ILE B 138 14.74 9.67 18.45
C ILE B 138 15.18 8.33 19.02
N LEU B 139 15.14 8.19 20.36
CA LEU B 139 15.54 6.92 20.96
C LEU B 139 14.61 5.78 20.58
N HIS B 140 13.31 6.05 20.54
CA HIS B 140 12.35 5.01 20.15
C HIS B 140 12.55 4.59 18.71
N PHE B 141 12.78 5.54 17.81
CA PHE B 141 12.95 5.22 16.40
C PHE B 141 14.24 4.46 16.16
N SER B 142 15.36 4.93 16.71
CA SER B 142 16.65 4.33 16.43
C SER B 142 16.91 3.06 17.25
N GLY B 143 16.08 2.77 18.24
CA GLY B 143 16.32 1.65 19.12
C GLY B 143 17.32 1.92 20.22
N GLY B 144 17.77 3.16 20.38
CA GLY B 144 18.77 3.52 21.36
C GLY B 144 20.16 3.74 20.81
N GLN B 145 20.38 3.46 19.52
CA GLN B 145 21.69 3.56 18.90
C GLN B 145 21.71 4.75 17.95
N LEU B 146 22.69 5.63 18.15
CA LEU B 146 22.84 6.81 17.30
C LEU B 146 23.74 6.45 16.13
N MET B 147 23.15 6.31 14.94
CA MET B 147 23.86 5.81 13.76
C MET B 147 23.85 6.87 12.67
N VAL B 148 25.03 7.12 12.08
CA VAL B 148 25.13 8.07 10.98
C VAL B 148 24.52 7.49 9.71
N THR B 149 24.74 6.21 9.44
CA THR B 149 24.30 5.58 8.21
C THR B 149 23.55 4.29 8.52
N GLY B 150 22.56 3.99 7.69
CA GLY B 150 21.78 2.79 7.85
C GLY B 150 20.29 3.03 7.73
N PRO B 151 19.50 1.99 7.98
CA PRO B 151 18.04 2.14 7.89
C PRO B 151 17.41 2.90 9.05
N VAL B 152 18.14 3.12 10.14
CA VAL B 152 17.62 3.85 11.29
C VAL B 152 18.53 5.03 11.60
N ALA B 153 19.14 5.61 10.57
CA ALA B 153 20.03 6.73 10.76
C ALA B 153 19.25 7.98 11.14
N THR B 154 19.71 8.67 12.18
CA THR B 154 19.07 9.88 12.66
C THR B 154 19.98 11.10 12.63
N ALA B 155 21.20 10.97 12.11
CA ALA B 155 22.09 12.11 12.01
C ALA B 155 21.70 13.07 10.90
N GLY B 156 20.85 12.64 9.97
CA GLY B 156 20.41 13.48 8.88
C GLY B 156 19.35 14.49 9.23
N ILE B 157 18.88 14.48 10.47
CA ILE B 157 17.96 15.51 10.93
C ILE B 157 18.68 16.85 11.06
N PHE B 158 19.92 16.83 11.54
CA PHE B 158 20.64 18.05 11.88
C PHE B 158 21.50 18.58 10.74
N ALA B 159 22.14 17.71 9.98
CA ALA B 159 22.97 18.12 8.86
C ALA B 159 22.54 17.36 7.61
N THR B 160 23.20 17.67 6.50
CA THR B 160 22.88 17.05 5.21
C THR B 160 24.02 16.15 4.77
N TYR B 161 23.67 15.00 4.19
CA TYR B 161 24.64 14.01 3.78
C TYR B 161 24.42 13.67 2.31
N LEU B 162 25.49 13.21 1.67
CA LEU B 162 25.46 12.96 0.23
C LEU B 162 24.53 11.80 -0.07
N PRO B 163 23.65 11.91 -1.07
CA PRO B 163 22.70 10.82 -1.36
C PRO B 163 23.36 9.62 -2.00
N ASP B 164 22.53 8.67 -2.45
CA ASP B 164 23.02 7.38 -2.91
C ASP B 164 23.94 7.51 -4.11
N HIS B 165 23.40 8.00 -5.23
CA HIS B 165 24.12 7.98 -6.50
C HIS B 165 24.95 9.23 -6.75
N MET B 166 24.84 10.24 -5.90
CA MET B 166 25.59 11.48 -6.12
C MET B 166 27.06 11.31 -5.79
N THR B 167 27.89 12.15 -6.39
CA THR B 167 29.31 12.24 -6.10
C THR B 167 29.59 13.62 -5.49
N LEU B 168 30.86 13.85 -5.16
CA LEU B 168 31.22 15.10 -4.49
C LEU B 168 31.18 16.28 -5.46
N TRP B 169 31.71 16.10 -6.67
CA TRP B 169 31.81 17.21 -7.61
C TRP B 169 30.52 17.46 -8.38
N ARG B 170 29.50 16.63 -8.19
CA ARG B 170 28.15 16.99 -8.60
C ARG B 170 27.44 17.77 -7.51
N GLY B 171 27.66 17.39 -6.25
CA GLY B 171 27.09 18.14 -5.14
C GLY B 171 27.63 19.56 -5.06
N PHE B 172 28.92 19.73 -5.38
CA PHE B 172 29.50 21.08 -5.42
C PHE B 172 28.74 21.95 -6.42
N LEU B 173 28.52 21.43 -7.63
CA LEU B 173 27.81 22.18 -8.65
C LEU B 173 26.37 22.47 -8.23
N ASN B 174 25.70 21.48 -7.65
CA ASN B 174 24.32 21.69 -7.19
C ASN B 174 24.25 22.80 -6.16
N GLU B 175 25.14 22.77 -5.15
CA GLU B 175 25.11 23.78 -4.10
C GLU B 175 25.39 25.17 -4.68
N ALA B 176 26.39 25.28 -5.55
CA ALA B 176 26.73 26.59 -6.09
C ALA B 176 25.58 27.16 -6.91
N TRP B 177 24.97 26.33 -7.76
CA TRP B 177 23.90 26.83 -8.62
C TRP B 177 22.67 27.22 -7.79
N LEU B 178 22.32 26.41 -6.79
CA LEU B 178 21.16 26.73 -5.96
C LEU B 178 21.37 28.05 -5.21
N THR B 179 22.56 28.25 -4.64
CA THR B 179 22.81 29.51 -3.93
C THR B 179 22.83 30.70 -4.89
N GLY B 180 23.32 30.49 -6.12
CA GLY B 180 23.26 31.56 -7.10
C GLY B 180 21.84 31.98 -7.44
N MET B 181 20.96 31.01 -7.64
CA MET B 181 19.56 31.33 -7.88
C MET B 181 18.94 32.06 -6.70
N LEU B 182 19.22 31.58 -5.48
CA LEU B 182 18.70 32.24 -4.29
C LEU B 182 19.12 33.70 -4.23
N GLN B 183 20.41 33.96 -4.44
CA GLN B 183 20.90 35.34 -4.31
C GLN B 183 20.37 36.23 -5.42
N LEU B 184 20.26 35.72 -6.64
CA LEU B 184 19.72 36.54 -7.73
C LEU B 184 18.28 36.95 -7.43
N CYS B 185 17.45 36.00 -7.01
CA CYS B 185 16.06 36.35 -6.71
C CYS B 185 15.95 37.25 -5.50
N LEU B 186 16.83 37.06 -4.50
CA LEU B 186 16.82 37.94 -3.33
C LEU B 186 17.14 39.37 -3.73
N PHE B 187 18.13 39.57 -4.61
CA PHE B 187 18.41 40.91 -5.10
C PHE B 187 17.22 41.48 -5.86
N ALA B 188 16.56 40.65 -6.68
CA ALA B 188 15.46 41.14 -7.50
C ALA B 188 14.27 41.58 -6.66
N ILE B 189 13.99 40.87 -5.56
CA ILE B 189 12.80 41.15 -4.77
C ILE B 189 12.93 42.49 -4.05
N THR B 190 14.12 42.81 -3.55
CA THR B 190 14.33 43.96 -2.68
C THR B 190 15.07 45.09 -3.38
N ASP B 191 14.82 45.30 -4.67
CA ASP B 191 15.44 46.36 -5.44
C ASP B 191 14.42 47.48 -5.66
N GLN B 192 14.72 48.68 -5.17
CA GLN B 192 13.76 49.77 -5.20
C GLN B 192 13.64 50.38 -6.59
N GLU B 193 14.74 50.47 -7.33
CA GLU B 193 14.69 51.06 -8.67
C GLU B 193 13.92 50.17 -9.64
N ASN B 194 14.10 48.86 -9.55
CA ASN B 194 13.37 47.90 -10.36
C ASN B 194 11.98 47.71 -9.78
N ASN B 195 11.33 46.60 -10.11
CA ASN B 195 10.02 46.24 -9.58
C ASN B 195 10.16 45.46 -8.29
N PRO B 196 10.01 46.09 -7.11
CA PRO B 196 10.15 45.36 -5.86
C PRO B 196 8.83 44.86 -5.30
N ALA B 197 8.89 44.09 -4.21
CA ALA B 197 7.68 43.76 -3.47
C ALA B 197 7.27 44.95 -2.61
N LEU B 198 5.96 45.08 -2.40
CA LEU B 198 5.43 46.21 -1.66
C LEU B 198 6.01 46.22 -0.25
N PRO B 199 6.57 47.34 0.21
CA PRO B 199 7.20 47.35 1.54
C PRO B 199 6.22 46.94 2.62
N GLY B 200 6.69 46.09 3.54
CA GLY B 200 5.84 45.47 4.52
C GLY B 200 5.33 44.09 4.13
N THR B 201 5.48 43.70 2.88
CA THR B 201 5.04 42.38 2.41
C THR B 201 6.19 41.58 1.80
N GLU B 202 7.44 41.96 2.07
CA GLU B 202 8.58 41.29 1.47
C GLU B 202 8.88 39.95 2.11
N ALA B 203 8.55 39.79 3.40
CA ALA B 203 8.85 38.54 4.10
C ALA B 203 8.10 37.38 3.48
N LEU B 204 6.84 37.60 3.07
CA LEU B 204 6.07 36.55 2.41
C LEU B 204 6.75 36.09 1.14
N VAL B 205 7.22 37.04 0.33
CA VAL B 205 7.81 36.69 -0.96
C VAL B 205 9.14 35.96 -0.77
N ILE B 206 9.93 36.37 0.22
CA ILE B 206 11.18 35.68 0.49
C ILE B 206 10.91 34.26 0.99
N GLY B 207 9.90 34.10 1.86
CA GLY B 207 9.54 32.77 2.32
C GLY B 207 9.08 31.87 1.18
N ILE B 208 8.29 32.42 0.26
CA ILE B 208 7.83 31.63 -0.89
C ILE B 208 9.00 31.28 -1.80
N LEU B 209 9.97 32.19 -1.95
CA LEU B 209 11.16 31.88 -2.73
C LEU B 209 11.91 30.70 -2.15
N VAL B 210 12.09 30.68 -0.83
CA VAL B 210 12.80 29.57 -0.21
C VAL B 210 11.98 28.28 -0.32
N VAL B 211 10.65 28.39 -0.21
CA VAL B 211 9.79 27.21 -0.35
C VAL B 211 9.95 26.58 -1.72
N ILE B 212 9.96 27.40 -2.77
CA ILE B 212 10.05 26.81 -4.11
C ILE B 212 11.48 26.38 -4.43
N ILE B 213 12.49 26.99 -3.81
CA ILE B 213 13.84 26.45 -3.94
C ILE B 213 13.90 25.05 -3.37
N GLY B 214 13.25 24.84 -2.22
CA GLY B 214 13.20 23.49 -1.66
C GLY B 214 12.40 22.53 -2.52
N VAL B 215 11.25 22.96 -3.03
CA VAL B 215 10.38 22.09 -3.80
C VAL B 215 11.03 21.67 -5.11
N SER B 216 11.68 22.61 -5.80
CA SER B 216 12.10 22.36 -7.17
C SER B 216 13.45 21.65 -7.26
N LEU B 217 14.42 22.04 -6.44
CA LEU B 217 15.80 21.63 -6.65
C LEU B 217 16.42 21.04 -5.39
N GLY B 218 15.62 20.43 -4.52
CA GLY B 218 16.12 20.09 -3.20
C GLY B 218 16.56 18.67 -2.92
N MET B 219 16.30 17.73 -3.82
CA MET B 219 16.54 16.33 -3.49
C MET B 219 17.95 15.85 -3.81
N ASN B 220 18.71 16.60 -4.60
CA ASN B 220 20.04 16.14 -5.00
C ASN B 220 21.08 16.30 -3.89
N THR B 221 20.93 17.29 -3.02
CA THR B 221 21.91 17.51 -1.97
C THR B 221 21.29 17.87 -0.62
N GLY B 222 19.97 17.89 -0.49
CA GLY B 222 19.36 18.38 0.71
C GLY B 222 19.25 19.88 0.81
N TYR B 223 19.57 20.59 -0.28
CA TYR B 223 19.49 22.06 -0.39
C TYR B 223 19.89 22.76 0.90
N ALA B 224 21.04 22.37 1.43
CA ALA B 224 21.62 23.04 2.59
C ALA B 224 22.51 24.20 2.13
N ILE B 225 21.89 25.15 1.42
CA ILE B 225 22.68 26.22 0.84
C ILE B 225 22.85 27.31 1.88
N ASN B 226 23.68 27.04 2.87
CA ASN B 226 23.97 27.95 3.97
C ASN B 226 25.09 27.33 4.78
N PRO B 227 26.20 28.03 5.04
CA PRO B 227 27.16 27.51 6.01
C PRO B 227 26.60 27.38 7.41
N SER B 228 25.74 28.33 7.80
CA SER B 228 25.20 28.37 9.15
C SER B 228 24.18 27.27 9.37
N ARG B 229 23.43 26.89 8.33
CA ARG B 229 22.45 25.82 8.46
C ARG B 229 23.11 24.46 8.57
N ASP B 230 24.38 24.33 8.18
CA ASP B 230 25.00 23.02 8.03
C ASP B 230 26.11 22.74 9.03
N LEU B 231 27.02 23.68 9.29
CA LEU B 231 28.18 23.29 10.09
C LEU B 231 27.89 23.17 11.59
N PRO B 232 27.25 24.16 12.24
CA PRO B 232 27.05 24.07 13.70
C PRO B 232 26.21 22.87 14.11
N PRO B 233 25.13 22.52 13.41
CA PRO B 233 24.41 21.28 13.79
C PRO B 233 25.26 20.03 13.65
N ARG B 234 26.15 19.97 12.65
CA ARG B 234 27.04 18.83 12.52
C ARG B 234 28.01 18.75 13.68
N ILE B 235 28.55 19.89 14.11
CA ILE B 235 29.42 19.91 15.29
C ILE B 235 28.66 19.44 16.51
N PHE B 236 27.40 19.86 16.66
CA PHE B 236 26.61 19.41 17.80
C PHE B 236 26.40 17.90 17.77
N THR B 237 26.11 17.34 16.60
CA THR B 237 25.94 15.89 16.51
C THR B 237 27.23 15.16 16.86
N PHE B 238 28.38 15.71 16.44
CA PHE B 238 29.65 15.11 16.83
C PHE B 238 29.82 15.12 18.34
N ILE B 239 29.47 16.23 18.99
CA ILE B 239 29.66 16.34 20.44
C ILE B 239 28.68 15.43 21.19
N ALA B 240 27.46 15.32 20.70
CA ALA B 240 26.37 14.71 21.46
C ALA B 240 26.32 13.19 21.37
N GLY B 241 27.23 12.55 20.64
CA GLY B 241 27.30 11.11 20.68
C GLY B 241 27.16 10.38 19.37
N TRP B 242 27.10 11.12 18.25
CA TRP B 242 27.03 10.46 16.95
C TRP B 242 28.40 10.06 16.42
N GLY B 243 29.48 10.47 17.07
CA GLY B 243 30.81 10.02 16.69
C GLY B 243 31.44 10.88 15.61
N LYS B 244 32.61 10.41 15.17
CA LYS B 244 33.41 11.13 14.18
C LYS B 244 33.05 10.78 12.74
N GLN B 245 32.08 9.89 12.53
CA GLN B 245 31.66 9.55 11.18
C GLN B 245 30.87 10.67 10.51
N VAL B 246 30.46 11.69 11.26
CA VAL B 246 29.74 12.80 10.65
C VAL B 246 30.66 13.61 9.75
N PHE B 247 31.93 13.75 10.13
CA PHE B 247 32.86 14.54 9.34
C PHE B 247 33.46 13.76 8.18
N SER B 248 33.54 12.44 8.27
CA SER B 248 34.25 11.62 7.29
C SER B 248 33.31 10.80 6.42
N ASN B 249 32.02 11.12 6.39
CA ASN B 249 31.07 10.38 5.58
C ASN B 249 30.96 11.00 4.20
N GLY B 250 30.84 10.15 3.18
CA GLY B 250 30.72 10.64 1.82
C GLY B 250 31.96 11.33 1.29
N GLU B 251 33.14 10.78 1.56
CA GLU B 251 34.41 11.30 1.05
C GLU B 251 34.69 12.72 1.55
N ASN B 252 34.48 12.92 2.85
CA ASN B 252 34.68 14.22 3.50
C ASN B 252 33.79 15.29 2.86
N TRP B 253 32.49 15.06 2.96
CA TRP B 253 31.49 15.97 2.41
C TRP B 253 31.30 17.23 3.25
N TRP B 254 31.86 17.27 4.46
CA TRP B 254 31.52 18.33 5.41
C TRP B 254 31.90 19.72 4.93
N TRP B 255 32.82 19.85 3.97
CA TRP B 255 33.31 21.16 3.58
C TRP B 255 32.66 21.69 2.29
N VAL B 256 31.98 20.86 1.51
CA VAL B 256 31.35 21.34 0.29
C VAL B 256 30.25 22.36 0.58
N PRO B 257 29.28 22.09 1.49
CA PRO B 257 28.29 23.13 1.80
C PRO B 257 28.80 24.13 2.82
N VAL B 258 30.07 24.49 2.66
CA VAL B 258 30.64 25.67 3.31
C VAL B 258 31.40 26.55 2.33
N VAL B 259 31.89 25.99 1.23
CA VAL B 259 32.65 26.74 0.25
C VAL B 259 31.87 26.93 -1.05
N ALA B 260 30.99 26.00 -1.42
CA ALA B 260 30.20 26.19 -2.62
C ALA B 260 29.23 27.37 -2.54
N PRO B 261 28.47 27.56 -1.45
CA PRO B 261 27.52 28.68 -1.41
C PRO B 261 28.16 30.05 -1.57
N LEU B 262 29.38 30.26 -1.07
CA LEU B 262 30.01 31.58 -1.21
C LEU B 262 30.20 31.93 -2.68
N LEU B 263 30.79 31.02 -3.44
CA LEU B 263 30.99 31.23 -4.87
C LEU B 263 29.65 31.39 -5.59
N GLY B 264 28.67 30.55 -5.24
CA GLY B 264 27.38 30.64 -5.91
C GLY B 264 26.70 31.99 -5.69
N ALA B 265 26.68 32.45 -4.44
CA ALA B 265 26.03 33.72 -4.11
C ALA B 265 26.75 34.89 -4.77
N TYR B 266 28.09 34.87 -4.77
CA TYR B 266 28.82 35.93 -5.43
C TYR B 266 28.48 36.00 -6.91
N LEU B 267 28.48 34.85 -7.59
CA LEU B 267 28.22 34.84 -9.02
C LEU B 267 26.80 35.28 -9.33
N GLY B 268 25.82 34.82 -8.56
CA GLY B 268 24.45 35.24 -8.80
C GLY B 268 24.25 36.74 -8.61
N GLY B 269 24.82 37.29 -7.54
CA GLY B 269 24.73 38.72 -7.32
C GLY B 269 25.37 39.52 -8.44
N ILE B 270 26.55 39.12 -8.89
CA ILE B 270 27.23 39.88 -9.93
C ILE B 270 26.49 39.77 -11.26
N ILE B 271 25.89 38.61 -11.54
CA ILE B 271 25.11 38.47 -12.77
C ILE B 271 23.91 39.40 -12.75
N TYR B 272 23.19 39.44 -11.62
CA TYR B 272 22.06 40.35 -11.53
C TYR B 272 22.50 41.80 -11.68
N LEU B 273 23.58 42.18 -11.02
CA LEU B 273 24.03 43.58 -11.07
C LEU B 273 24.41 43.97 -12.50
N VAL B 274 25.12 43.11 -13.22
CA VAL B 274 25.58 43.47 -14.55
C VAL B 274 24.40 43.51 -15.54
N PHE B 275 23.52 42.50 -15.50
CA PHE B 275 22.54 42.38 -16.57
C PHE B 275 21.26 43.17 -16.30
N ILE B 276 20.59 42.91 -15.18
CA ILE B 276 19.29 43.52 -14.93
C ILE B 276 19.45 44.90 -14.30
N GLY B 277 20.29 45.02 -13.28
CA GLY B 277 20.52 46.29 -12.63
C GLY B 277 21.16 47.31 -13.54
N LYS C 24 34.98 50.22 -24.93
CA LYS C 24 34.14 49.54 -23.96
C LYS C 24 32.74 49.31 -24.52
N ILE C 25 32.11 48.22 -24.09
CA ILE C 25 30.81 47.83 -24.61
C ILE C 25 29.67 48.35 -23.73
N GLN C 26 29.94 49.32 -22.86
CA GLN C 26 28.88 49.89 -22.04
C GLN C 26 27.80 50.55 -22.89
N GLU C 27 28.16 51.05 -24.07
CA GLU C 27 27.17 51.62 -24.96
C GLU C 27 26.18 50.56 -25.43
N ILE C 28 26.66 49.35 -25.72
CA ILE C 28 25.78 48.28 -26.18
C ILE C 28 24.86 47.82 -25.05
N LEU C 29 25.38 47.73 -23.84
CA LEU C 29 24.59 47.20 -22.73
C LEU C 29 23.67 48.24 -22.10
N GLN C 30 23.71 49.50 -22.56
CA GLN C 30 22.87 50.55 -22.01
C GLN C 30 21.77 50.99 -22.98
N ARG C 31 21.50 50.18 -24.01
CA ARG C 31 20.44 50.47 -24.96
C ARG C 31 19.08 50.19 -24.33
N LYS C 32 18.02 50.19 -25.13
CA LYS C 32 16.69 49.81 -24.64
C LYS C 32 16.26 48.43 -25.12
N MET C 33 16.49 48.12 -26.40
CA MET C 33 16.12 46.81 -26.90
C MET C 33 17.00 45.72 -26.34
N VAL C 34 18.28 46.02 -26.11
CA VAL C 34 19.16 45.06 -25.46
C VAL C 34 18.71 44.80 -24.03
N ARG C 35 18.30 45.85 -23.32
CA ARG C 35 17.80 45.68 -21.96
C ARG C 35 16.54 44.82 -21.93
N GLU C 36 15.61 45.07 -22.87
CA GLU C 36 14.38 44.27 -22.90
C GLU C 36 14.67 42.81 -23.26
N PHE C 37 15.59 42.58 -24.19
CA PHE C 37 15.99 41.22 -24.54
C PHE C 37 16.55 40.50 -23.32
N LEU C 38 17.46 41.16 -22.60
CA LEU C 38 18.07 40.53 -21.42
C LEU C 38 17.04 40.27 -20.33
N ALA C 39 16.09 41.19 -20.15
CA ALA C 39 15.06 41.01 -19.13
C ALA C 39 14.18 39.81 -19.44
N GLU C 40 13.74 39.68 -20.69
CA GLU C 40 12.93 38.53 -21.07
C GLU C 40 13.70 37.24 -20.92
N PHE C 41 14.96 37.23 -21.36
CA PHE C 41 15.81 36.05 -21.22
C PHE C 41 15.91 35.62 -19.76
N MET C 42 16.24 36.55 -18.87
CA MET C 42 16.44 36.19 -17.46
C MET C 42 15.15 35.70 -16.82
N SER C 43 14.02 36.38 -17.07
CA SER C 43 12.78 35.95 -16.46
C SER C 43 12.36 34.56 -16.93
N THR C 44 12.49 34.29 -18.24
CA THR C 44 12.13 32.97 -18.74
C THR C 44 13.05 31.89 -18.18
N TYR C 45 14.35 32.19 -18.05
CA TYR C 45 15.27 31.23 -17.45
C TYR C 45 14.86 30.90 -16.02
N VAL C 46 14.57 31.93 -15.23
CA VAL C 46 14.21 31.71 -13.83
C VAL C 46 12.94 30.88 -13.72
N MET C 47 11.94 31.17 -14.54
CA MET C 47 10.70 30.40 -14.49
C MET C 47 10.93 28.94 -14.87
N MET C 48 11.65 28.70 -15.97
CA MET C 48 11.77 27.36 -16.50
C MET C 48 12.63 26.47 -15.60
N VAL C 49 13.64 27.03 -14.94
CA VAL C 49 14.44 26.22 -14.03
C VAL C 49 13.58 25.61 -12.94
N PHE C 50 12.77 26.46 -12.27
CA PHE C 50 11.91 25.97 -11.20
C PHE C 50 10.88 24.98 -11.73
N GLY C 51 10.23 25.28 -12.86
CA GLY C 51 9.21 24.38 -13.37
C GLY C 51 9.77 23.00 -13.70
N LEU C 52 10.88 22.96 -14.46
CA LEU C 52 11.43 21.68 -14.85
C LEU C 52 12.04 20.93 -13.67
N GLY C 53 12.59 21.65 -12.69
CA GLY C 53 13.07 20.98 -11.49
C GLY C 53 11.95 20.28 -10.74
N SER C 54 10.80 20.94 -10.62
CA SER C 54 9.65 20.30 -9.96
C SER C 54 9.18 19.08 -10.75
N VAL C 55 9.13 19.18 -12.08
CA VAL C 55 8.70 18.04 -12.89
C VAL C 55 9.67 16.86 -12.72
N ALA C 56 10.98 17.14 -12.71
CA ALA C 56 11.95 16.08 -12.52
C ALA C 56 11.83 15.44 -11.15
N HIS C 57 11.60 16.26 -10.11
CA HIS C 57 11.36 15.73 -8.77
C HIS C 57 10.18 14.76 -8.78
N MET C 58 9.10 15.13 -9.45
CA MET C 58 7.93 14.25 -9.50
C MET C 58 8.23 12.96 -10.23
N VAL C 59 8.86 13.04 -11.41
CA VAL C 59 9.01 11.87 -12.26
C VAL C 59 10.02 10.89 -11.65
N LEU C 60 11.16 11.38 -11.19
CA LEU C 60 12.23 10.48 -10.78
C LEU C 60 11.94 9.82 -9.44
N ASN C 61 11.82 10.62 -8.39
CA ASN C 61 11.67 10.07 -7.05
C ASN C 61 10.20 9.92 -6.66
N LYS C 62 9.96 9.12 -5.64
CA LYS C 62 8.61 8.83 -5.16
C LYS C 62 8.22 9.63 -3.93
N LYS C 63 9.05 9.59 -2.89
CA LYS C 63 8.74 10.29 -1.65
C LYS C 63 9.11 11.76 -1.70
N TYR C 64 9.80 12.21 -2.74
CA TYR C 64 10.23 13.60 -2.87
C TYR C 64 9.52 14.33 -4.00
N GLY C 65 8.39 13.80 -4.46
CA GLY C 65 7.70 14.41 -5.59
C GLY C 65 6.21 14.21 -5.49
N SER C 66 5.47 15.19 -6.02
CA SER C 66 4.02 15.12 -6.05
C SER C 66 3.52 16.07 -7.14
N TYR C 67 2.28 15.85 -7.56
CA TYR C 67 1.68 16.73 -8.55
C TYR C 67 1.48 18.13 -8.00
N LEU C 68 1.13 18.25 -6.72
CA LEU C 68 0.97 19.56 -6.10
C LEU C 68 2.30 20.30 -6.06
N GLY C 69 3.40 19.60 -5.86
CA GLY C 69 4.71 20.23 -5.93
C GLY C 69 5.02 20.76 -7.32
N VAL C 70 4.64 20.01 -8.35
CA VAL C 70 4.81 20.49 -9.72
C VAL C 70 4.02 21.77 -9.93
N ASN C 71 2.78 21.79 -9.46
CA ASN C 71 1.95 22.98 -9.61
C ASN C 71 2.55 24.17 -8.87
N LEU C 72 3.04 23.94 -7.64
CA LEU C 72 3.62 25.03 -6.87
C LEU C 72 4.85 25.60 -7.55
N GLY C 73 5.74 24.72 -8.03
CA GLY C 73 6.94 25.20 -8.69
C GLY C 73 6.64 25.99 -9.95
N PHE C 74 5.80 25.43 -10.83
CA PHE C 74 5.49 26.12 -12.08
C PHE C 74 4.66 27.38 -11.86
N GLY C 75 3.95 27.47 -10.75
CA GLY C 75 3.17 28.66 -10.49
C GLY C 75 3.96 29.77 -9.86
N PHE C 76 4.81 29.46 -8.88
CA PHE C 76 5.56 30.48 -8.17
C PHE C 76 6.95 30.72 -8.75
N GLY C 77 7.33 30.07 -9.85
CA GLY C 77 8.44 30.59 -10.63
C GLY C 77 8.06 31.83 -11.41
N VAL C 78 6.78 31.95 -11.77
CA VAL C 78 6.27 33.12 -12.47
C VAL C 78 6.35 34.36 -11.59
N THR C 79 6.16 34.20 -10.28
CA THR C 79 6.30 35.33 -9.36
C THR C 79 7.70 35.91 -9.41
N MET C 80 8.72 35.05 -9.34
CA MET C 80 10.09 35.53 -9.38
C MET C 80 10.42 36.12 -10.74
N GLY C 81 9.92 35.51 -11.82
CA GLY C 81 10.12 36.10 -13.13
C GLY C 81 9.53 37.48 -13.27
N VAL C 82 8.32 37.68 -12.74
CA VAL C 82 7.67 38.98 -12.78
C VAL C 82 8.45 39.99 -11.95
N HIS C 83 8.99 39.57 -10.80
CA HIS C 83 9.80 40.50 -10.02
C HIS C 83 11.07 40.89 -10.77
N VAL C 84 11.67 39.94 -11.48
CA VAL C 84 12.91 40.24 -12.21
C VAL C 84 12.65 41.21 -13.35
N ALA C 85 11.63 40.94 -14.17
CA ALA C 85 11.45 41.67 -15.43
C ALA C 85 10.10 42.34 -15.55
N GLY C 86 9.49 42.71 -14.42
CA GLY C 86 8.17 43.30 -14.47
C GLY C 86 8.13 44.68 -15.08
N ARG C 87 9.11 45.52 -14.74
CA ARG C 87 9.10 46.91 -15.15
C ARG C 87 9.87 47.18 -16.44
N ILE C 88 10.87 46.37 -16.75
CA ILE C 88 11.67 46.60 -17.94
C ILE C 88 10.87 46.27 -19.20
N SER C 89 10.21 45.12 -19.21
CA SER C 89 9.55 44.64 -20.41
C SER C 89 8.15 44.08 -20.18
N GLY C 90 7.66 44.06 -18.95
CA GLY C 90 6.35 43.51 -18.67
C GLY C 90 6.34 42.05 -18.26
N ALA C 91 7.47 41.35 -18.42
CA ALA C 91 7.64 39.97 -17.96
C ALA C 91 6.57 39.06 -18.53
N HIS C 92 6.54 38.98 -19.87
CA HIS C 92 5.58 38.12 -20.54
C HIS C 92 5.90 36.65 -20.32
N MET C 93 7.15 36.25 -20.53
CA MET C 93 7.62 34.88 -20.36
C MET C 93 6.78 33.88 -21.17
N ASN C 94 6.08 34.37 -22.18
CA ASN C 94 5.14 33.56 -22.94
C ASN C 94 5.03 34.13 -24.34
N ALA C 95 5.14 33.27 -25.35
CA ALA C 95 5.00 33.74 -26.72
C ALA C 95 3.54 34.01 -27.07
N ALA C 96 2.62 33.22 -26.53
CA ALA C 96 1.21 33.43 -26.78
C ALA C 96 0.73 34.76 -26.18
N VAL C 97 1.18 35.08 -24.97
CA VAL C 97 0.82 36.34 -24.33
C VAL C 97 1.37 37.51 -25.13
N THR C 98 2.62 37.39 -25.60
CA THR C 98 3.22 38.43 -26.42
C THR C 98 2.43 38.63 -27.72
N PHE C 99 2.05 37.54 -28.37
CA PHE C 99 1.27 37.65 -29.60
C PHE C 99 -0.08 38.32 -29.35
N ALA C 100 -0.76 37.94 -28.26
CA ALA C 100 -2.06 38.52 -27.96
C ALA C 100 -1.94 40.01 -27.65
N ASN C 101 -0.88 40.41 -26.94
CA ASN C 101 -0.70 41.83 -26.63
C ASN C 101 -0.35 42.63 -27.88
N CYS C 102 0.46 42.06 -28.77
CA CYS C 102 0.82 42.76 -30.00
C CYS C 102 -0.36 42.88 -30.94
N ALA C 103 -1.21 41.86 -31.00
CA ALA C 103 -2.33 41.87 -31.94
C ALA C 103 -3.44 42.81 -31.51
N LEU C 104 -3.64 42.97 -30.21
CA LEU C 104 -4.69 43.83 -29.68
C LEU C 104 -4.27 45.28 -29.55
N GLY C 105 -3.03 45.61 -29.91
CA GLY C 105 -2.61 47.00 -29.95
C GLY C 105 -1.97 47.54 -28.70
N ARG C 106 -1.44 46.68 -27.83
CA ARG C 106 -0.81 47.13 -26.60
C ARG C 106 0.71 47.13 -26.67
N VAL C 107 1.30 46.42 -27.63
CA VAL C 107 2.75 46.39 -27.82
C VAL C 107 3.02 46.56 -29.31
N PRO C 108 4.05 47.32 -29.70
CA PRO C 108 4.38 47.44 -31.12
C PRO C 108 4.79 46.11 -31.72
N TRP C 109 4.50 45.95 -33.01
CA TRP C 109 4.82 44.70 -33.71
C TRP C 109 6.31 44.48 -33.90
N ARG C 110 7.14 45.50 -33.70
CA ARG C 110 8.58 45.35 -33.87
C ARG C 110 9.26 44.79 -32.63
N LYS C 111 8.51 44.51 -31.57
CA LYS C 111 9.07 43.92 -30.36
C LYS C 111 8.76 42.43 -30.25
N PHE C 112 7.98 41.87 -31.18
CA PHE C 112 7.72 40.44 -31.17
C PHE C 112 8.98 39.60 -31.37
N PRO C 113 9.81 39.86 -32.39
CA PRO C 113 10.99 39.00 -32.58
C PRO C 113 11.96 39.01 -31.41
N VAL C 114 12.25 40.17 -30.83
CA VAL C 114 13.23 40.23 -29.75
C VAL C 114 12.74 39.48 -28.53
N TYR C 115 11.46 39.67 -28.17
CA TYR C 115 10.91 38.97 -27.02
C TYR C 115 10.92 37.47 -27.24
N VAL C 116 10.49 37.02 -28.41
CA VAL C 116 10.42 35.58 -28.66
C VAL C 116 11.82 34.96 -28.66
N LEU C 117 12.79 35.66 -29.26
CA LEU C 117 14.15 35.15 -29.28
C LEU C 117 14.72 35.03 -27.87
N GLY C 118 14.52 36.06 -27.05
CA GLY C 118 15.01 35.98 -25.68
C GLY C 118 14.36 34.85 -24.89
N GLN C 119 13.04 34.68 -25.04
CA GLN C 119 12.35 33.61 -24.33
C GLN C 119 12.84 32.24 -24.76
N PHE C 120 13.03 32.04 -26.07
CA PHE C 120 13.52 30.76 -26.56
C PHE C 120 14.91 30.45 -26.04
N LEU C 121 15.81 31.43 -26.06
CA LEU C 121 17.17 31.20 -25.55
C LEU C 121 17.14 30.86 -24.07
N GLY C 122 16.35 31.60 -23.28
CA GLY C 122 16.26 31.31 -21.86
C GLY C 122 15.73 29.92 -21.57
N SER C 123 14.69 29.51 -22.29
CA SER C 123 14.13 28.17 -22.08
C SER C 123 15.12 27.08 -22.45
N PHE C 124 15.86 27.27 -23.55
CA PHE C 124 16.87 26.29 -23.94
C PHE C 124 17.95 26.15 -22.87
N LEU C 125 18.44 27.28 -22.35
CA LEU C 125 19.49 27.20 -21.34
C LEU C 125 18.96 26.61 -20.03
N ALA C 126 17.71 26.88 -19.67
CA ALA C 126 17.14 26.27 -18.48
C ALA C 126 17.02 24.76 -18.62
N ALA C 127 16.63 24.28 -19.81
CA ALA C 127 16.62 22.84 -20.06
C ALA C 127 18.01 22.24 -19.90
N ALA C 128 19.03 22.91 -20.46
CA ALA C 128 20.39 22.40 -20.34
C ALA C 128 20.83 22.34 -18.87
N THR C 129 20.47 23.36 -18.09
CA THR C 129 20.83 23.38 -16.67
C THR C 129 20.17 22.24 -15.92
N ILE C 130 18.88 22.01 -16.15
CA ILE C 130 18.17 20.94 -15.45
C ILE C 130 18.76 19.59 -15.83
N TYR C 131 19.13 19.42 -17.11
CA TYR C 131 19.80 18.18 -17.50
C TYR C 131 21.14 18.01 -16.79
N SER C 132 21.90 19.10 -16.64
CA SER C 132 23.20 19.00 -15.99
C SER C 132 23.08 18.67 -14.50
N LEU C 133 22.08 19.23 -13.82
CA LEU C 133 22.00 19.04 -12.37
C LEU C 133 21.35 17.74 -11.96
N PHE C 134 20.66 17.04 -12.86
CA PHE C 134 19.95 15.80 -12.54
C PHE C 134 20.49 14.62 -13.32
N TYR C 135 21.75 14.68 -13.73
CA TYR C 135 22.28 13.68 -14.67
C TYR C 135 22.31 12.28 -14.04
N THR C 136 22.91 12.16 -12.86
CA THR C 136 23.06 10.84 -12.24
C THR C 136 21.72 10.28 -11.84
N ALA C 137 20.80 11.12 -11.37
CA ALA C 137 19.47 10.64 -11.01
C ALA C 137 18.73 10.12 -12.23
N ILE C 138 18.86 10.80 -13.36
CA ILE C 138 18.24 10.34 -14.60
C ILE C 138 18.80 8.98 -15.00
N LEU C 139 20.13 8.85 -14.95
CA LEU C 139 20.74 7.59 -15.35
C LEU C 139 20.37 6.45 -14.39
N HIS C 140 20.25 6.75 -13.10
CA HIS C 140 19.87 5.73 -12.14
C HIS C 140 18.42 5.30 -12.33
N PHE C 141 17.51 6.25 -12.55
CA PHE C 141 16.11 5.91 -12.75
C PHE C 141 15.91 5.11 -14.03
N SER C 142 16.45 5.60 -15.15
CA SER C 142 16.20 4.94 -16.42
C SER C 142 16.99 3.65 -16.56
N GLY C 143 18.18 3.59 -15.97
CA GLY C 143 19.02 2.42 -16.06
C GLY C 143 20.00 2.51 -17.20
N GLY C 144 20.55 3.68 -17.41
CA GLY C 144 21.49 3.92 -18.50
C GLY C 144 20.91 4.48 -19.79
N GLN C 145 19.79 3.91 -20.24
CA GLN C 145 19.21 4.30 -21.51
C GLN C 145 18.32 5.53 -21.36
N LEU C 146 17.90 6.09 -22.50
CA LEU C 146 17.07 7.30 -22.54
C LEU C 146 15.91 7.04 -23.49
N MET C 147 14.72 6.80 -22.93
CA MET C 147 13.56 6.36 -23.70
C MET C 147 12.47 7.43 -23.68
N VAL C 148 11.87 7.66 -24.85
CA VAL C 148 10.72 8.57 -24.94
C VAL C 148 9.49 7.95 -24.30
N THR C 149 9.23 6.67 -24.58
CA THR C 149 8.04 5.99 -24.09
C THR C 149 8.43 4.68 -23.42
N GLY C 150 7.57 4.22 -22.50
CA GLY C 150 7.82 3.03 -21.74
C GLY C 150 7.67 3.28 -20.26
N PRO C 151 7.94 2.26 -19.44
CA PRO C 151 7.81 2.44 -17.99
C PRO C 151 8.91 3.30 -17.37
N VAL C 152 10.05 3.46 -18.04
CA VAL C 152 11.17 4.23 -17.48
C VAL C 152 11.49 5.40 -18.39
N ALA C 153 10.47 5.96 -19.02
CA ALA C 153 10.67 7.09 -19.93
C ALA C 153 10.96 8.37 -19.15
N THR C 154 11.95 9.13 -19.62
CA THR C 154 12.32 10.39 -18.99
C THR C 154 12.24 11.58 -19.94
N ALA C 155 11.80 11.39 -21.18
CA ALA C 155 11.70 12.51 -22.10
C ALA C 155 10.59 13.47 -21.72
N GLY C 156 9.66 13.06 -20.86
CA GLY C 156 8.58 13.90 -20.43
C GLY C 156 8.93 14.91 -19.36
N ILE C 157 10.15 14.86 -18.85
CA ILE C 157 10.60 15.89 -17.91
C ILE C 157 10.70 17.24 -18.59
N PHE C 158 11.10 17.25 -19.87
CA PHE C 158 11.40 18.49 -20.57
C PHE C 158 10.23 19.00 -21.39
N ALA C 159 9.52 18.13 -22.11
CA ALA C 159 8.39 18.53 -22.93
C ALA C 159 7.17 17.70 -22.56
N THR C 160 6.04 18.03 -23.17
CA THR C 160 4.76 17.40 -22.85
C THR C 160 4.36 16.44 -23.96
N TYR C 161 3.95 15.24 -23.57
CA TYR C 161 3.52 14.20 -24.51
C TYR C 161 2.09 13.79 -24.19
N LEU C 162 1.36 13.41 -25.23
CA LEU C 162 -0.07 13.18 -25.12
C LEU C 162 -0.34 11.90 -24.32
N PRO C 163 -1.29 11.93 -23.37
CA PRO C 163 -1.61 10.73 -22.60
C PRO C 163 -2.22 9.61 -23.41
N ASP C 164 -2.56 8.51 -22.74
CA ASP C 164 -3.05 7.32 -23.45
C ASP C 164 -4.41 7.57 -24.09
N HIS C 165 -5.34 8.14 -23.33
CA HIS C 165 -6.71 8.25 -23.81
C HIS C 165 -6.89 9.36 -24.83
N MET C 166 -6.18 10.47 -24.68
CA MET C 166 -6.44 11.67 -25.46
C MET C 166 -6.11 11.47 -26.94
N THR C 167 -6.82 12.21 -27.78
CA THR C 167 -6.55 12.29 -29.21
C THR C 167 -5.92 13.64 -29.53
N LEU C 168 -5.64 13.87 -30.81
CA LEU C 168 -4.95 15.10 -31.20
C LEU C 168 -5.83 16.32 -31.05
N TRP C 169 -7.07 16.26 -31.55
CA TRP C 169 -7.92 17.45 -31.54
C TRP C 169 -8.51 17.73 -30.17
N ARG C 170 -8.72 16.72 -29.35
CA ARG C 170 -9.06 16.97 -27.95
C ARG C 170 -7.94 17.74 -27.26
N GLY C 171 -6.69 17.37 -27.54
CA GLY C 171 -5.57 18.13 -26.99
C GLY C 171 -5.50 19.54 -27.53
N PHE C 172 -5.81 19.72 -28.81
CA PHE C 172 -5.87 21.06 -29.39
C PHE C 172 -6.89 21.92 -28.65
N LEU C 173 -8.09 21.38 -28.43
CA LEU C 173 -9.13 22.11 -27.72
C LEU C 173 -8.70 22.43 -26.29
N ASN C 174 -8.06 21.48 -25.61
CA ASN C 174 -7.60 21.72 -24.25
C ASN C 174 -6.59 22.86 -24.20
N GLU C 175 -5.60 22.83 -25.09
CA GLU C 175 -4.59 23.88 -25.09
C GLU C 175 -5.21 25.24 -25.37
N ALA C 176 -6.10 25.32 -26.35
CA ALA C 176 -6.71 26.59 -26.70
C ALA C 176 -7.53 27.15 -25.54
N TRP C 177 -8.37 26.30 -24.92
CA TRP C 177 -9.22 26.80 -23.84
C TRP C 177 -8.41 27.21 -22.63
N LEU C 178 -7.37 26.44 -22.28
CA LEU C 178 -6.54 26.80 -21.13
C LEU C 178 -5.83 28.12 -21.34
N THR C 179 -5.28 28.34 -22.55
CA THR C 179 -4.62 29.60 -22.81
C THR C 179 -5.60 30.76 -22.82
N GLY C 180 -6.82 30.54 -23.31
CA GLY C 180 -7.82 31.58 -23.27
C GLY C 180 -8.18 32.00 -21.85
N MET C 181 -8.37 31.01 -20.97
CA MET C 181 -8.62 31.32 -19.57
C MET C 181 -7.46 32.09 -18.95
N LEU C 182 -6.23 31.65 -19.23
CA LEU C 182 -5.06 32.34 -18.69
C LEU C 182 -5.04 33.80 -19.14
N GLN C 183 -5.27 34.05 -20.43
CA GLN C 183 -5.19 35.43 -20.93
C GLN C 183 -6.30 36.29 -20.37
N LEU C 184 -7.52 35.75 -20.27
CA LEU C 184 -8.60 36.55 -19.69
C LEU C 184 -8.30 36.93 -18.25
N CYS C 185 -7.83 35.97 -17.44
CA CYS C 185 -7.53 36.29 -16.06
C CYS C 185 -6.35 37.25 -15.94
N LEU C 186 -5.35 37.13 -16.83
CA LEU C 186 -4.22 38.05 -16.80
C LEU C 186 -4.64 39.46 -17.12
N PHE C 187 -5.54 39.63 -18.11
CA PHE C 187 -6.07 40.95 -18.37
C PHE C 187 -6.85 41.48 -17.16
N ALA C 188 -7.64 40.61 -16.52
CA ALA C 188 -8.47 41.06 -15.40
C ALA C 188 -7.62 41.52 -14.22
N ILE C 189 -6.55 40.79 -13.91
CA ILE C 189 -5.76 41.08 -12.71
C ILE C 189 -5.11 42.46 -12.81
N THR C 190 -4.57 42.81 -13.97
CA THR C 190 -3.72 43.97 -14.14
C THR C 190 -4.39 45.10 -14.92
N ASP C 191 -5.70 45.29 -14.75
CA ASP C 191 -6.43 46.34 -15.43
C ASP C 191 -6.80 47.41 -14.40
N GLN C 192 -6.34 48.64 -14.64
CA GLN C 192 -6.46 49.70 -13.65
C GLN C 192 -7.88 50.24 -13.54
N GLU C 193 -8.63 50.27 -14.64
CA GLU C 193 -10.00 50.80 -14.58
C GLU C 193 -10.91 49.87 -13.79
N ASN C 194 -10.74 48.57 -13.95
CA ASN C 194 -11.54 47.57 -13.25
C ASN C 194 -11.00 47.42 -11.83
N ASN C 195 -11.29 46.29 -11.21
CA ASN C 195 -10.76 45.94 -9.89
C ASN C 195 -9.42 45.23 -10.03
N PRO C 196 -8.29 45.93 -9.90
CA PRO C 196 -6.99 45.27 -10.05
C PRO C 196 -6.38 44.80 -8.74
N ALA C 197 -5.27 44.09 -8.82
CA ALA C 197 -4.48 43.76 -7.63
C ALA C 197 -3.68 44.98 -7.19
N LEU C 198 -3.45 45.07 -5.89
CA LEU C 198 -2.71 46.21 -5.35
C LEU C 198 -1.30 46.22 -5.92
N PRO C 199 -0.83 47.36 -6.45
CA PRO C 199 0.51 47.39 -7.04
C PRO C 199 1.57 46.99 -6.02
N GLY C 200 2.51 46.16 -6.47
CA GLY C 200 3.47 45.53 -5.59
C GLY C 200 3.05 44.17 -5.07
N THR C 201 1.81 43.74 -5.34
CA THR C 201 1.34 42.42 -4.93
C THR C 201 0.78 41.61 -6.10
N GLU C 202 1.04 42.02 -7.34
CA GLU C 202 0.47 41.32 -8.48
C GLU C 202 1.14 39.99 -8.75
N ALA C 203 2.43 39.87 -8.41
CA ALA C 203 3.16 38.64 -8.70
C ALA C 203 2.59 37.45 -7.94
N LEU C 204 2.19 37.65 -6.69
CA LEU C 204 1.56 36.57 -5.93
C LEU C 204 0.26 36.12 -6.59
N VAL C 205 -0.55 37.06 -7.07
CA VAL C 205 -1.83 36.69 -7.66
C VAL C 205 -1.61 35.96 -8.99
N ILE C 206 -0.64 36.40 -9.78
CA ILE C 206 -0.37 35.71 -11.05
C ILE C 206 0.17 34.30 -10.78
N GLY C 207 1.04 34.17 -9.77
CA GLY C 207 1.51 32.85 -9.39
C GLY C 207 0.40 31.94 -8.95
N ILE C 208 -0.54 32.46 -8.16
CA ILE C 208 -1.68 31.66 -7.74
C ILE C 208 -2.56 31.27 -8.93
N LEU C 209 -2.72 32.18 -9.89
CA LEU C 209 -3.47 31.86 -11.11
C LEU C 209 -2.86 30.68 -11.82
N VAL C 210 -1.54 30.70 -12.03
CA VAL C 210 -0.89 29.59 -12.73
C VAL C 210 -0.96 28.31 -11.89
N VAL C 211 -0.86 28.44 -10.56
CA VAL C 211 -0.94 27.26 -9.70
C VAL C 211 -2.30 26.57 -9.87
N ILE C 212 -3.38 27.35 -9.84
CA ILE C 212 -4.69 26.72 -9.93
C ILE C 212 -5.00 26.26 -11.34
N ILE C 213 -4.43 26.91 -12.36
CA ILE C 213 -4.56 26.38 -13.71
C ILE C 213 -3.93 24.99 -13.79
N GLY C 214 -2.76 24.82 -13.17
CA GLY C 214 -2.19 23.49 -13.10
C GLY C 214 -3.02 22.51 -12.30
N VAL C 215 -3.55 22.97 -11.16
CA VAL C 215 -4.25 22.08 -10.25
C VAL C 215 -5.54 21.55 -10.86
N SER C 216 -6.31 22.40 -11.53
CA SER C 216 -7.66 22.02 -11.92
C SER C 216 -7.80 21.59 -13.38
N LEU C 217 -6.94 22.04 -14.29
CA LEU C 217 -7.08 21.70 -15.71
C LEU C 217 -5.82 21.09 -16.30
N GLY C 218 -4.94 20.51 -15.50
CA GLY C 218 -3.61 20.19 -15.96
C GLY C 218 -3.30 18.77 -16.37
N MET C 219 -4.22 17.83 -16.23
CA MET C 219 -3.87 16.43 -16.47
C MET C 219 -4.17 15.96 -17.89
N ASN C 220 -5.02 16.67 -18.63
CA ASN C 220 -5.43 16.17 -19.94
C ASN C 220 -4.29 16.22 -20.94
N THR C 221 -3.50 17.30 -20.92
CA THR C 221 -2.41 17.48 -21.88
C THR C 221 -1.06 17.76 -21.25
N GLY C 222 -1.00 18.23 -20.00
CA GLY C 222 0.23 18.69 -19.39
C GLY C 222 0.31 20.19 -19.27
N TYR C 223 -0.75 20.91 -19.63
CA TYR C 223 -0.84 22.37 -19.63
C TYR C 223 0.48 23.02 -20.02
N ALA C 224 0.97 22.64 -21.20
CA ALA C 224 2.04 23.38 -21.86
C ALA C 224 1.41 24.51 -22.68
N ILE C 225 0.91 25.50 -21.97
CA ILE C 225 0.14 26.59 -22.55
C ILE C 225 1.11 27.71 -22.92
N ASN C 226 2.38 27.37 -23.04
CA ASN C 226 3.45 28.31 -23.32
C ASN C 226 4.33 27.71 -24.40
N PRO C 227 4.36 28.26 -25.62
CA PRO C 227 5.25 27.70 -26.65
C PRO C 227 6.71 27.69 -26.25
N SER C 228 7.16 28.69 -25.49
CA SER C 228 8.54 28.72 -25.01
C SER C 228 8.81 27.63 -23.99
N ARG C 229 7.79 27.23 -23.24
CA ARG C 229 7.95 26.14 -22.28
C ARG C 229 8.00 24.78 -22.97
N ASP C 230 7.58 24.70 -24.23
CA ASP C 230 7.39 23.41 -24.89
C ASP C 230 8.42 23.13 -25.97
N LEU C 231 8.68 24.08 -26.88
CA LEU C 231 9.50 23.72 -28.03
C LEU C 231 11.00 23.64 -27.73
N PRO C 232 11.61 24.64 -27.10
CA PRO C 232 13.08 24.58 -26.88
C PRO C 232 13.52 23.38 -26.06
N PRO C 233 12.80 23.00 -24.99
CA PRO C 233 13.18 21.75 -24.32
C PRO C 233 13.08 20.52 -25.20
N ARG C 234 12.10 20.49 -26.11
CA ARG C 234 12.00 19.37 -27.04
C ARG C 234 13.19 19.32 -27.98
N ILE C 235 13.61 20.49 -28.48
CA ILE C 235 14.81 20.54 -29.33
C ILE C 235 16.03 20.08 -28.56
N PHE C 236 16.15 20.50 -27.30
CA PHE C 236 17.29 20.05 -26.49
C PHE C 236 17.27 18.54 -26.31
N THR C 237 16.11 17.96 -26.02
CA THR C 237 16.06 16.51 -25.85
C THR C 237 16.42 15.79 -27.14
N PHE C 238 15.99 16.32 -28.29
CA PHE C 238 16.38 15.72 -29.55
C PHE C 238 17.89 15.76 -29.76
N ILE C 239 18.52 16.88 -29.41
CA ILE C 239 19.96 17.02 -29.61
C ILE C 239 20.74 16.13 -28.63
N ALA C 240 20.30 16.05 -27.38
CA ALA C 240 21.08 15.50 -26.29
C ALA C 240 21.02 13.99 -26.19
N GLY C 241 20.42 13.29 -27.15
CA GLY C 241 20.46 11.84 -27.18
C GLY C 241 19.16 11.13 -26.93
N TRP C 242 18.03 11.82 -26.95
CA TRP C 242 16.74 11.14 -26.83
C TRP C 242 16.19 10.68 -28.17
N GLY C 243 16.85 11.04 -29.27
CA GLY C 243 16.41 10.60 -30.59
C GLY C 243 15.32 11.47 -31.17
N LYS C 244 14.98 11.16 -32.43
CA LYS C 244 13.99 11.93 -33.17
C LYS C 244 12.57 11.45 -32.93
N GLN C 245 12.36 10.51 -32.01
CA GLN C 245 11.01 10.13 -31.63
C GLN C 245 10.32 11.20 -30.79
N VAL C 246 11.05 12.23 -30.36
CA VAL C 246 10.41 13.33 -29.65
C VAL C 246 9.50 14.11 -30.59
N PHE C 247 9.84 14.19 -31.88
CA PHE C 247 9.04 14.92 -32.84
C PHE C 247 7.93 14.08 -33.48
N SER C 248 8.06 12.76 -33.49
CA SER C 248 7.12 11.89 -34.20
C SER C 248 6.35 10.97 -33.25
N ASN C 249 6.08 11.43 -32.04
CA ASN C 249 5.33 10.65 -31.08
C ASN C 249 3.93 11.21 -30.92
N GLY C 250 2.93 10.32 -30.88
CA GLY C 250 1.56 10.75 -30.76
C GLY C 250 1.02 11.49 -31.96
N GLU C 251 1.33 11.01 -33.17
CA GLU C 251 0.81 11.59 -34.42
C GLU C 251 1.29 13.03 -34.61
N ASN C 252 2.58 13.25 -34.39
CA ASN C 252 3.20 14.56 -34.53
C ASN C 252 2.52 15.58 -33.62
N TRP C 253 2.62 15.33 -32.31
CA TRP C 253 2.03 16.20 -31.31
C TRP C 253 2.80 17.51 -31.13
N TRP C 254 4.00 17.62 -31.69
CA TRP C 254 4.89 18.73 -31.32
C TRP C 254 4.34 20.09 -31.76
N TRP C 255 3.50 20.14 -32.78
CA TRP C 255 3.08 21.42 -33.33
C TRP C 255 1.84 22.00 -32.66
N VAL C 256 1.05 21.18 -31.94
CA VAL C 256 -0.13 21.71 -31.26
C VAL C 256 0.23 22.73 -30.19
N PRO C 257 1.19 22.48 -29.28
CA PRO C 257 1.55 23.50 -28.28
C PRO C 257 2.19 24.74 -28.87
N VAL C 258 2.33 24.84 -30.19
CA VAL C 258 2.84 26.05 -30.81
C VAL C 258 1.75 26.85 -31.52
N VAL C 259 0.66 26.20 -31.94
CA VAL C 259 -0.38 26.86 -32.72
C VAL C 259 -1.64 27.08 -31.89
N ALA C 260 -2.00 26.16 -31.01
CA ALA C 260 -3.20 26.34 -30.20
C ALA C 260 -3.13 27.53 -29.25
N PRO C 261 -2.06 27.71 -28.45
CA PRO C 261 -2.07 28.81 -27.48
C PRO C 261 -2.23 30.20 -28.09
N LEU C 262 -1.74 30.44 -29.31
CA LEU C 262 -1.91 31.74 -29.93
C LEU C 262 -3.39 32.07 -30.12
N LEU C 263 -4.13 31.13 -30.73
CA LEU C 263 -5.56 31.32 -30.93
C LEU C 263 -6.29 31.46 -29.60
N GLY C 264 -5.95 30.62 -28.63
CA GLY C 264 -6.60 30.69 -27.34
C GLY C 264 -6.40 32.04 -26.66
N ALA C 265 -5.16 32.53 -26.65
CA ALA C 265 -4.86 33.80 -26.00
C ALA C 265 -5.56 34.95 -26.69
N TYR C 266 -5.56 34.97 -28.03
CA TYR C 266 -6.24 36.04 -28.74
C TYR C 266 -7.73 36.04 -28.42
N LEU C 267 -8.37 34.87 -28.43
CA LEU C 267 -9.80 34.82 -28.14
C LEU C 267 -10.09 35.27 -26.72
N GLY C 268 -9.30 34.84 -25.74
CA GLY C 268 -9.53 35.27 -24.38
C GLY C 268 -9.40 36.77 -24.21
N GLY C 269 -8.36 37.35 -24.81
CA GLY C 269 -8.18 38.78 -24.72
C GLY C 269 -9.33 39.56 -25.36
N ILE C 270 -9.77 39.13 -26.54
CA ILE C 270 -10.85 39.86 -27.22
C ILE C 270 -12.14 39.74 -26.43
N ILE C 271 -12.40 38.56 -25.84
CA ILE C 271 -13.61 38.39 -25.03
C ILE C 271 -13.59 39.32 -23.83
N TYR C 272 -12.46 39.38 -23.13
CA TYR C 272 -12.39 40.26 -21.97
C TYR C 272 -12.56 41.72 -22.37
N LEU C 273 -11.92 42.14 -23.46
CA LEU C 273 -12.02 43.53 -23.87
C LEU C 273 -13.45 43.89 -24.28
N VAL C 274 -14.14 43.00 -24.99
CA VAL C 274 -15.47 43.32 -25.46
C VAL C 274 -16.47 43.33 -24.30
N PHE C 275 -16.41 42.33 -23.43
CA PHE C 275 -17.48 42.16 -22.44
C PHE C 275 -17.22 42.95 -21.15
N ILE C 276 -16.11 42.66 -20.47
CA ILE C 276 -15.87 43.25 -19.16
C ILE C 276 -15.26 44.63 -19.27
N GLY C 277 -14.28 44.80 -20.15
CA GLY C 277 -13.61 46.07 -20.30
C GLY C 277 -14.46 47.11 -21.02
N ILE D 22 -37.61 46.71 22.31
CA ILE D 22 -37.05 46.55 23.65
C ILE D 22 -35.72 47.29 23.72
N ALA D 23 -35.79 48.62 23.76
N ALA D 23 -35.79 48.62 23.76
CA ALA D 23 -34.58 49.44 23.84
CA ALA D 23 -34.58 49.44 23.84
C ALA D 23 -33.95 49.44 25.23
C ALA D 23 -33.95 49.44 25.23
N LYS D 24 -34.68 49.00 26.26
CA LYS D 24 -34.12 48.98 27.60
C LYS D 24 -32.94 48.02 27.69
N ILE D 25 -33.05 46.85 27.07
CA ILE D 25 -31.96 45.88 27.10
C ILE D 25 -30.92 46.13 26.01
N GLN D 26 -31.25 46.93 24.99
CA GLN D 26 -30.30 47.23 23.93
C GLN D 26 -29.26 48.25 24.34
N GLU D 27 -29.49 48.98 25.44
CA GLU D 27 -28.42 49.82 25.99
C GLU D 27 -27.28 48.96 26.52
N ILE D 28 -27.59 47.74 26.98
CA ILE D 28 -26.56 46.85 27.49
C ILE D 28 -25.55 46.51 26.41
N LEU D 29 -26.03 46.25 25.19
CA LEU D 29 -25.15 45.95 24.08
C LEU D 29 -24.41 47.16 23.55
N GLN D 30 -24.46 48.32 24.19
CA GLN D 30 -23.71 49.49 23.75
C GLN D 30 -22.52 49.82 24.64
N ARG D 31 -22.27 49.03 25.67
CA ARG D 31 -21.15 49.28 26.57
C ARG D 31 -19.88 48.64 26.03
N LYS D 32 -18.74 49.18 26.44
CA LYS D 32 -17.46 48.71 25.92
C LYS D 32 -17.15 47.28 26.37
N MET D 33 -17.41 46.97 27.65
CA MET D 33 -17.09 45.65 28.16
C MET D 33 -17.91 44.57 27.47
N VAL D 34 -19.20 44.82 27.25
CA VAL D 34 -20.03 43.83 26.56
C VAL D 34 -19.56 43.67 25.12
N ARG D 35 -19.15 44.76 24.48
CA ARG D 35 -18.63 44.68 23.12
C ARG D 35 -17.40 43.80 23.05
N GLU D 36 -16.45 44.01 23.97
CA GLU D 36 -15.23 43.21 23.98
C GLU D 36 -15.53 41.75 24.29
N PHE D 37 -16.44 41.48 25.22
CA PHE D 37 -16.83 40.11 25.54
C PHE D 37 -17.41 39.41 24.32
N LEU D 38 -18.31 40.09 23.60
CA LEU D 38 -18.91 39.48 22.41
C LEU D 38 -17.87 39.26 21.31
N ALA D 39 -16.94 40.21 21.14
CA ALA D 39 -15.89 40.05 20.14
C ALA D 39 -15.03 38.82 20.43
N GLU D 40 -14.60 38.68 21.69
CA GLU D 40 -13.78 37.52 22.05
C GLU D 40 -14.56 36.22 21.87
N PHE D 41 -15.82 36.21 22.30
CA PHE D 41 -16.68 35.03 22.14
C PHE D 41 -16.73 34.60 20.68
N MET D 42 -17.05 35.54 19.78
CA MET D 42 -17.26 35.20 18.37
C MET D 42 -15.96 34.76 17.71
N SER D 43 -14.85 35.46 17.97
CA SER D 43 -13.59 35.09 17.34
C SER D 43 -13.12 33.71 17.79
N THR D 44 -13.22 33.42 19.09
CA THR D 44 -12.85 32.10 19.57
C THR D 44 -13.75 31.02 18.99
N TYR D 45 -15.05 31.31 18.87
CA TYR D 45 -15.96 30.36 18.27
C TYR D 45 -15.53 30.00 16.85
N VAL D 46 -15.24 31.00 16.03
CA VAL D 46 -14.87 30.76 14.63
C VAL D 46 -13.59 29.93 14.56
N MET D 47 -12.57 30.34 15.32
CA MET D 47 -11.30 29.62 15.27
C MET D 47 -11.46 28.17 15.67
N MET D 48 -12.17 27.93 16.78
CA MET D 48 -12.29 26.55 17.28
C MET D 48 -13.13 25.70 16.34
N VAL D 49 -14.17 26.27 15.75
CA VAL D 49 -14.96 25.50 14.79
C VAL D 49 -14.08 25.02 13.64
N PHE D 50 -13.29 25.93 13.05
CA PHE D 50 -12.46 25.53 11.92
C PHE D 50 -11.41 24.48 12.34
N GLY D 51 -10.73 24.72 13.46
CA GLY D 51 -9.68 23.81 13.87
C GLY D 51 -10.19 22.42 14.20
N LEU D 52 -11.25 22.34 15.00
CA LEU D 52 -11.78 21.03 15.37
C LEU D 52 -12.40 20.33 14.17
N GLY D 53 -12.98 21.07 13.23
CA GLY D 53 -13.46 20.42 12.01
C GLY D 53 -12.34 19.76 11.25
N SER D 54 -11.20 20.44 11.12
CA SER D 54 -10.07 19.82 10.42
C SER D 54 -9.56 18.58 11.16
N VAL D 55 -9.47 18.65 12.48
CA VAL D 55 -8.99 17.49 13.24
C VAL D 55 -9.94 16.30 13.09
N ALA D 56 -11.25 16.57 13.15
CA ALA D 56 -12.23 15.49 12.96
C ALA D 56 -12.14 14.89 11.57
N HIS D 57 -11.98 15.74 10.55
CA HIS D 57 -11.75 15.24 9.20
C HIS D 57 -10.58 14.27 9.18
N MET D 58 -9.47 14.65 9.82
CA MET D 58 -8.30 13.78 9.81
C MET D 58 -8.56 12.46 10.51
N VAL D 59 -9.16 12.50 11.70
CA VAL D 59 -9.30 11.29 12.51
C VAL D 59 -10.31 10.33 11.89
N LEU D 60 -11.49 10.85 11.50
CA LEU D 60 -12.57 9.97 11.10
C LEU D 60 -12.37 9.38 9.71
N ASN D 61 -11.90 10.17 8.76
CA ASN D 61 -11.82 9.76 7.37
C ASN D 61 -10.36 9.69 6.92
N LYS D 62 -10.08 8.72 6.05
CA LYS D 62 -8.72 8.48 5.58
C LYS D 62 -8.37 9.29 4.34
N LYS D 63 -9.23 9.23 3.32
CA LYS D 63 -8.94 9.93 2.07
C LYS D 63 -9.21 11.43 2.17
N TYR D 64 -10.16 11.85 2.99
CA TYR D 64 -10.53 13.26 3.12
C TYR D 64 -9.85 13.93 4.30
N GLY D 65 -8.69 13.44 4.72
CA GLY D 65 -8.03 13.99 5.88
C GLY D 65 -6.54 13.80 5.82
N SER D 66 -5.81 14.79 6.32
CA SER D 66 -4.36 14.73 6.38
C SER D 66 -3.89 15.68 7.48
N TYR D 67 -2.62 15.54 7.84
CA TYR D 67 -2.05 16.40 8.87
C TYR D 67 -1.90 17.84 8.37
N LEU D 68 -1.56 18.01 7.10
CA LEU D 68 -1.44 19.36 6.54
C LEU D 68 -2.77 20.08 6.57
N GLY D 69 -3.87 19.36 6.35
CA GLY D 69 -5.17 19.97 6.47
C GLY D 69 -5.45 20.45 7.89
N VAL D 70 -5.02 19.68 8.89
CA VAL D 70 -5.18 20.09 10.27
C VAL D 70 -4.42 21.38 10.53
N ASN D 71 -3.17 21.44 10.05
CA ASN D 71 -2.37 22.65 10.22
C ASN D 71 -3.02 23.85 9.55
N LEU D 72 -3.49 23.67 8.31
CA LEU D 72 -4.11 24.78 7.58
C LEU D 72 -5.37 25.28 8.28
N GLY D 73 -6.21 24.36 8.75
CA GLY D 73 -7.43 24.77 9.41
C GLY D 73 -7.17 25.53 10.70
N PHE D 74 -6.34 24.95 11.57
CA PHE D 74 -6.03 25.63 12.82
C PHE D 74 -5.25 26.92 12.61
N GLY D 75 -4.56 27.06 11.48
CA GLY D 75 -3.83 28.27 11.21
C GLY D 75 -4.68 29.40 10.66
N PHE D 76 -5.53 29.13 9.68
CA PHE D 76 -6.32 30.19 9.08
C PHE D 76 -7.64 30.47 9.81
N GLY D 77 -8.06 29.60 10.73
CA GLY D 77 -9.09 30.02 11.67
C GLY D 77 -8.66 31.25 12.46
N VAL D 78 -7.38 31.34 12.79
CA VAL D 78 -6.86 32.51 13.49
C VAL D 78 -6.97 33.75 12.61
N THR D 79 -6.70 33.62 11.32
CA THR D 79 -6.86 34.75 10.41
C THR D 79 -8.31 35.23 10.39
N MET D 80 -9.25 34.29 10.27
CA MET D 80 -10.65 34.69 10.23
C MET D 80 -11.10 35.33 11.54
N GLY D 81 -10.64 34.80 12.67
CA GLY D 81 -10.98 35.41 13.94
C GLY D 81 -10.39 36.81 14.11
N VAL D 82 -9.16 37.00 13.65
CA VAL D 82 -8.52 38.31 13.71
C VAL D 82 -9.30 39.32 12.87
N HIS D 83 -9.77 38.91 11.70
CA HIS D 83 -10.61 39.79 10.91
C HIS D 83 -11.93 40.11 11.63
N VAL D 84 -12.51 39.10 12.29
CA VAL D 84 -13.79 39.31 12.95
C VAL D 84 -13.67 40.31 14.09
N ALA D 85 -12.70 40.11 14.98
CA ALA D 85 -12.66 40.83 16.25
C ALA D 85 -11.28 41.38 16.53
N GLY D 86 -10.67 42.04 15.56
CA GLY D 86 -9.32 42.54 15.73
C GLY D 86 -9.24 43.94 16.28
N ARG D 87 -10.13 44.82 15.83
CA ARG D 87 -10.12 46.20 16.31
C ARG D 87 -10.74 46.35 17.69
N ILE D 88 -11.76 45.55 18.00
CA ILE D 88 -12.52 45.75 19.22
C ILE D 88 -11.71 45.37 20.45
N SER D 89 -11.01 44.23 20.40
CA SER D 89 -10.30 43.73 21.57
C SER D 89 -8.90 43.22 21.28
N GLY D 90 -8.45 43.21 20.03
CA GLY D 90 -7.15 42.69 19.69
C GLY D 90 -7.13 41.23 19.27
N ALA D 91 -8.23 40.50 19.48
CA ALA D 91 -8.37 39.11 19.05
C ALA D 91 -7.26 38.24 19.64
N HIS D 92 -7.26 38.14 20.97
CA HIS D 92 -6.28 37.29 21.63
C HIS D 92 -6.57 35.82 21.39
N MET D 93 -7.82 35.41 21.58
CA MET D 93 -8.27 34.03 21.35
C MET D 93 -7.44 33.01 22.13
N ASN D 94 -6.73 33.45 23.16
CA ASN D 94 -5.77 32.61 23.86
C ASN D 94 -5.61 33.13 25.28
N ALA D 95 -5.74 32.25 26.26
CA ALA D 95 -5.61 32.66 27.66
C ALA D 95 -4.16 32.98 28.00
N ALA D 96 -3.21 32.23 27.42
CA ALA D 96 -1.81 32.52 27.67
C ALA D 96 -1.40 33.87 27.08
N VAL D 97 -1.91 34.19 25.89
CA VAL D 97 -1.60 35.48 25.27
C VAL D 97 -2.18 36.62 26.09
N THR D 98 -3.41 36.47 26.58
CA THR D 98 -4.00 37.50 27.43
C THR D 98 -3.21 37.66 28.72
N PHE D 99 -2.80 36.55 29.34
CA PHE D 99 -2.01 36.63 30.56
C PHE D 99 -0.67 37.33 30.30
N ALA D 100 -0.01 37.00 29.20
CA ALA D 100 1.27 37.62 28.89
C ALA D 100 1.13 39.11 28.61
N ASN D 101 0.08 39.50 27.88
CA ASN D 101 -0.14 40.92 27.61
C ASN D 101 -0.46 41.68 28.89
N CYS D 102 -1.28 41.10 29.77
CA CYS D 102 -1.64 41.79 31.00
C CYS D 102 -0.46 41.89 31.96
N ALA D 103 0.35 40.83 32.06
CA ALA D 103 1.46 40.82 33.00
C ALA D 103 2.56 41.79 32.60
N LEU D 104 2.77 41.99 31.30
CA LEU D 104 3.82 42.87 30.82
C LEU D 104 3.38 44.33 30.74
N GLY D 105 2.14 44.63 31.09
CA GLY D 105 1.68 46.00 31.16
C GLY D 105 0.94 46.53 29.95
N ARG D 106 0.55 45.68 29.02
CA ARG D 106 -0.10 46.15 27.81
C ARG D 106 -1.63 46.18 27.91
N VAL D 107 -2.22 45.35 28.77
CA VAL D 107 -3.67 45.29 28.93
C VAL D 107 -3.98 45.42 30.41
N PRO D 108 -4.98 46.20 30.82
CA PRO D 108 -5.32 46.30 32.24
C PRO D 108 -5.78 44.96 32.80
N TRP D 109 -5.47 44.73 34.07
CA TRP D 109 -5.86 43.48 34.72
C TRP D 109 -7.36 43.36 34.89
N ARG D 110 -8.10 44.46 34.83
CA ARG D 110 -9.54 44.41 35.00
C ARG D 110 -10.25 43.76 33.81
N LYS D 111 -9.55 43.60 32.69
CA LYS D 111 -10.13 43.05 31.47
C LYS D 111 -9.73 41.59 31.24
N PHE D 112 -9.09 40.96 32.21
CA PHE D 112 -8.67 39.56 32.09
C PHE D 112 -9.86 38.60 32.26
N PRO D 113 -10.65 38.70 33.34
CA PRO D 113 -11.74 37.74 33.50
C PRO D 113 -12.75 37.74 32.37
N VAL D 114 -13.10 38.91 31.82
CA VAL D 114 -14.09 38.97 30.77
C VAL D 114 -13.59 38.29 29.50
N TYR D 115 -12.32 38.56 29.13
CA TYR D 115 -11.75 37.91 27.97
C TYR D 115 -11.68 36.40 28.14
N VAL D 116 -11.23 35.94 29.31
CA VAL D 116 -11.08 34.50 29.53
C VAL D 116 -12.44 33.81 29.52
N LEU D 117 -13.44 34.43 30.15
CA LEU D 117 -14.78 33.85 30.16
C LEU D 117 -15.35 33.76 28.74
N GLY D 118 -15.18 34.83 27.96
CA GLY D 118 -15.67 34.80 26.59
C GLY D 118 -15.01 33.70 25.76
N GLN D 119 -13.69 33.57 25.89
CA GLN D 119 -12.98 32.54 25.14
C GLN D 119 -13.44 31.14 25.55
N PHE D 120 -13.62 30.91 26.86
CA PHE D 120 -14.07 29.61 27.32
C PHE D 120 -15.47 29.28 26.79
N LEU D 121 -16.40 30.25 26.84
CA LEU D 121 -17.74 29.99 26.33
C LEU D 121 -17.73 29.70 24.83
N GLY D 122 -16.95 30.47 24.07
CA GLY D 122 -16.86 30.23 22.64
C GLY D 122 -16.31 28.86 22.31
N SER D 123 -15.25 28.44 23.02
CA SER D 123 -14.67 27.13 22.77
C SER D 123 -15.64 26.01 23.13
N PHE D 124 -16.37 26.16 24.24
CA PHE D 124 -17.34 25.16 24.63
C PHE D 124 -18.42 25.00 23.57
N LEU D 125 -18.96 26.12 23.08
CA LEU D 125 -20.01 26.03 22.06
C LEU D 125 -19.48 25.51 20.74
N ALA D 126 -18.23 25.81 20.40
CA ALA D 126 -17.64 25.24 19.18
C ALA D 126 -17.50 23.73 19.28
N ALA D 127 -17.09 23.23 20.45
CA ALA D 127 -17.04 21.79 20.65
C ALA D 127 -18.43 21.16 20.50
N ALA D 128 -19.45 21.79 21.08
CA ALA D 128 -20.81 21.28 20.94
C ALA D 128 -21.24 21.25 19.48
N THR D 129 -20.94 22.31 18.74
CA THR D 129 -21.31 22.37 17.32
C THR D 129 -20.63 21.27 16.51
N ILE D 130 -19.34 21.06 16.73
CA ILE D 130 -18.63 20.03 15.98
C ILE D 130 -19.19 18.65 16.33
N TYR D 131 -19.54 18.44 17.60
CA TYR D 131 -20.16 17.17 17.99
C TYR D 131 -21.49 16.98 17.28
N SER D 132 -22.29 18.04 17.17
CA SER D 132 -23.59 17.91 16.52
C SER D 132 -23.45 17.64 15.02
N LEU D 133 -22.48 18.27 14.37
CA LEU D 133 -22.37 18.13 12.92
C LEU D 133 -21.87 16.74 12.52
N PHE D 134 -20.85 16.23 13.22
CA PHE D 134 -20.20 14.97 12.86
C PHE D 134 -20.70 13.80 13.69
N TYR D 135 -21.97 13.82 14.11
CA TYR D 135 -22.47 12.80 15.02
C TYR D 135 -22.50 11.42 14.37
N THR D 136 -23.12 11.32 13.19
CA THR D 136 -23.26 10.02 12.53
C THR D 136 -21.91 9.43 12.16
N ALA D 137 -20.99 10.27 11.69
CA ALA D 137 -19.66 9.79 11.34
C ALA D 137 -18.94 9.25 12.57
N ILE D 138 -19.08 9.94 13.71
CA ILE D 138 -18.46 9.48 14.94
C ILE D 138 -19.02 8.13 15.35
N LEU D 139 -20.34 7.98 15.30
CA LEU D 139 -20.94 6.71 15.70
C LEU D 139 -20.58 5.58 14.75
N HIS D 140 -20.47 5.87 13.45
CA HIS D 140 -20.11 4.84 12.50
C HIS D 140 -18.65 4.43 12.65
N PHE D 141 -17.76 5.39 12.88
CA PHE D 141 -16.35 5.06 13.08
C PHE D 141 -16.13 4.27 14.35
N SER D 142 -16.73 4.74 15.46
CA SER D 142 -16.49 4.11 16.75
C SER D 142 -17.12 2.72 16.83
N GLY D 143 -18.26 2.52 16.19
CA GLY D 143 -19.05 1.34 16.41
C GLY D 143 -20.14 1.50 17.44
N GLY D 144 -20.42 2.74 17.84
CA GLY D 144 -21.40 3.03 18.87
C GLY D 144 -20.83 3.31 20.24
N GLN D 145 -19.55 2.99 20.46
CA GLN D 145 -18.92 3.08 21.77
C GLN D 145 -17.95 4.26 21.79
N LEU D 146 -18.07 5.10 22.82
CA LEU D 146 -17.22 6.27 22.96
C LEU D 146 -16.06 5.92 23.88
N MET D 147 -14.86 5.85 23.33
CA MET D 147 -13.68 5.36 24.04
C MET D 147 -12.60 6.43 24.06
N VAL D 148 -12.02 6.67 25.24
CA VAL D 148 -10.90 7.60 25.36
C VAL D 148 -9.65 7.02 24.72
N THR D 149 -9.42 5.72 24.87
CA THR D 149 -8.22 5.06 24.38
C THR D 149 -8.59 3.80 23.63
N GLY D 150 -7.71 3.38 22.73
CA GLY D 150 -7.94 2.21 21.92
C GLY D 150 -7.68 2.47 20.45
N PRO D 151 -7.94 1.48 19.60
CA PRO D 151 -7.77 1.69 18.15
C PRO D 151 -8.88 2.50 17.51
N VAL D 152 -10.00 2.68 18.20
CA VAL D 152 -11.13 3.44 17.67
C VAL D 152 -11.45 4.60 18.62
N ALA D 153 -10.41 5.16 19.23
CA ALA D 153 -10.59 6.26 20.16
C ALA D 153 -11.01 7.53 19.42
N THR D 154 -12.04 8.20 19.92
CA THR D 154 -12.53 9.44 19.33
C THR D 154 -12.49 10.62 20.29
N ALA D 155 -12.06 10.42 21.53
CA ALA D 155 -11.99 11.53 22.48
C ALA D 155 -10.95 12.55 22.11
N GLY D 156 -9.98 12.19 21.26
CA GLY D 156 -8.91 13.07 20.87
C GLY D 156 -9.24 14.07 19.80
N ILE D 157 -10.46 14.02 19.26
CA ILE D 157 -10.90 15.05 18.32
C ILE D 157 -11.02 16.40 19.02
N PHE D 158 -11.56 16.40 20.23
CA PHE D 158 -11.86 17.65 20.93
C PHE D 158 -10.71 18.15 21.79
N ALA D 159 -10.01 17.26 22.51
CA ALA D 159 -8.89 17.64 23.36
C ALA D 159 -7.65 16.85 22.95
N THR D 160 -6.55 17.08 23.68
CA THR D 160 -5.26 16.49 23.37
C THR D 160 -4.86 15.48 24.44
N TYR D 161 -4.25 14.39 24.01
CA TYR D 161 -3.79 13.33 24.91
C TYR D 161 -2.34 13.00 24.60
N LEU D 162 -1.64 12.54 25.62
CA LEU D 162 -0.20 12.33 25.53
C LEU D 162 0.11 11.10 24.68
N PRO D 163 1.17 11.14 23.86
CA PRO D 163 1.52 9.96 23.05
C PRO D 163 2.05 8.79 23.87
N ASP D 164 2.46 7.72 23.19
CA ASP D 164 2.79 6.48 23.88
C ASP D 164 4.17 6.54 24.53
N HIS D 165 5.18 6.96 23.78
CA HIS D 165 6.55 7.01 24.30
C HIS D 165 6.84 8.25 25.11
N MET D 166 5.94 9.23 25.11
CA MET D 166 6.17 10.50 25.78
C MET D 166 5.86 10.42 27.26
N THR D 167 6.59 11.18 28.06
CA THR D 167 6.34 11.30 29.48
C THR D 167 5.64 12.63 29.77
N LEU D 168 5.48 12.95 31.06
CA LEU D 168 4.71 14.13 31.43
C LEU D 168 5.56 15.39 31.42
N TRP D 169 6.74 15.35 32.03
CA TRP D 169 7.57 16.54 32.10
C TRP D 169 8.13 16.93 30.73
N ARG D 170 8.37 15.94 29.87
CA ARG D 170 8.71 16.25 28.48
C ARG D 170 7.59 17.01 27.80
N GLY D 171 6.35 16.61 28.03
CA GLY D 171 5.22 17.34 27.48
C GLY D 171 5.12 18.75 28.04
N PHE D 172 5.39 18.91 29.33
CA PHE D 172 5.41 20.25 29.93
C PHE D 172 6.44 21.14 29.25
N LEU D 173 7.64 20.61 29.03
CA LEU D 173 8.69 21.36 28.35
C LEU D 173 8.27 21.72 26.92
N ASN D 174 7.65 20.77 26.21
CA ASN D 174 7.21 21.04 24.84
C ASN D 174 6.19 22.16 24.80
N GLU D 175 5.19 22.10 25.69
CA GLU D 175 4.16 23.14 25.71
C GLU D 175 4.77 24.50 26.01
N ALA D 176 5.65 24.57 27.00
CA ALA D 176 6.25 25.84 27.36
C ALA D 176 7.05 26.44 26.20
N TRP D 177 7.88 25.61 25.56
CA TRP D 177 8.72 26.14 24.48
C TRP D 177 7.88 26.59 23.29
N LEU D 178 6.87 25.80 22.91
CA LEU D 178 6.04 26.17 21.78
C LEU D 178 5.29 27.48 22.03
N THR D 179 4.74 27.64 23.23
CA THR D 179 4.04 28.89 23.52
C THR D 179 4.99 30.07 23.56
N GLY D 180 6.22 29.87 24.05
CA GLY D 180 7.20 30.94 24.03
C GLY D 180 7.54 31.40 22.63
N MET D 181 7.75 30.44 21.72
CA MET D 181 8.00 30.81 20.32
C MET D 181 6.81 31.56 19.72
N LEU D 182 5.59 31.07 20.00
CA LEU D 182 4.40 31.74 19.48
C LEU D 182 4.33 33.18 19.94
N GLN D 183 4.54 33.41 21.25
CA GLN D 183 4.42 34.77 21.78
C GLN D 183 5.52 35.68 21.22
N LEU D 184 6.74 35.16 21.11
CA LEU D 184 7.82 35.98 20.55
C LEU D 184 7.50 36.42 19.13
N CYS D 185 7.04 35.49 18.30
CA CYS D 185 6.73 35.87 16.93
C CYS D 185 5.52 36.79 16.86
N LEU D 186 4.53 36.60 17.73
CA LEU D 186 3.38 37.51 17.75
C LEU D 186 3.79 38.92 18.11
N PHE D 187 4.70 39.08 19.08
CA PHE D 187 5.22 40.40 19.38
C PHE D 187 5.97 40.98 18.18
N ALA D 188 6.76 40.14 17.50
CA ALA D 188 7.56 40.64 16.38
C ALA D 188 6.69 41.13 15.23
N ILE D 189 5.60 40.41 14.93
CA ILE D 189 4.81 40.70 13.74
C ILE D 189 4.12 42.06 13.85
N THR D 190 3.62 42.40 15.04
CA THR D 190 2.78 43.58 15.23
C THR D 190 3.47 44.67 16.04
N ASP D 191 4.77 44.89 15.80
CA ASP D 191 5.55 45.90 16.51
C ASP D 191 5.82 47.06 15.56
N GLN D 192 5.27 48.23 15.86
CA GLN D 192 5.34 49.35 14.94
C GLN D 192 6.74 49.95 14.86
N GLU D 193 7.42 50.06 16.00
CA GLU D 193 8.78 50.61 15.99
C GLU D 193 9.75 49.70 15.25
N ASN D 194 9.58 48.39 15.39
CA ASN D 194 10.40 47.41 14.71
C ASN D 194 9.90 47.26 13.27
N ASN D 195 10.20 46.14 12.64
CA ASN D 195 9.72 45.80 11.31
C ASN D 195 8.37 45.10 11.37
N PRO D 196 7.25 45.80 11.17
CA PRO D 196 5.95 45.17 11.29
C PRO D 196 5.39 44.71 9.94
N ALA D 197 4.34 43.89 10.03
CA ALA D 197 3.57 43.56 8.84
C ALA D 197 2.71 44.75 8.44
N LEU D 198 2.55 44.93 7.13
CA LEU D 198 1.82 46.09 6.62
C LEU D 198 0.40 46.07 7.16
N PRO D 199 -0.07 47.15 7.78
CA PRO D 199 -1.41 47.14 8.37
C PRO D 199 -2.48 46.78 7.34
N GLY D 200 -3.41 45.93 7.77
CA GLY D 200 -4.34 45.31 6.85
C GLY D 200 -3.87 43.98 6.30
N THR D 201 -2.64 43.57 6.58
CA THR D 201 -2.11 42.30 6.12
C THR D 201 -1.51 41.47 7.24
N GLU D 202 -1.80 41.80 8.50
CA GLU D 202 -1.23 41.07 9.63
C GLU D 202 -1.89 39.73 9.87
N ALA D 203 -3.18 39.61 9.52
CA ALA D 203 -3.90 38.37 9.78
C ALA D 203 -3.31 37.20 9.00
N LEU D 204 -2.92 37.44 7.75
CA LEU D 204 -2.29 36.38 6.96
C LEU D 204 -0.99 35.91 7.61
N VAL D 205 -0.18 36.85 8.10
CA VAL D 205 1.10 36.47 8.69
C VAL D 205 0.90 35.72 10.00
N ILE D 206 -0.10 36.11 10.79
CA ILE D 206 -0.39 35.36 12.02
C ILE D 206 -0.89 33.96 11.69
N GLY D 207 -1.74 33.83 10.67
CA GLY D 207 -2.18 32.52 10.24
C GLY D 207 -1.03 31.64 9.79
N ILE D 208 -0.08 32.21 9.04
CA ILE D 208 1.08 31.45 8.59
C ILE D 208 1.95 31.04 9.77
N LEU D 209 2.09 31.92 10.76
CA LEU D 209 2.84 31.57 11.96
C LEU D 209 2.23 30.34 12.64
N VAL D 210 0.90 30.34 12.81
CA VAL D 210 0.27 29.20 13.46
C VAL D 210 0.37 27.95 12.60
N VAL D 211 0.28 28.10 11.27
CA VAL D 211 0.40 26.96 10.38
C VAL D 211 1.74 26.29 10.56
N ILE D 212 2.83 27.06 10.54
CA ILE D 212 4.14 26.42 10.64
C ILE D 212 4.48 26.01 12.06
N ILE D 213 3.88 26.62 13.08
CA ILE D 213 4.01 26.06 14.42
C ILE D 213 3.43 24.65 14.45
N GLY D 214 2.27 24.46 13.83
CA GLY D 214 1.72 23.12 13.75
C GLY D 214 2.55 22.18 12.91
N VAL D 215 3.09 22.68 11.80
CA VAL D 215 3.82 21.83 10.86
C VAL D 215 5.14 21.35 11.47
N SER D 216 5.87 22.23 12.14
CA SER D 216 7.24 21.93 12.53
C SER D 216 7.35 21.21 13.87
N LEU D 217 6.52 21.55 14.85
CA LEU D 217 6.75 21.10 16.22
C LEU D 217 5.49 20.53 16.87
N GLY D 218 4.52 20.07 16.09
CA GLY D 218 3.23 19.76 16.67
C GLY D 218 2.84 18.31 16.82
N MET D 219 3.80 17.38 16.77
CA MET D 219 3.44 15.97 16.89
C MET D 219 3.72 15.39 18.27
N ASN D 220 4.57 16.02 19.08
CA ASN D 220 4.93 15.46 20.36
C ASN D 220 3.81 15.62 21.39
N THR D 221 2.97 16.64 21.26
CA THR D 221 1.93 16.89 22.24
C THR D 221 0.57 17.25 21.64
N GLY D 222 0.46 17.35 20.31
CA GLY D 222 -0.75 17.89 19.72
C GLY D 222 -0.81 19.40 19.68
N TYR D 223 0.27 20.06 20.08
CA TYR D 223 0.41 21.52 20.14
C TYR D 223 -0.89 22.21 20.56
N ALA D 224 -1.35 21.85 21.76
CA ALA D 224 -2.43 22.59 22.42
C ALA D 224 -1.80 23.74 23.22
N ILE D 225 -1.38 24.76 22.48
CA ILE D 225 -0.65 25.90 23.05
C ILE D 225 -1.65 26.93 23.54
N ASN D 226 -2.90 26.51 23.69
CA ASN D 226 -3.99 27.40 24.08
C ASN D 226 -4.80 26.71 25.17
N PRO D 227 -4.82 27.24 26.40
CA PRO D 227 -5.71 26.65 27.42
C PRO D 227 -7.18 26.66 27.03
N SER D 228 -7.62 27.70 26.31
CA SER D 228 -9.00 27.77 25.86
C SER D 228 -9.30 26.73 24.79
N ARG D 229 -8.29 26.33 24.01
CA ARG D 229 -8.48 25.27 23.03
C ARG D 229 -8.53 23.90 23.68
N ASP D 230 -8.00 23.76 24.87
CA ASP D 230 -7.83 22.44 25.49
C ASP D 230 -8.89 22.12 26.53
N LEU D 231 -9.17 23.03 27.47
CA LEU D 231 -9.99 22.62 28.61
C LEU D 231 -11.50 22.55 28.32
N PRO D 232 -12.11 23.54 27.69
CA PRO D 232 -13.58 23.49 27.47
C PRO D 232 -14.00 22.28 26.64
N PRO D 233 -13.30 21.92 25.56
CA PRO D 233 -13.68 20.68 24.87
C PRO D 233 -13.53 19.43 25.73
N ARG D 234 -12.55 19.40 26.63
CA ARG D 234 -12.42 18.27 27.55
C ARG D 234 -13.60 18.19 28.50
N ILE D 235 -14.05 19.33 29.00
CA ILE D 235 -15.24 19.35 29.86
C ILE D 235 -16.46 18.88 29.08
N PHE D 236 -16.58 19.31 27.82
CA PHE D 236 -17.70 18.85 27.01
C PHE D 236 -17.66 17.34 26.81
N THR D 237 -16.48 16.77 26.53
CA THR D 237 -16.40 15.33 26.33
C THR D 237 -16.71 14.58 27.61
N PHE D 238 -16.33 15.14 28.76
CA PHE D 238 -16.72 14.52 30.02
C PHE D 238 -18.23 14.52 30.20
N ILE D 239 -18.89 15.64 29.88
CA ILE D 239 -20.33 15.73 30.09
C ILE D 239 -21.09 14.87 29.09
N ALA D 240 -20.64 14.82 27.85
CA ALA D 240 -21.40 14.22 26.76
C ALA D 240 -21.23 12.72 26.63
N GLY D 241 -20.51 12.07 27.53
CA GLY D 241 -20.54 10.63 27.59
C GLY D 241 -19.25 9.88 27.29
N TRP D 242 -18.12 10.57 27.25
CA TRP D 242 -16.85 9.88 27.11
C TRP D 242 -16.28 9.40 28.44
N GLY D 243 -16.94 9.71 29.54
CA GLY D 243 -16.50 9.21 30.83
C GLY D 243 -15.53 10.14 31.53
N LYS D 244 -15.15 9.74 32.73
CA LYS D 244 -14.21 10.50 33.55
C LYS D 244 -12.76 10.18 33.25
N GLN D 245 -12.50 9.26 32.31
CA GLN D 245 -11.12 8.94 31.95
C GLN D 245 -10.45 10.06 31.18
N VAL D 246 -11.20 11.06 30.70
CA VAL D 246 -10.59 12.18 30.00
C VAL D 246 -9.65 12.94 30.93
N PHE D 247 -9.87 12.87 32.23
CA PHE D 247 -9.03 13.59 33.19
C PHE D 247 -7.90 12.73 33.73
N SER D 248 -8.13 11.43 33.93
CA SER D 248 -7.15 10.55 34.55
C SER D 248 -6.40 9.70 33.53
N ASN D 249 -6.38 10.10 32.27
CA ASN D 249 -5.62 9.38 31.26
C ASN D 249 -4.24 9.98 31.12
N GLY D 250 -3.23 9.10 31.06
CA GLY D 250 -1.85 9.56 30.97
C GLY D 250 -1.34 10.24 32.21
N GLU D 251 -1.69 9.73 33.39
CA GLU D 251 -1.17 10.23 34.67
C GLU D 251 -1.59 11.68 34.92
N ASN D 252 -2.89 11.94 34.76
CA ASN D 252 -3.46 13.26 35.01
C ASN D 252 -2.76 14.34 34.18
N TRP D 253 -2.88 14.20 32.86
CA TRP D 253 -2.27 15.12 31.90
C TRP D 253 -3.07 16.41 31.74
N TRP D 254 -4.31 16.47 32.24
CA TRP D 254 -5.22 17.54 31.87
C TRP D 254 -4.73 18.91 32.29
N TRP D 255 -3.91 18.99 33.34
CA TRP D 255 -3.52 20.28 33.88
C TRP D 255 -2.27 20.86 33.24
N VAL D 256 -1.50 20.07 32.49
CA VAL D 256 -0.31 20.60 31.82
C VAL D 256 -0.66 21.67 30.78
N PRO D 257 -1.62 21.45 29.88
CA PRO D 257 -1.94 22.50 28.89
C PRO D 257 -2.55 23.74 29.48
N VAL D 258 -2.81 23.79 30.79
CA VAL D 258 -3.35 24.99 31.41
C VAL D 258 -2.28 25.79 32.15
N VAL D 259 -1.18 25.16 32.56
CA VAL D 259 -0.14 25.82 33.32
C VAL D 259 1.10 26.10 32.48
N ALA D 260 1.50 25.15 31.62
CA ALA D 260 2.71 25.36 30.83
C ALA D 260 2.61 26.55 29.88
N PRO D 261 1.54 26.74 29.10
CA PRO D 261 1.53 27.87 28.16
C PRO D 261 1.66 29.23 28.81
N LEU D 262 1.14 29.44 30.02
CA LEU D 262 1.25 30.75 30.65
C LEU D 262 2.71 31.12 30.89
N LEU D 263 3.47 30.20 31.47
CA LEU D 263 4.89 30.43 31.70
C LEU D 263 5.64 30.61 30.38
N GLY D 264 5.34 29.76 29.39
CA GLY D 264 6.02 29.90 28.11
C GLY D 264 5.78 31.25 27.47
N ALA D 265 4.52 31.69 27.43
CA ALA D 265 4.20 32.96 26.80
C ALA D 265 4.83 34.12 27.53
N TYR D 266 4.81 34.12 28.86
CA TYR D 266 5.43 35.21 29.60
C TYR D 266 6.93 35.28 29.31
N LEU D 267 7.61 34.12 29.31
CA LEU D 267 9.05 34.15 29.06
C LEU D 267 9.35 34.63 27.64
N GLY D 268 8.58 34.19 26.65
CA GLY D 268 8.81 34.66 25.29
C GLY D 268 8.63 36.15 25.15
N GLY D 269 7.57 36.69 25.76
CA GLY D 269 7.38 38.13 25.72
C GLY D 269 8.50 38.90 26.39
N ILE D 270 8.95 38.42 27.55
CA ILE D 270 10.06 39.09 28.24
C ILE D 270 11.31 39.09 27.37
N ILE D 271 11.62 37.94 26.76
CA ILE D 271 12.83 37.85 25.95
C ILE D 271 12.77 38.80 24.77
N TYR D 272 11.62 38.86 24.08
CA TYR D 272 11.53 39.80 22.96
C TYR D 272 11.66 41.25 23.44
N LEU D 273 10.98 41.61 24.52
CA LEU D 273 11.01 43.01 24.95
C LEU D 273 12.40 43.43 25.42
N VAL D 274 13.19 42.50 25.95
CA VAL D 274 14.51 42.87 26.45
C VAL D 274 15.56 42.85 25.34
N PHE D 275 15.57 41.83 24.49
CA PHE D 275 16.70 41.69 23.56
C PHE D 275 16.50 42.43 22.25
N ILE D 276 15.30 42.36 21.66
CA ILE D 276 15.04 42.98 20.36
C ILE D 276 14.33 44.33 20.53
N GLY D 277 13.31 44.39 21.37
CA GLY D 277 12.58 45.62 21.58
C GLY D 277 13.37 46.68 22.31
N ILE E 25 -10.19 -46.67 35.80
CA ILE E 25 -11.25 -47.38 36.51
C ILE E 25 -11.45 -48.75 35.88
N GLN E 26 -10.94 -48.89 34.65
CA GLN E 26 -10.91 -50.17 33.94
C GLN E 26 -12.32 -50.71 33.67
N GLU E 27 -13.01 -51.15 34.72
CA GLU E 27 -14.34 -51.72 34.53
C GLU E 27 -15.33 -50.68 33.99
N ILE E 28 -15.09 -49.40 34.25
CA ILE E 28 -15.94 -48.34 33.75
C ILE E 28 -15.18 -47.55 32.69
N LEU E 29 -14.23 -48.22 32.02
CA LEU E 29 -13.43 -47.56 30.99
C LEU E 29 -13.28 -48.37 29.71
N GLN E 30 -13.39 -49.70 29.75
CA GLN E 30 -13.20 -50.52 28.57
C GLN E 30 -14.52 -50.91 27.91
N ARG E 31 -15.63 -50.32 28.33
CA ARG E 31 -16.91 -50.54 27.66
C ARG E 31 -16.90 -49.88 26.29
N LYS E 32 -17.64 -50.45 25.35
CA LYS E 32 -17.60 -49.98 23.98
C LYS E 32 -18.16 -48.56 23.85
N MET E 33 -19.28 -48.28 24.51
CA MET E 33 -19.90 -46.96 24.40
C MET E 33 -19.00 -45.87 24.97
N VAL E 34 -18.36 -46.15 26.10
CA VAL E 34 -17.44 -45.18 26.69
C VAL E 34 -16.26 -44.93 25.76
N ARG E 35 -15.74 -46.00 25.15
CA ARG E 35 -14.62 -45.84 24.23
C ARG E 35 -15.01 -45.00 23.02
N GLU E 36 -16.19 -45.22 22.46
CA GLU E 36 -16.63 -44.42 21.31
C GLU E 36 -16.85 -42.96 21.70
N PHE E 37 -17.44 -42.72 22.88
CA PHE E 37 -17.62 -41.37 23.37
C PHE E 37 -16.28 -40.66 23.50
N LEU E 38 -15.29 -41.33 24.10
CA LEU E 38 -13.98 -40.72 24.27
C LEU E 38 -13.31 -40.46 22.93
N ALA E 39 -13.45 -41.38 21.98
CA ALA E 39 -12.84 -41.17 20.67
C ALA E 39 -13.43 -39.95 19.97
N GLU E 40 -14.75 -39.80 20.00
CA GLU E 40 -15.38 -38.63 19.40
C GLU E 40 -14.95 -37.35 20.10
N PHE E 41 -14.90 -37.36 21.43
CA PHE E 41 -14.48 -36.18 22.18
C PHE E 41 -13.07 -35.76 21.78
N MET E 42 -12.13 -36.70 21.78
CA MET E 42 -10.75 -36.36 21.47
C MET E 42 -10.59 -35.86 20.04
N SER E 43 -11.24 -36.53 19.07
CA SER E 43 -11.10 -36.09 17.69
C SER E 43 -11.67 -34.69 17.49
N THR E 44 -12.85 -34.41 18.06
CA THR E 44 -13.44 -33.09 17.90
C THR E 44 -12.58 -32.02 18.55
N TYR E 45 -12.05 -32.30 19.74
CA TYR E 45 -11.17 -31.33 20.39
C TYR E 45 -9.96 -31.03 19.51
N VAL E 46 -9.34 -32.08 18.96
CA VAL E 46 -8.13 -31.90 18.17
C VAL E 46 -8.42 -31.05 16.94
N MET E 47 -9.51 -31.33 16.22
CA MET E 47 -9.78 -30.56 15.01
C MET E 47 -10.16 -29.12 15.32
N MET E 48 -10.95 -28.91 16.38
CA MET E 48 -11.43 -27.56 16.67
C MET E 48 -10.31 -26.66 17.18
N VAL E 49 -9.35 -27.20 17.93
CA VAL E 49 -8.24 -26.39 18.38
C VAL E 49 -7.50 -25.78 17.19
N PHE E 50 -7.15 -26.62 16.22
CA PHE E 50 -6.42 -26.14 15.05
C PHE E 50 -7.25 -25.14 14.24
N GLY E 51 -8.53 -25.45 14.00
CA GLY E 51 -9.35 -24.55 13.21
C GLY E 51 -9.51 -23.18 13.84
N LEU E 52 -9.88 -23.14 15.13
CA LEU E 52 -10.08 -21.87 15.80
C LEU E 52 -8.77 -21.11 15.98
N GLY E 53 -7.66 -21.82 16.17
CA GLY E 53 -6.39 -21.13 16.24
C GLY E 53 -6.03 -20.42 14.95
N SER E 54 -6.27 -21.08 13.80
CA SER E 54 -6.01 -20.43 12.53
C SER E 54 -6.92 -19.22 12.33
N VAL E 55 -8.21 -19.35 12.70
CA VAL E 55 -9.12 -18.22 12.56
C VAL E 55 -8.68 -17.05 13.45
N ALA E 56 -8.25 -17.34 14.67
CA ALA E 56 -7.78 -16.27 15.57
C ALA E 56 -6.52 -15.61 15.02
N HIS E 57 -5.61 -16.41 14.45
CA HIS E 57 -4.44 -15.82 13.81
C HIS E 57 -4.84 -14.86 12.70
N MET E 58 -5.82 -15.24 11.89
CA MET E 58 -6.25 -14.36 10.81
C MET E 58 -6.87 -13.08 11.35
N VAL E 59 -7.74 -13.18 12.35
CA VAL E 59 -8.47 -12.01 12.82
C VAL E 59 -7.55 -11.05 13.55
N LEU E 60 -6.76 -11.56 14.50
CA LEU E 60 -6.02 -10.68 15.39
C LEU E 60 -4.82 -10.05 14.70
N ASN E 61 -4.10 -10.82 13.89
CA ASN E 61 -2.85 -10.36 13.30
C ASN E 61 -2.98 -10.25 11.78
N LYS E 62 -2.16 -9.39 11.20
CA LYS E 62 -2.18 -9.13 9.76
C LYS E 62 -1.01 -9.78 9.03
N LYS E 63 0.20 -9.65 9.57
CA LYS E 63 1.38 -10.24 8.95
C LYS E 63 1.47 -11.75 9.16
N TYR E 64 0.85 -12.28 10.21
CA TYR E 64 0.93 -13.71 10.53
C TYR E 64 -0.36 -14.46 10.21
N GLY E 65 -1.26 -13.86 9.45
CA GLY E 65 -2.55 -14.48 9.18
C GLY E 65 -2.96 -14.33 7.74
N SER E 66 -3.71 -15.31 7.26
CA SER E 66 -4.26 -15.29 5.92
C SER E 66 -5.45 -16.24 5.87
N TYR E 67 -6.21 -16.15 4.78
CA TYR E 67 -7.36 -17.01 4.57
C TYR E 67 -6.92 -18.43 4.21
N LEU E 68 -5.86 -18.55 3.42
CA LEU E 68 -5.32 -19.86 3.10
C LEU E 68 -4.87 -20.60 4.35
N GLY E 69 -4.32 -19.87 5.31
CA GLY E 69 -3.98 -20.47 6.59
C GLY E 69 -5.18 -21.04 7.31
N VAL E 70 -6.32 -20.33 7.26
CA VAL E 70 -7.55 -20.82 7.89
C VAL E 70 -7.96 -22.13 7.23
N ASN E 71 -7.96 -22.17 5.90
CA ASN E 71 -8.36 -23.38 5.19
C ASN E 71 -7.46 -24.55 5.54
N LEU E 72 -6.14 -24.32 5.51
CA LEU E 72 -5.20 -25.39 5.83
C LEU E 72 -5.38 -25.89 7.24
N GLY E 73 -5.56 -24.97 8.19
CA GLY E 73 -5.72 -25.37 9.58
C GLY E 73 -6.92 -26.27 9.77
N PHE E 74 -8.08 -25.87 9.23
CA PHE E 74 -9.27 -26.68 9.40
C PHE E 74 -9.13 -28.04 8.72
N GLY E 75 -8.62 -28.06 7.48
CA GLY E 75 -8.54 -29.32 6.76
C GLY E 75 -7.61 -30.33 7.42
N PHE E 76 -6.41 -29.88 7.79
CA PHE E 76 -5.49 -30.85 8.36
C PHE E 76 -5.75 -31.12 9.84
N GLY E 77 -6.51 -30.26 10.52
CA GLY E 77 -7.04 -30.66 11.80
C GLY E 77 -8.03 -31.81 11.66
N VAL E 78 -8.86 -31.77 10.61
CA VAL E 78 -9.72 -32.91 10.31
C VAL E 78 -8.89 -34.15 10.07
N THR E 79 -7.79 -34.01 9.32
CA THR E 79 -6.90 -35.15 9.06
C THR E 79 -6.39 -35.76 10.37
N MET E 80 -5.87 -34.92 11.26
CA MET E 80 -5.32 -35.43 12.52
C MET E 80 -6.39 -36.08 13.38
N GLY E 81 -7.60 -35.51 13.40
CA GLY E 81 -8.69 -36.14 14.13
C GLY E 81 -9.06 -37.51 13.58
N VAL E 82 -9.10 -37.63 12.25
CA VAL E 82 -9.38 -38.93 11.64
C VAL E 82 -8.31 -39.94 12.02
N HIS E 83 -7.06 -39.51 12.09
CA HIS E 83 -6.01 -40.43 12.56
C HIS E 83 -6.23 -40.84 14.00
N VAL E 84 -6.65 -39.89 14.85
CA VAL E 84 -6.82 -40.18 16.26
C VAL E 84 -7.94 -41.20 16.49
N ALA E 85 -9.09 -41.00 15.85
CA ALA E 85 -10.27 -41.80 16.19
C ALA E 85 -11.00 -42.28 14.95
N GLY E 86 -10.26 -42.78 13.96
CA GLY E 86 -10.88 -43.19 12.71
C GLY E 86 -11.37 -44.62 12.70
N ARG E 87 -10.86 -45.45 13.59
CA ARG E 87 -11.24 -46.85 13.64
C ARG E 87 -12.17 -47.17 14.81
N ILE E 88 -12.10 -46.42 15.90
CA ILE E 88 -12.96 -46.68 17.05
C ILE E 88 -14.40 -46.33 16.74
N SER E 89 -14.63 -45.17 16.12
CA SER E 89 -15.99 -44.68 15.92
C SER E 89 -16.28 -44.15 14.52
N GLY E 90 -15.32 -44.18 13.61
CA GLY E 90 -15.51 -43.63 12.29
C GLY E 90 -15.10 -42.19 12.12
N ALA E 91 -14.80 -41.49 13.22
CA ALA E 91 -14.30 -40.11 13.19
C ALA E 91 -15.24 -39.19 12.41
N HIS E 92 -16.50 -39.16 12.85
CA HIS E 92 -17.47 -38.29 12.21
C HIS E 92 -17.14 -36.82 12.45
N MET E 93 -16.93 -36.45 13.73
CA MET E 93 -16.57 -35.08 14.11
C MET E 93 -17.59 -34.06 13.59
N ASN E 94 -18.83 -34.49 13.38
CA ASN E 94 -19.81 -33.66 12.70
C ASN E 94 -21.19 -34.21 13.01
N ALA E 95 -22.09 -33.36 13.50
CA ALA E 95 -23.43 -33.81 13.84
C ALA E 95 -24.24 -34.10 12.57
N ALA E 96 -24.05 -33.31 11.53
CA ALA E 96 -24.76 -33.53 10.28
C ALA E 96 -24.34 -34.84 9.63
N VAL E 97 -23.05 -35.18 9.67
CA VAL E 97 -22.58 -36.43 9.11
C VAL E 97 -23.15 -37.61 9.89
N THR E 98 -23.18 -37.52 11.22
CA THR E 98 -23.77 -38.58 12.02
C THR E 98 -25.25 -38.76 11.70
N PHE E 99 -25.97 -37.64 11.56
CA PHE E 99 -27.39 -37.71 11.21
C PHE E 99 -27.59 -38.36 9.85
N ALA E 100 -26.77 -37.98 8.87
CA ALA E 100 -26.89 -38.56 7.53
C ALA E 100 -26.60 -40.05 7.54
N ASN E 101 -25.58 -40.47 8.29
CA ASN E 101 -25.27 -41.89 8.36
C ASN E 101 -26.38 -42.68 9.05
N CYS E 102 -26.92 -42.13 10.16
CA CYS E 102 -27.98 -42.84 10.87
C CYS E 102 -29.25 -42.94 10.04
N ALA E 103 -29.61 -41.86 9.33
CA ALA E 103 -30.84 -41.84 8.55
C ALA E 103 -30.77 -42.77 7.35
N LEU E 104 -29.56 -43.17 6.91
CA LEU E 104 -29.39 -44.04 5.78
C LEU E 104 -29.14 -45.49 6.17
N GLY E 105 -29.21 -45.82 7.46
CA GLY E 105 -29.09 -47.17 7.93
C GLY E 105 -27.69 -47.66 8.20
N ARG E 106 -26.67 -46.82 7.99
CA ARG E 106 -25.29 -47.27 8.20
C ARG E 106 -24.91 -47.32 9.67
N VAL E 107 -25.45 -46.43 10.50
CA VAL E 107 -25.12 -46.39 11.92
C VAL E 107 -26.41 -46.50 12.72
N PRO E 108 -26.45 -47.29 13.79
CA PRO E 108 -27.68 -47.42 14.58
C PRO E 108 -28.08 -46.10 15.22
N TRP E 109 -29.40 -45.92 15.39
CA TRP E 109 -29.93 -44.69 15.98
C TRP E 109 -29.61 -44.55 17.46
N ARG E 110 -29.18 -45.63 18.13
CA ARG E 110 -28.85 -45.55 19.54
C ARG E 110 -27.46 -44.99 19.81
N LYS E 111 -26.65 -44.79 18.77
CA LYS E 111 -25.33 -44.19 18.91
C LYS E 111 -25.30 -42.74 18.48
N PHE E 112 -26.45 -42.13 18.26
CA PHE E 112 -26.54 -40.73 17.87
C PHE E 112 -26.32 -39.81 19.07
N PRO E 113 -27.06 -39.98 20.18
CA PRO E 113 -26.86 -39.08 21.32
C PRO E 113 -25.43 -39.07 21.86
N VAL E 114 -24.79 -40.23 21.94
CA VAL E 114 -23.45 -40.28 22.52
C VAL E 114 -22.45 -39.56 21.62
N TYR E 115 -22.53 -39.77 20.30
CA TYR E 115 -21.64 -39.08 19.39
C TYR E 115 -21.85 -37.58 19.45
N VAL E 116 -23.10 -37.13 19.44
CA VAL E 116 -23.38 -35.70 19.46
C VAL E 116 -22.91 -35.07 20.77
N LEU E 117 -23.15 -35.75 21.89
CA LEU E 117 -22.71 -35.24 23.19
C LEU E 117 -21.20 -35.11 23.26
N GLY E 118 -20.48 -36.14 22.80
CA GLY E 118 -19.03 -36.06 22.78
C GLY E 118 -18.52 -34.92 21.91
N GLN E 119 -19.13 -34.75 20.73
CA GLN E 119 -18.70 -33.68 19.84
C GLN E 119 -18.94 -32.30 20.47
N PHE E 120 -20.10 -32.13 21.11
CA PHE E 120 -20.40 -30.84 21.74
C PHE E 120 -19.42 -30.55 22.88
N LEU E 121 -19.13 -31.54 23.72
CA LEU E 121 -18.16 -31.34 24.79
C LEU E 121 -16.80 -30.97 24.24
N GLY E 122 -16.35 -31.68 23.21
CA GLY E 122 -15.04 -31.39 22.64
C GLY E 122 -14.96 -29.99 22.05
N SER E 123 -15.99 -29.56 21.34
CA SER E 123 -15.99 -28.23 20.75
C SER E 123 -16.00 -27.15 21.84
N PHE E 124 -16.80 -27.34 22.89
CA PHE E 124 -16.84 -26.36 23.98
C PHE E 124 -15.47 -26.23 24.63
N LEU E 125 -14.82 -27.35 24.93
CA LEU E 125 -13.52 -27.28 25.59
C LEU E 125 -12.44 -26.72 24.66
N ALA E 126 -12.53 -26.99 23.36
CA ALA E 126 -11.59 -26.39 22.42
C ALA E 126 -11.73 -24.88 22.37
N ALA E 127 -12.98 -24.38 22.38
CA ALA E 127 -13.21 -22.95 22.42
C ALA E 127 -12.64 -22.34 23.71
N ALA E 128 -12.83 -23.03 24.83
CA ALA E 128 -12.26 -22.52 26.10
C ALA E 128 -10.74 -22.48 26.04
N THR E 129 -10.12 -23.50 25.45
CA THR E 129 -8.66 -23.51 25.33
C THR E 129 -8.16 -22.37 24.46
N ILE E 130 -8.82 -22.12 23.33
CA ILE E 130 -8.40 -21.02 22.46
C ILE E 130 -8.59 -19.68 23.15
N TYR E 131 -9.65 -19.55 23.95
CA TYR E 131 -9.83 -18.33 24.73
C TYR E 131 -8.71 -18.14 25.73
N SER E 132 -8.28 -19.22 26.39
CA SER E 132 -7.22 -19.10 27.39
C SER E 132 -5.87 -18.78 26.75
N LEU E 133 -5.60 -19.35 25.57
CA LEU E 133 -4.28 -19.17 24.97
C LEU E 133 -4.10 -17.78 24.36
N PHE E 134 -5.12 -17.26 23.69
CA PHE E 134 -5.05 -15.99 22.98
C PHE E 134 -5.67 -14.84 23.76
N TYR E 135 -5.68 -14.92 25.09
CA TYR E 135 -6.40 -13.93 25.90
C TYR E 135 -5.78 -12.54 25.78
N THR E 136 -4.46 -12.45 25.97
CA THR E 136 -3.79 -11.16 25.92
C THR E 136 -3.91 -10.53 24.54
N ALA E 137 -3.77 -11.33 23.48
CA ALA E 137 -3.90 -10.80 22.13
C ALA E 137 -5.31 -10.27 21.88
N ILE E 138 -6.33 -10.98 22.35
CA ILE E 138 -7.70 -10.53 22.17
C ILE E 138 -7.91 -9.19 22.88
N LEU E 139 -7.44 -9.08 24.13
CA LEU E 139 -7.63 -7.84 24.87
C LEU E 139 -6.86 -6.69 24.24
N HIS E 140 -5.66 -6.95 23.72
CA HIS E 140 -4.89 -5.90 23.07
C HIS E 140 -5.57 -5.44 21.78
N PHE E 141 -6.08 -6.38 20.98
CA PHE E 141 -6.68 -6.01 19.71
C PHE E 141 -7.98 -5.24 19.92
N SER E 142 -8.85 -5.73 20.81
CA SER E 142 -10.14 -5.11 20.98
C SER E 142 -10.09 -3.80 21.76
N GLY E 143 -8.98 -3.51 22.42
CA GLY E 143 -8.92 -2.38 23.33
C GLY E 143 -9.49 -2.64 24.69
N GLY E 144 -9.85 -3.89 25.01
CA GLY E 144 -10.45 -4.25 26.26
C GLY E 144 -11.94 -4.50 26.19
N GLN E 145 -12.60 -4.13 25.10
CA GLN E 145 -14.04 -4.22 24.96
C GLN E 145 -14.39 -5.41 24.07
N LEU E 146 -15.18 -6.34 24.60
CA LEU E 146 -15.60 -7.53 23.87
C LEU E 146 -16.93 -7.22 23.19
N MET E 147 -16.93 -7.17 21.86
CA MET E 147 -18.12 -6.78 21.12
C MET E 147 -18.32 -7.71 19.93
N VAL E 148 -19.57 -7.78 19.48
CA VAL E 148 -19.98 -8.70 18.43
C VAL E 148 -19.84 -8.08 17.05
N THR E 149 -20.13 -6.79 16.91
CA THR E 149 -20.11 -6.11 15.62
C THR E 149 -19.33 -4.82 15.73
N GLY E 150 -18.68 -4.44 14.63
CA GLY E 150 -17.91 -3.22 14.58
C GLY E 150 -16.55 -3.44 13.94
N PRO E 151 -15.72 -2.39 13.92
CA PRO E 151 -14.38 -2.53 13.33
C PRO E 151 -13.41 -3.31 14.19
N VAL E 152 -13.71 -3.54 15.47
CA VAL E 152 -12.82 -4.27 16.36
C VAL E 152 -13.53 -5.47 16.93
N ALA E 153 -14.47 -6.04 16.18
CA ALA E 153 -15.23 -7.18 16.65
C ALA E 153 -14.37 -8.42 16.74
N THR E 154 -14.53 -9.17 17.84
CA THR E 154 -13.78 -10.39 18.08
C THR E 154 -14.64 -11.62 18.26
N ALA E 155 -15.97 -11.48 18.23
CA ALA E 155 -16.83 -12.64 18.44
C ALA E 155 -16.84 -13.58 17.24
N GLY E 156 -16.31 -13.18 16.10
CA GLY E 156 -16.28 -14.02 14.93
C GLY E 156 -15.17 -15.04 14.89
N ILE E 157 -14.29 -15.03 15.89
CA ILE E 157 -13.26 -16.05 16.01
C ILE E 157 -13.90 -17.40 16.33
N PHE E 158 -14.93 -17.39 17.17
CA PHE E 158 -15.52 -18.62 17.69
C PHE E 158 -16.69 -19.12 16.87
N ALA E 159 -17.60 -18.24 16.46
CA ALA E 159 -18.75 -18.62 15.66
C ALA E 159 -18.74 -17.88 14.33
N THR E 160 -19.78 -18.09 13.54
CA THR E 160 -19.90 -17.48 12.21
C THR E 160 -21.11 -16.55 12.20
N TYR E 161 -20.92 -15.34 11.68
CA TYR E 161 -21.96 -14.34 11.60
C TYR E 161 -22.18 -13.93 10.15
N LEU E 162 -23.43 -13.63 9.83
CA LEU E 162 -23.81 -13.33 8.46
C LEU E 162 -23.11 -12.06 7.99
N PRO E 163 -22.51 -12.06 6.80
CA PRO E 163 -21.81 -10.85 6.34
C PRO E 163 -22.76 -9.73 5.97
N ASP E 164 -22.20 -8.64 5.44
CA ASP E 164 -22.96 -7.40 5.27
C ASP E 164 -24.07 -7.57 4.22
N HIS E 165 -23.69 -7.95 3.00
CA HIS E 165 -24.63 -7.91 1.88
C HIS E 165 -25.65 -9.06 1.92
N MET E 166 -25.30 -10.19 2.53
CA MET E 166 -26.13 -11.38 2.44
C MET E 166 -27.41 -11.23 3.25
N THR E 167 -28.38 -12.09 2.94
CA THR E 167 -29.62 -12.21 3.69
C THR E 167 -29.74 -13.62 4.27
N LEU E 168 -30.84 -13.88 4.97
CA LEU E 168 -30.96 -15.11 5.74
C LEU E 168 -31.09 -16.34 4.84
N TRP E 169 -31.98 -16.26 3.84
CA TRP E 169 -32.29 -17.45 3.05
C TRP E 169 -31.21 -17.77 2.03
N ARG E 170 -30.48 -16.77 1.53
CA ARG E 170 -29.29 -17.05 0.74
C ARG E 170 -28.27 -17.82 1.56
N GLY E 171 -28.11 -17.44 2.84
CA GLY E 171 -27.21 -18.19 3.71
C GLY E 171 -27.69 -19.60 3.98
N PHE E 172 -29.00 -19.77 4.14
CA PHE E 172 -29.56 -21.11 4.30
C PHE E 172 -29.22 -21.98 3.09
N LEU E 173 -29.42 -21.43 1.88
CA LEU E 173 -29.09 -22.16 0.67
C LEU E 173 -27.60 -22.50 0.61
N ASN E 174 -26.75 -21.54 0.96
CA ASN E 174 -25.30 -21.77 0.95
C ASN E 174 -24.92 -22.91 1.86
N GLU E 175 -25.39 -22.88 3.11
CA GLU E 175 -25.04 -23.94 4.06
C GLU E 175 -25.52 -25.29 3.58
N ALA E 176 -26.77 -25.37 3.10
CA ALA E 176 -27.29 -26.64 2.63
C ALA E 176 -26.45 -27.20 1.48
N TRP E 177 -26.14 -26.37 0.49
CA TRP E 177 -25.41 -26.85 -0.67
C TRP E 177 -23.98 -27.28 -0.30
N LEU E 178 -23.31 -26.49 0.55
CA LEU E 178 -21.96 -26.85 0.97
C LEU E 178 -21.93 -28.18 1.70
N THR E 179 -22.87 -28.39 2.62
CA THR E 179 -22.88 -29.66 3.35
C THR E 179 -23.21 -30.82 2.42
N GLY E 180 -24.09 -30.59 1.43
CA GLY E 180 -24.37 -31.65 0.47
C GLY E 180 -23.14 -32.06 -0.31
N MET E 181 -22.37 -31.08 -0.78
CA MET E 181 -21.13 -31.39 -1.50
C MET E 181 -20.16 -32.15 -0.60
N LEU E 182 -20.01 -31.71 0.65
CA LEU E 182 -19.12 -32.39 1.58
C LEU E 182 -19.52 -33.85 1.75
N GLN E 183 -20.81 -34.11 1.97
CA GLN E 183 -21.23 -35.48 2.22
C GLN E 183 -21.09 -36.35 0.98
N LEU E 184 -21.39 -35.82 -0.20
CA LEU E 184 -21.21 -36.60 -1.42
C LEU E 184 -19.75 -37.00 -1.60
N CYS E 185 -18.83 -36.04 -1.40
CA CYS E 185 -17.42 -36.37 -1.59
C CYS E 185 -16.90 -37.31 -0.52
N LEU E 186 -17.39 -37.16 0.72
CA LEU E 186 -16.99 -38.10 1.78
C LEU E 186 -17.45 -39.51 1.46
N PHE E 187 -18.66 -39.66 0.92
CA PHE E 187 -19.12 -40.98 0.50
C PHE E 187 -18.24 -41.52 -0.61
N ALA E 188 -17.87 -40.67 -1.57
CA ALA E 188 -17.06 -41.14 -2.70
C ALA E 188 -15.68 -41.61 -2.25
N ILE E 189 -15.07 -40.91 -1.30
CA ILE E 189 -13.69 -41.21 -0.91
C ILE E 189 -13.58 -42.59 -0.28
N THR E 190 -14.53 -42.96 0.59
CA THR E 190 -14.41 -44.16 1.40
C THR E 190 -15.23 -45.33 0.88
N ASP E 191 -15.80 -45.23 -0.31
CA ASP E 191 -16.63 -46.31 -0.86
C ASP E 191 -15.73 -47.41 -1.40
N GLN E 192 -15.81 -48.60 -0.80
CA GLN E 192 -14.90 -49.68 -1.17
C GLN E 192 -15.28 -50.31 -2.52
N GLU E 193 -16.57 -50.42 -2.81
CA GLU E 193 -16.98 -51.01 -4.08
C GLU E 193 -16.54 -50.15 -5.27
N ASN E 194 -16.69 -48.84 -5.16
CA ASN E 194 -16.28 -47.92 -6.21
C ASN E 194 -14.77 -47.70 -6.11
N ASN E 195 -14.30 -46.61 -6.68
CA ASN E 195 -12.89 -46.21 -6.61
C ASN E 195 -12.60 -45.49 -5.30
N PRO E 196 -12.00 -46.16 -4.30
CA PRO E 196 -11.74 -45.48 -3.02
C PRO E 196 -10.33 -44.92 -2.93
N ALA E 197 -10.04 -44.18 -1.87
CA ALA E 197 -8.67 -43.85 -1.55
C ALA E 197 -7.99 -45.06 -0.91
N LEU E 198 -6.71 -45.22 -1.21
CA LEU E 198 -5.98 -46.37 -0.71
C LEU E 198 -5.98 -46.39 0.82
N PRO E 199 -6.37 -47.48 1.45
CA PRO E 199 -6.40 -47.51 2.92
C PRO E 199 -5.05 -47.19 3.52
N GLY E 200 -5.06 -46.33 4.53
CA GLY E 200 -3.87 -45.73 5.08
C GLY E 200 -3.60 -44.32 4.60
N THR E 201 -4.27 -43.88 3.53
CA THR E 201 -4.08 -42.54 3.00
C THR E 201 -5.37 -41.74 2.90
N GLU E 202 -6.44 -42.17 3.58
CA GLU E 202 -7.73 -41.48 3.45
C GLU E 202 -7.74 -40.17 4.21
N ALA E 203 -6.97 -40.07 5.29
CA ALA E 203 -6.97 -38.85 6.09
C ALA E 203 -6.49 -37.65 5.28
N LEU E 204 -5.46 -37.84 4.46
CA LEU E 204 -4.97 -36.75 3.63
C LEU E 204 -6.03 -36.29 2.64
N VAL E 205 -6.74 -37.24 2.01
CA VAL E 205 -7.73 -36.88 1.02
C VAL E 205 -8.90 -36.14 1.66
N ILE E 206 -9.32 -36.58 2.86
CA ILE E 206 -10.38 -35.87 3.57
C ILE E 206 -9.94 -34.47 3.96
N GLY E 207 -8.70 -34.32 4.41
CA GLY E 207 -8.18 -33.00 4.72
C GLY E 207 -8.16 -32.09 3.51
N ILE E 208 -7.74 -32.61 2.36
CA ILE E 208 -7.71 -31.81 1.14
C ILE E 208 -9.13 -31.44 0.71
N LEU E 209 -10.09 -32.35 0.89
CA LEU E 209 -11.47 -32.04 0.59
C LEU E 209 -11.97 -30.85 1.41
N VAL E 210 -11.69 -30.87 2.71
CA VAL E 210 -12.13 -29.76 3.55
C VAL E 210 -11.39 -28.48 3.18
N VAL E 211 -10.11 -28.58 2.83
CA VAL E 211 -9.34 -27.41 2.42
C VAL E 211 -9.97 -26.75 1.20
N ILE E 212 -10.31 -27.53 0.19
CA ILE E 212 -10.86 -26.92 -1.02
C ILE E 212 -12.30 -26.47 -0.81
N ILE E 213 -13.05 -27.10 0.09
CA ILE E 213 -14.37 -26.58 0.44
C ILE E 213 -14.22 -25.17 1.02
N GLY E 214 -13.22 -24.98 1.89
CA GLY E 214 -12.98 -23.65 2.41
C GLY E 214 -12.51 -22.67 1.36
N VAL E 215 -11.62 -23.11 0.47
CA VAL E 215 -11.03 -22.22 -0.51
C VAL E 215 -12.07 -21.75 -1.53
N SER E 216 -12.94 -22.65 -1.98
CA SER E 216 -13.83 -22.35 -3.09
C SER E 216 -15.13 -21.65 -2.67
N LEU E 217 -15.75 -22.07 -1.58
CA LEU E 217 -17.11 -21.65 -1.25
C LEU E 217 -17.20 -21.22 0.20
N GLY E 218 -16.26 -20.40 0.66
CA GLY E 218 -16.20 -20.14 2.09
C GLY E 218 -16.38 -18.71 2.55
N MET E 219 -16.50 -17.75 1.63
CA MET E 219 -16.57 -16.36 2.05
C MET E 219 -17.99 -15.86 2.25
N ASN E 220 -18.99 -16.55 1.70
CA ASN E 220 -20.36 -16.05 1.80
C ASN E 220 -20.95 -16.26 3.19
N THR E 221 -20.61 -17.35 3.86
CA THR E 221 -21.20 -17.66 5.15
C THR E 221 -20.20 -18.03 6.23
N GLY E 222 -18.91 -18.12 5.91
CA GLY E 222 -17.94 -18.64 6.86
C GLY E 222 -17.85 -20.15 6.88
N TYR E 223 -18.58 -20.83 6.00
CA TYR E 223 -18.57 -22.29 5.83
C TYR E 223 -18.44 -23.03 7.15
N ALA E 224 -19.28 -22.65 8.10
CA ALA E 224 -19.41 -23.43 9.33
C ALA E 224 -20.40 -24.57 9.10
N ILE E 225 -20.02 -25.50 8.23
CA ILE E 225 -20.94 -26.56 7.81
C ILE E 225 -20.78 -27.68 8.83
N ASN E 226 -21.33 -27.43 10.01
CA ASN E 226 -21.22 -28.32 11.14
C ASN E 226 -22.11 -27.79 12.25
N PRO E 227 -23.04 -28.58 12.79
CA PRO E 227 -23.76 -28.13 13.99
C PRO E 227 -22.91 -28.16 15.24
N SER E 228 -21.80 -28.89 15.23
CA SER E 228 -20.92 -29.02 16.39
C SER E 228 -19.78 -28.02 16.39
N ARG E 229 -19.48 -27.39 15.25
CA ARG E 229 -18.44 -26.39 15.17
C ARG E 229 -18.96 -24.98 15.41
N ASP E 230 -20.27 -24.78 15.33
CA ASP E 230 -20.85 -23.44 15.36
C ASP E 230 -21.55 -23.10 16.66
N LEU E 231 -22.30 -24.03 17.25
CA LEU E 231 -23.14 -23.72 18.40
C LEU E 231 -22.39 -23.71 19.73
N PRO E 232 -21.57 -24.71 20.05
CA PRO E 232 -20.89 -24.71 21.36
C PRO E 232 -19.96 -23.51 21.54
N PRO E 233 -19.18 -23.11 20.53
CA PRO E 233 -18.43 -21.85 20.68
C PRO E 233 -19.31 -20.63 20.88
N ARG E 234 -20.49 -20.60 20.24
CA ARG E 234 -21.40 -19.48 20.45
C ARG E 234 -21.91 -19.44 21.89
N ILE E 235 -22.22 -20.60 22.46
CA ILE E 235 -22.65 -20.66 23.86
C ILE E 235 -21.51 -20.23 24.78
N PHE E 236 -20.28 -20.63 24.46
CA PHE E 236 -19.14 -20.19 25.26
C PHE E 236 -18.98 -18.68 25.22
N THR E 237 -19.11 -18.08 24.03
CA THR E 237 -18.98 -16.63 23.94
C THR E 237 -20.11 -15.93 24.69
N PHE E 238 -21.32 -16.48 24.64
CA PHE E 238 -22.42 -15.90 25.42
C PHE E 238 -22.11 -15.94 26.91
N ILE E 239 -21.57 -17.05 27.39
CA ILE E 239 -21.26 -17.18 28.82
C ILE E 239 -20.11 -16.27 29.23
N ALA E 240 -19.09 -16.19 28.38
CA ALA E 240 -17.80 -15.57 28.73
C ALA E 240 -17.77 -14.06 28.54
N GLY E 241 -18.91 -13.39 28.53
CA GLY E 241 -18.93 -11.93 28.56
C GLY E 241 -19.07 -11.23 27.23
N TRP E 242 -19.45 -11.92 26.16
CA TRP E 242 -19.72 -11.25 24.89
C TRP E 242 -21.15 -10.76 24.78
N GLY E 243 -21.99 -11.03 25.77
CA GLY E 243 -23.36 -10.56 25.76
C GLY E 243 -24.29 -11.50 25.02
N LYS E 244 -25.57 -11.14 25.04
CA LYS E 244 -26.60 -11.94 24.39
C LYS E 244 -26.82 -11.55 22.94
N GLN E 245 -26.04 -10.61 22.41
CA GLN E 245 -26.14 -10.24 21.00
C GLN E 245 -25.62 -11.33 20.08
N VAL E 246 -24.97 -12.37 20.61
CA VAL E 246 -24.53 -13.47 19.77
C VAL E 246 -25.72 -14.22 19.21
N PHE E 247 -26.85 -14.23 19.92
CA PHE E 247 -28.03 -14.97 19.51
C PHE E 247 -29.04 -14.15 18.73
N SER E 248 -28.83 -12.84 18.57
CA SER E 248 -29.79 -12.00 17.87
C SER E 248 -29.15 -11.11 16.82
N ASN E 249 -27.93 -11.44 16.38
CA ASN E 249 -27.24 -10.65 15.36
C ASN E 249 -27.59 -11.20 13.99
N GLY E 250 -27.99 -10.31 13.09
CA GLY E 250 -28.40 -10.72 11.75
C GLY E 250 -29.69 -11.50 11.68
N GLU E 251 -30.71 -11.08 12.45
CA GLU E 251 -32.04 -11.68 12.40
C GLU E 251 -32.04 -13.14 12.86
N ASN E 252 -31.46 -13.38 14.03
CA ASN E 252 -31.41 -14.72 14.63
C ASN E 252 -30.77 -15.72 13.67
N TRP E 253 -29.53 -15.42 13.28
CA TRP E 253 -28.78 -16.28 12.37
C TRP E 253 -28.33 -17.57 13.03
N TRP E 254 -28.43 -17.68 14.35
CA TRP E 254 -27.77 -18.77 15.06
C TRP E 254 -28.32 -20.14 14.69
N TRP E 255 -29.61 -20.24 14.36
CA TRP E 255 -30.21 -21.57 14.15
C TRP E 255 -29.98 -22.12 12.75
N VAL E 256 -29.59 -21.27 11.79
CA VAL E 256 -29.37 -21.77 10.43
C VAL E 256 -28.22 -22.77 10.36
N PRO E 257 -27.04 -22.51 10.94
CA PRO E 257 -25.98 -23.53 10.93
C PRO E 257 -26.35 -24.80 11.65
N VAL E 258 -27.40 -24.81 12.47
CA VAL E 258 -27.82 -26.02 13.16
C VAL E 258 -28.72 -26.88 12.28
N VAL E 259 -29.61 -26.27 11.51
CA VAL E 259 -30.63 -27.00 10.78
C VAL E 259 -30.24 -27.26 9.34
N ALA E 260 -29.66 -26.28 8.65
CA ALA E 260 -29.37 -26.45 7.23
C ALA E 260 -28.43 -27.61 6.92
N PRO E 261 -27.32 -27.81 7.64
CA PRO E 261 -26.43 -28.93 7.30
C PRO E 261 -27.08 -30.30 7.36
N LEU E 262 -28.05 -30.53 8.26
CA LEU E 262 -28.70 -31.84 8.31
C LEU E 262 -29.38 -32.17 6.98
N LEU E 263 -30.22 -31.26 6.50
CA LEU E 263 -30.90 -31.45 5.23
C LEU E 263 -29.91 -31.56 4.08
N GLY E 264 -28.88 -30.71 4.06
CA GLY E 264 -27.91 -30.77 2.99
C GLY E 264 -27.19 -32.10 2.94
N ALA E 265 -26.73 -32.60 4.09
CA ALA E 265 -26.02 -33.86 4.15
C ALA E 265 -26.91 -35.01 3.72
N TYR E 266 -28.17 -35.02 4.18
CA TYR E 266 -29.07 -36.10 3.80
C TYR E 266 -29.29 -36.12 2.29
N LEU E 267 -29.53 -34.96 1.69
CA LEU E 267 -29.78 -34.91 0.25
C LEU E 267 -28.55 -35.34 -0.54
N GLY E 268 -27.37 -34.87 -0.15
CA GLY E 268 -26.15 -35.28 -0.84
C GLY E 268 -25.90 -36.77 -0.74
N GLY E 269 -26.10 -37.33 0.45
CA GLY E 269 -25.89 -38.76 0.61
C GLY E 269 -26.84 -39.59 -0.25
N ILE E 270 -28.12 -39.23 -0.27
CA ILE E 270 -29.05 -40.03 -1.07
C ILE E 270 -28.77 -39.84 -2.56
N ILE E 271 -28.34 -38.64 -2.97
CA ILE E 271 -27.99 -38.43 -4.37
C ILE E 271 -26.85 -39.36 -4.78
N TYR E 272 -25.80 -39.42 -3.95
CA TYR E 272 -24.69 -40.31 -4.27
C TYR E 272 -25.14 -41.76 -4.29
N LEU E 273 -25.96 -42.18 -3.31
CA LEU E 273 -26.36 -43.58 -3.25
C LEU E 273 -27.19 -43.97 -4.48
N VAL E 274 -28.12 -43.10 -4.90
CA VAL E 274 -28.98 -43.45 -6.02
C VAL E 274 -28.21 -43.44 -7.33
N PHE E 275 -27.39 -42.41 -7.56
CA PHE E 275 -26.80 -42.25 -8.89
C PHE E 275 -25.48 -43.00 -9.05
N ILE E 276 -24.49 -42.72 -8.20
CA ILE E 276 -23.17 -43.29 -8.39
C ILE E 276 -23.03 -44.65 -7.72
N GLY E 277 -23.61 -44.83 -6.55
CA GLY E 277 -23.50 -46.08 -5.83
C GLY E 277 -24.15 -47.25 -6.53
N ILE F 22 8.64 -45.06 -45.58
CA ILE F 22 9.58 -46.18 -45.45
C ILE F 22 9.84 -46.48 -43.98
N ALA F 23 9.61 -47.74 -43.60
CA ALA F 23 9.74 -48.18 -42.22
C ALA F 23 11.21 -48.51 -41.93
N LYS F 24 11.42 -49.24 -40.83
CA LYS F 24 12.70 -49.76 -40.32
C LYS F 24 13.49 -48.69 -39.59
N ILE F 25 13.00 -47.45 -39.50
CA ILE F 25 13.63 -46.47 -38.62
C ILE F 25 13.40 -46.82 -37.17
N GLN F 26 12.39 -47.66 -36.89
CA GLN F 26 12.13 -48.08 -35.52
C GLN F 26 13.24 -48.93 -34.93
N GLU F 27 14.08 -49.52 -35.77
CA GLU F 27 15.23 -50.26 -35.26
C GLU F 27 16.18 -49.34 -34.51
N ILE F 28 16.42 -48.15 -35.05
CA ILE F 28 17.27 -47.17 -34.37
C ILE F 28 16.61 -46.71 -33.08
N LEU F 29 15.31 -46.44 -33.12
CA LEU F 29 14.57 -45.94 -31.96
C LEU F 29 14.28 -47.03 -30.94
N GLN F 30 14.91 -48.20 -31.05
CA GLN F 30 14.68 -49.30 -30.12
C GLN F 30 15.95 -49.72 -29.39
N ARG F 31 17.05 -49.00 -29.57
CA ARG F 31 18.28 -49.32 -28.88
C ARG F 31 18.15 -49.06 -27.38
N LYS F 32 19.19 -49.42 -26.63
CA LYS F 32 19.16 -49.24 -25.19
C LYS F 32 19.66 -47.87 -24.75
N MET F 33 20.52 -47.23 -25.54
CA MET F 33 21.00 -45.89 -25.19
C MET F 33 20.10 -44.80 -25.77
N VAL F 34 19.48 -45.04 -26.91
CA VAL F 34 18.57 -44.06 -27.49
C VAL F 34 17.39 -43.82 -26.57
N ARG F 35 16.87 -44.89 -25.96
CA ARG F 35 15.74 -44.76 -25.05
C ARG F 35 16.09 -43.90 -23.84
N GLU F 36 17.27 -44.12 -23.25
CA GLU F 36 17.67 -43.33 -22.10
C GLU F 36 17.94 -41.88 -22.47
N PHE F 37 18.54 -41.65 -23.64
CA PHE F 37 18.73 -40.29 -24.13
C PHE F 37 17.38 -39.57 -24.26
N LEU F 38 16.39 -40.23 -24.86
CA LEU F 38 15.09 -39.61 -25.04
C LEU F 38 14.38 -39.38 -23.70
N ALA F 39 14.54 -40.31 -22.76
CA ALA F 39 13.92 -40.16 -21.45
C ALA F 39 14.48 -38.94 -20.72
N GLU F 40 15.81 -38.78 -20.74
CA GLU F 40 16.41 -37.59 -20.13
C GLU F 40 15.95 -36.32 -20.82
N PHE F 41 15.89 -36.34 -22.15
CA PHE F 41 15.41 -35.18 -22.89
C PHE F 41 14.01 -34.78 -22.43
N MET F 42 13.07 -35.73 -22.42
CA MET F 42 11.68 -35.40 -22.12
C MET F 42 11.51 -34.95 -20.67
N SER F 43 12.13 -35.66 -19.71
CA SER F 43 11.98 -35.28 -18.32
C SER F 43 12.54 -33.89 -18.06
N THR F 44 13.74 -33.60 -18.58
CA THR F 44 14.31 -32.28 -18.38
C THR F 44 13.47 -31.21 -19.06
N TYR F 45 12.93 -31.49 -20.24
CA TYR F 45 12.10 -30.52 -20.94
C TYR F 45 10.88 -30.15 -20.11
N VAL F 46 10.18 -31.16 -19.57
CA VAL F 46 8.97 -30.90 -18.80
C VAL F 46 9.31 -30.09 -17.55
N MET F 47 10.33 -30.52 -16.82
CA MET F 47 10.71 -29.82 -15.60
C MET F 47 11.06 -28.36 -15.88
N MET F 48 11.86 -28.12 -16.92
CA MET F 48 12.32 -26.76 -17.18
C MET F 48 11.18 -25.88 -17.67
N VAL F 49 10.27 -26.42 -18.48
CA VAL F 49 9.13 -25.62 -18.92
C VAL F 49 8.34 -25.14 -17.72
N PHE F 50 8.02 -26.05 -16.79
CA PHE F 50 7.23 -25.66 -15.63
C PHE F 50 7.97 -24.63 -14.78
N GLY F 51 9.26 -24.87 -14.50
CA GLY F 51 10.00 -23.97 -13.64
C GLY F 51 10.17 -22.58 -14.23
N LEU F 52 10.58 -22.50 -15.50
CA LEU F 52 10.76 -21.20 -16.13
C LEU F 52 9.43 -20.48 -16.31
N GLY F 53 8.34 -21.22 -16.51
CA GLY F 53 7.04 -20.56 -16.55
C GLY F 53 6.69 -19.89 -15.24
N SER F 54 6.94 -20.58 -14.12
CA SER F 54 6.68 -19.96 -12.83
C SER F 54 7.56 -18.73 -12.61
N VAL F 55 8.82 -18.80 -13.01
CA VAL F 55 9.73 -17.66 -12.84
C VAL F 55 9.25 -16.47 -13.67
N ALA F 56 8.82 -16.72 -14.91
CA ALA F 56 8.31 -15.64 -15.76
C ALA F 56 7.03 -15.05 -15.17
N HIS F 57 6.15 -15.88 -14.65
CA HIS F 57 4.98 -15.38 -13.95
C HIS F 57 5.37 -14.42 -12.84
N MET F 58 6.36 -14.80 -12.03
CA MET F 58 6.77 -13.93 -10.93
C MET F 58 7.35 -12.62 -11.43
N VAL F 59 8.22 -12.68 -12.44
CA VAL F 59 8.93 -11.48 -12.88
C VAL F 59 7.98 -10.50 -13.55
N LEU F 60 7.14 -10.99 -14.47
CA LEU F 60 6.35 -10.08 -15.30
C LEU F 60 5.18 -9.47 -14.55
N ASN F 61 4.27 -10.30 -14.06
CA ASN F 61 3.03 -9.83 -13.46
C ASN F 61 3.13 -9.81 -11.93
N LYS F 62 2.27 -8.98 -11.33
CA LYS F 62 2.27 -8.79 -9.89
C LYS F 62 1.11 -9.49 -9.18
N LYS F 63 -0.07 -9.53 -9.80
CA LYS F 63 -1.21 -10.22 -9.23
C LYS F 63 -1.26 -11.69 -9.60
N TYR F 64 -0.38 -12.15 -10.50
CA TYR F 64 -0.37 -13.52 -10.95
C TYR F 64 0.98 -14.20 -10.68
N GLY F 65 1.68 -13.76 -9.64
CA GLY F 65 3.01 -14.29 -9.38
C GLY F 65 3.43 -14.09 -7.94
N SER F 66 4.25 -15.01 -7.46
CA SER F 66 4.81 -14.93 -6.12
C SER F 66 6.02 -15.85 -6.06
N TYR F 67 6.73 -15.80 -4.93
CA TYR F 67 7.88 -16.67 -4.74
C TYR F 67 7.45 -18.11 -4.43
N LEU F 68 6.39 -18.26 -3.64
CA LEU F 68 5.87 -19.59 -3.36
C LEU F 68 5.41 -20.28 -4.63
N GLY F 69 4.88 -19.54 -5.58
CA GLY F 69 4.56 -20.11 -6.88
C GLY F 69 5.78 -20.63 -7.60
N VAL F 70 6.90 -19.89 -7.51
CA VAL F 70 8.14 -20.35 -8.15
C VAL F 70 8.59 -21.66 -7.53
N ASN F 71 8.56 -21.74 -6.20
CA ASN F 71 8.98 -22.96 -5.51
C ASN F 71 8.10 -24.14 -5.87
N LEU F 72 6.77 -23.93 -5.85
CA LEU F 72 5.85 -25.00 -6.21
C LEU F 72 6.08 -25.46 -7.64
N GLY F 73 6.26 -24.52 -8.56
CA GLY F 73 6.46 -24.88 -9.95
C GLY F 73 7.70 -25.74 -10.16
N PHE F 74 8.83 -25.32 -9.60
CA PHE F 74 10.05 -26.11 -9.77
C PHE F 74 9.93 -27.49 -9.13
N GLY F 75 9.46 -27.55 -7.88
CA GLY F 75 9.40 -28.83 -7.20
C GLY F 75 8.45 -29.82 -7.87
N PHE F 76 7.24 -29.38 -8.17
CA PHE F 76 6.30 -30.31 -8.75
C PHE F 76 6.41 -30.41 -10.26
N GLY F 77 7.37 -29.71 -10.88
CA GLY F 77 7.80 -30.09 -12.21
C GLY F 77 8.83 -31.20 -12.13
N VAL F 78 9.68 -31.17 -11.10
CA VAL F 78 10.59 -32.28 -10.86
C VAL F 78 9.80 -33.56 -10.61
N THR F 79 8.68 -33.46 -9.90
CA THR F 79 7.81 -34.62 -9.68
C THR F 79 7.36 -35.25 -11.01
N MET F 80 6.85 -34.42 -11.92
CA MET F 80 6.35 -34.94 -13.18
C MET F 80 7.48 -35.50 -14.04
N GLY F 81 8.66 -34.88 -13.98
CA GLY F 81 9.80 -35.45 -14.68
C GLY F 81 10.17 -36.82 -14.16
N VAL F 82 10.16 -37.00 -12.85
CA VAL F 82 10.44 -38.31 -12.25
C VAL F 82 9.40 -39.32 -12.72
N HIS F 83 8.14 -38.91 -12.84
CA HIS F 83 7.15 -39.84 -13.35
C HIS F 83 7.43 -40.21 -14.80
N VAL F 84 7.85 -39.25 -15.62
CA VAL F 84 8.08 -39.52 -17.04
C VAL F 84 9.24 -40.48 -17.24
N ALA F 85 10.37 -40.24 -16.58
CA ALA F 85 11.59 -40.99 -16.85
C ALA F 85 12.12 -41.72 -15.61
N GLY F 86 11.24 -42.18 -14.73
CA GLY F 86 11.68 -42.75 -13.48
C GLY F 86 12.40 -44.08 -13.63
N ARG F 87 11.92 -44.94 -14.52
CA ARG F 87 12.44 -46.29 -14.64
C ARG F 87 13.40 -46.47 -15.80
N ILE F 88 13.24 -45.71 -16.88
CA ILE F 88 14.07 -45.89 -18.06
C ILE F 88 15.51 -45.49 -17.77
N SER F 89 15.72 -44.37 -17.09
CA SER F 89 17.08 -43.88 -16.88
C SER F 89 17.32 -43.34 -15.47
N GLY F 90 16.35 -43.42 -14.57
CA GLY F 90 16.51 -42.91 -13.23
C GLY F 90 16.10 -41.47 -13.04
N ALA F 91 15.85 -40.73 -14.12
CA ALA F 91 15.38 -39.35 -14.07
C ALA F 91 16.30 -38.47 -13.23
N HIS F 92 17.56 -38.41 -13.65
CA HIS F 92 18.51 -37.54 -12.97
C HIS F 92 18.12 -36.07 -13.13
N MET F 93 17.91 -35.63 -14.37
CA MET F 93 17.50 -34.27 -14.68
C MET F 93 18.52 -33.24 -14.21
N ASN F 94 19.66 -33.71 -13.71
CA ASN F 94 20.67 -32.86 -13.11
C ASN F 94 22.04 -33.41 -13.48
N ALA F 95 22.92 -32.54 -13.98
CA ALA F 95 24.25 -32.98 -14.37
C ALA F 95 25.11 -33.27 -13.14
N ALA F 96 24.93 -32.49 -12.07
CA ALA F 96 25.65 -32.75 -10.83
C ALA F 96 25.28 -34.10 -10.24
N VAL F 97 23.99 -34.45 -10.29
CA VAL F 97 23.54 -35.75 -9.78
C VAL F 97 24.16 -36.88 -10.60
N THR F 98 24.20 -36.73 -11.92
CA THR F 98 24.82 -37.75 -12.76
C THR F 98 26.31 -37.89 -12.45
N PHE F 99 27.01 -36.76 -12.27
CA PHE F 99 28.42 -36.83 -11.93
C PHE F 99 28.64 -37.52 -10.59
N ALA F 100 27.82 -37.18 -9.59
CA ALA F 100 27.96 -37.80 -8.28
C ALA F 100 27.68 -39.31 -8.34
N ASN F 101 26.67 -39.72 -9.11
CA ASN F 101 26.36 -41.13 -9.21
C ASN F 101 27.45 -41.90 -9.95
N CYS F 102 27.99 -41.32 -11.03
CA CYS F 102 29.05 -41.99 -11.77
C CYS F 102 30.33 -42.08 -10.94
N ALA F 103 30.64 -41.03 -10.19
CA ALA F 103 31.89 -41.00 -9.43
C ALA F 103 31.85 -41.90 -8.20
N LEU F 104 30.67 -42.27 -7.73
CA LEU F 104 30.54 -43.19 -6.60
C LEU F 104 30.37 -44.64 -7.04
N GLY F 105 30.45 -44.92 -8.34
CA GLY F 105 30.38 -46.27 -8.85
C GLY F 105 29.00 -46.80 -9.11
N ARG F 106 27.95 -46.01 -8.89
CA ARG F 106 26.59 -46.50 -9.08
C ARG F 106 26.19 -46.57 -10.54
N VAL F 107 26.77 -45.74 -11.40
CA VAL F 107 26.44 -45.72 -12.82
C VAL F 107 27.75 -45.72 -13.61
N PRO F 108 27.84 -46.49 -14.70
CA PRO F 108 29.09 -46.53 -15.47
C PRO F 108 29.45 -45.16 -16.04
N TRP F 109 30.75 -44.91 -16.14
CA TRP F 109 31.25 -43.63 -16.60
C TRP F 109 30.90 -43.35 -18.06
N ARG F 110 30.55 -44.37 -18.83
CA ARG F 110 30.29 -44.18 -20.26
C ARG F 110 28.88 -43.66 -20.54
N LYS F 111 28.04 -43.51 -19.53
CA LYS F 111 26.71 -42.96 -19.69
C LYS F 111 26.64 -41.47 -19.40
N PHE F 112 27.74 -40.86 -18.97
CA PHE F 112 27.74 -39.43 -18.67
C PHE F 112 27.46 -38.58 -19.90
N PRO F 113 28.15 -38.75 -21.05
CA PRO F 113 27.89 -37.85 -22.19
C PRO F 113 26.47 -37.89 -22.71
N VAL F 114 25.86 -39.08 -22.76
CA VAL F 114 24.51 -39.19 -23.31
C VAL F 114 23.52 -38.43 -22.44
N TYR F 115 23.61 -38.63 -21.12
CA TYR F 115 22.70 -37.96 -20.20
C TYR F 115 22.90 -36.45 -20.24
N VAL F 116 24.15 -36.00 -20.24
CA VAL F 116 24.41 -34.56 -20.23
C VAL F 116 23.92 -33.91 -21.52
N LEU F 117 24.16 -34.56 -22.67
CA LEU F 117 23.68 -34.02 -23.93
C LEU F 117 22.16 -33.93 -23.97
N GLY F 118 21.49 -34.99 -23.51
CA GLY F 118 20.03 -34.96 -23.49
C GLY F 118 19.48 -33.87 -22.60
N GLN F 119 20.06 -33.70 -21.41
CA GLN F 119 19.60 -32.65 -20.51
C GLN F 119 19.82 -31.27 -21.10
N PHE F 120 20.97 -31.05 -21.73
CA PHE F 120 21.25 -29.73 -22.31
C PHE F 120 20.28 -29.41 -23.44
N LEU F 121 20.02 -30.37 -24.32
CA LEU F 121 19.05 -30.12 -25.40
C LEU F 121 17.67 -29.84 -24.85
N GLY F 122 17.23 -30.62 -23.86
CA GLY F 122 15.92 -30.38 -23.26
C GLY F 122 15.80 -29.01 -22.63
N SER F 123 16.84 -28.58 -21.90
CA SER F 123 16.81 -27.27 -21.27
C SER F 123 16.79 -26.13 -22.29
N PHE F 124 17.60 -26.26 -23.35
CA PHE F 124 17.63 -25.23 -24.39
C PHE F 124 16.27 -25.11 -25.06
N LEU F 125 15.65 -26.23 -25.42
CA LEU F 125 14.35 -26.17 -26.07
C LEU F 125 13.26 -25.66 -25.13
N ALA F 126 13.35 -25.97 -23.83
CA ALA F 126 12.39 -25.42 -22.88
C ALA F 126 12.51 -23.90 -22.79
N ALA F 127 13.74 -23.38 -22.80
CA ALA F 127 13.93 -21.94 -22.81
C ALA F 127 13.33 -21.31 -24.06
N ALA F 128 13.53 -21.94 -25.22
CA ALA F 128 12.94 -21.41 -26.44
C ALA F 128 11.42 -21.41 -26.37
N THR F 129 10.83 -22.48 -25.82
CA THR F 129 9.38 -22.55 -25.67
C THR F 129 8.86 -21.42 -24.80
N ILE F 130 9.50 -21.21 -23.65
CA ILE F 130 9.04 -20.16 -22.73
C ILE F 130 9.18 -18.79 -23.38
N TYR F 131 10.24 -18.59 -24.16
CA TYR F 131 10.39 -17.33 -24.88
C TYR F 131 9.25 -17.11 -25.86
N SER F 132 8.87 -18.16 -26.59
CA SER F 132 7.79 -18.01 -27.58
C SER F 132 6.44 -17.80 -26.92
N LEU F 133 6.18 -18.42 -25.77
CA LEU F 133 4.86 -18.33 -25.18
C LEU F 133 4.59 -16.98 -24.54
N PHE F 134 5.60 -16.38 -23.90
CA PHE F 134 5.44 -15.14 -23.15
C PHE F 134 5.97 -13.93 -23.91
N TYR F 135 5.93 -13.93 -25.24
CA TYR F 135 6.61 -12.90 -26.02
C TYR F 135 5.97 -11.53 -25.82
N THR F 136 4.66 -11.44 -25.99
CA THR F 136 3.98 -10.15 -25.90
C THR F 136 4.10 -9.55 -24.51
N ALA F 137 3.98 -10.39 -23.47
CA ALA F 137 4.12 -9.89 -22.11
C ALA F 137 5.53 -9.39 -21.85
N ILE F 138 6.54 -10.08 -22.37
CA ILE F 138 7.91 -9.62 -22.21
C ILE F 138 8.10 -8.26 -22.86
N LEU F 139 7.59 -8.10 -24.08
CA LEU F 139 7.74 -6.82 -24.77
C LEU F 139 6.99 -5.70 -24.05
N HIS F 140 5.77 -5.98 -23.58
CA HIS F 140 4.99 -4.96 -22.89
C HIS F 140 5.64 -4.54 -21.58
N PHE F 141 6.14 -5.50 -20.81
CA PHE F 141 6.80 -5.18 -19.55
C PHE F 141 8.11 -4.42 -19.78
N SER F 142 8.91 -4.87 -20.75
CA SER F 142 10.26 -4.34 -20.91
C SER F 142 10.28 -2.97 -21.58
N GLY F 143 9.21 -2.58 -22.26
CA GLY F 143 9.23 -1.37 -23.05
C GLY F 143 9.81 -1.52 -24.43
N GLY F 144 10.14 -2.75 -24.85
CA GLY F 144 10.69 -3.02 -26.15
C GLY F 144 12.19 -3.27 -26.17
N GLN F 145 12.90 -2.96 -25.09
N GLN F 145 12.90 -2.98 -25.09
CA GLN F 145 14.34 -3.12 -25.01
CA GLN F 145 14.34 -3.13 -25.02
C GLN F 145 14.68 -4.29 -24.10
C GLN F 145 14.70 -4.27 -24.10
N LEU F 146 15.54 -5.18 -24.59
CA LEU F 146 15.96 -6.35 -23.82
C LEU F 146 17.18 -5.98 -22.99
N MET F 147 17.02 -5.94 -21.67
CA MET F 147 18.06 -5.47 -20.76
C MET F 147 18.45 -6.57 -19.78
N VAL F 148 19.75 -6.69 -19.52
CA VAL F 148 20.23 -7.66 -18.55
C VAL F 148 20.16 -7.10 -17.13
N THR F 149 20.31 -5.79 -16.98
CA THR F 149 20.30 -5.15 -15.67
C THR F 149 19.43 -3.90 -15.71
N GLY F 150 18.95 -3.51 -14.54
CA GLY F 150 18.11 -2.34 -14.41
C GLY F 150 16.73 -2.66 -13.87
N PRO F 151 15.88 -1.63 -13.78
CA PRO F 151 14.53 -1.86 -13.26
C PRO F 151 13.63 -2.67 -14.19
N VAL F 152 14.00 -2.85 -15.46
CA VAL F 152 13.16 -3.59 -16.39
C VAL F 152 13.93 -4.76 -16.98
N ALA F 153 14.81 -5.35 -16.17
CA ALA F 153 15.60 -6.48 -16.63
C ALA F 153 14.74 -7.73 -16.76
N THR F 154 14.84 -8.41 -17.90
CA THR F 154 14.13 -9.65 -18.14
C THR F 154 15.05 -10.82 -18.44
N ALA F 155 16.36 -10.64 -18.30
CA ALA F 155 17.29 -11.74 -18.48
C ALA F 155 17.30 -12.70 -17.31
N GLY F 156 16.73 -12.32 -16.17
CA GLY F 156 16.67 -13.19 -15.02
C GLY F 156 15.62 -14.27 -15.10
N ILE F 157 14.73 -14.19 -16.09
CA ILE F 157 13.72 -15.24 -16.27
C ILE F 157 14.38 -16.56 -16.62
N PHE F 158 15.44 -16.52 -17.40
CA PHE F 158 16.05 -17.72 -17.98
C PHE F 158 17.25 -18.23 -17.20
N ALA F 159 18.13 -17.36 -16.73
CA ALA F 159 19.30 -17.77 -15.96
C ALA F 159 19.33 -17.01 -14.64
N THR F 160 20.35 -17.29 -13.83
CA THR F 160 20.49 -16.72 -12.50
C THR F 160 21.68 -15.77 -12.46
N TYR F 161 21.47 -14.59 -11.89
CA TYR F 161 22.50 -13.57 -11.78
C TYR F 161 22.75 -13.23 -10.32
N LEU F 162 23.98 -12.86 -10.01
CA LEU F 162 24.38 -12.61 -8.64
C LEU F 162 23.69 -11.37 -8.11
N PRO F 163 23.15 -11.41 -6.88
CA PRO F 163 22.48 -10.23 -6.32
C PRO F 163 23.43 -9.08 -6.06
N ASP F 164 22.88 -7.96 -5.56
CA ASP F 164 23.67 -6.74 -5.42
C ASP F 164 24.73 -6.87 -4.34
N HIS F 165 24.34 -7.34 -3.15
CA HIS F 165 25.26 -7.34 -2.02
C HIS F 165 26.20 -8.54 -2.00
N MET F 166 25.84 -9.63 -2.67
CA MET F 166 26.63 -10.85 -2.59
C MET F 166 27.93 -10.73 -3.38
N THR F 167 28.90 -11.56 -3.01
CA THR F 167 30.16 -11.69 -3.72
C THR F 167 30.23 -13.05 -4.39
N LEU F 168 31.30 -13.26 -5.16
CA LEU F 168 31.42 -14.46 -5.98
C LEU F 168 31.61 -15.70 -5.12
N TRP F 169 32.51 -15.64 -4.13
CA TRP F 169 32.82 -16.83 -3.36
C TRP F 169 31.73 -17.17 -2.36
N ARG F 170 30.99 -16.18 -1.88
CA ARG F 170 29.79 -16.48 -1.10
C ARG F 170 28.77 -17.25 -1.94
N GLY F 171 28.61 -16.87 -3.20
CA GLY F 171 27.73 -17.63 -4.07
C GLY F 171 28.25 -19.02 -4.34
N PHE F 172 29.57 -19.17 -4.47
CA PHE F 172 30.17 -20.50 -4.61
C PHE F 172 29.84 -21.38 -3.41
N LEU F 173 29.99 -20.84 -2.21
CA LEU F 173 29.68 -21.60 -1.00
C LEU F 173 28.20 -21.96 -0.94
N ASN F 174 27.33 -21.00 -1.28
CA ASN F 174 25.89 -21.28 -1.27
C ASN F 174 25.54 -22.40 -2.22
N GLU F 175 26.03 -22.35 -3.46
CA GLU F 175 25.72 -23.38 -4.43
C GLU F 175 26.22 -24.75 -3.97
N ALA F 176 27.45 -24.80 -3.47
CA ALA F 176 28.01 -26.07 -3.02
C ALA F 176 27.18 -26.67 -1.89
N TRP F 177 26.82 -25.86 -0.89
CA TRP F 177 26.09 -26.39 0.25
C TRP F 177 24.68 -26.82 -0.15
N LEU F 178 24.02 -26.05 -1.01
CA LEU F 178 22.67 -26.41 -1.43
C LEU F 178 22.66 -27.73 -2.19
N THR F 179 23.61 -27.91 -3.11
CA THR F 179 23.66 -29.17 -3.85
C THR F 179 24.04 -30.34 -2.95
N GLY F 180 24.90 -30.10 -1.95
CA GLY F 180 25.21 -31.17 -1.02
C GLY F 180 24.00 -31.63 -0.24
N MET F 181 23.21 -30.68 0.27
CA MET F 181 21.98 -31.04 0.98
C MET F 181 21.02 -31.80 0.06
N LEU F 182 20.87 -31.33 -1.18
CA LEU F 182 20.00 -32.01 -2.14
C LEU F 182 20.42 -33.45 -2.35
N GLN F 183 21.72 -33.68 -2.54
CA GLN F 183 22.18 -35.04 -2.83
C GLN F 183 22.05 -35.94 -1.60
N LEU F 184 22.33 -35.41 -0.41
CA LEU F 184 22.15 -36.20 0.81
C LEU F 184 20.70 -36.66 0.93
N CYS F 185 19.75 -35.75 0.77
CA CYS F 185 18.34 -36.13 0.94
C CYS F 185 17.89 -37.05 -0.20
N LEU F 186 18.40 -36.84 -1.42
CA LEU F 186 18.05 -37.73 -2.53
C LEU F 186 18.49 -39.15 -2.25
N PHE F 187 19.72 -39.33 -1.72
CA PHE F 187 20.16 -40.66 -1.36
C PHE F 187 19.30 -41.24 -0.24
N ALA F 188 18.95 -40.42 0.75
CA ALA F 188 18.20 -40.92 1.89
C ALA F 188 16.81 -41.39 1.49
N ILE F 189 16.14 -40.67 0.60
CA ILE F 189 14.76 -41.01 0.26
C ILE F 189 14.67 -42.35 -0.45
N THR F 190 15.59 -42.61 -1.38
CA THR F 190 15.51 -43.75 -2.29
C THR F 190 16.49 -44.86 -1.95
N ASP F 191 16.73 -45.11 -0.66
CA ASP F 191 17.62 -46.17 -0.22
C ASP F 191 16.79 -47.31 0.35
N GLN F 192 16.85 -48.48 -0.30
CA GLN F 192 16.01 -49.61 0.08
C GLN F 192 16.56 -50.38 1.28
N GLU F 193 17.82 -50.20 1.63
CA GLU F 193 18.39 -50.85 2.80
C GLU F 193 18.20 -50.04 4.08
N ASN F 194 17.54 -48.89 3.96
CA ASN F 194 17.28 -47.96 5.06
C ASN F 194 15.79 -47.72 5.09
N ASN F 195 15.34 -46.65 5.72
CA ASN F 195 13.93 -46.23 5.69
C ASN F 195 13.64 -45.42 4.44
N PRO F 196 13.08 -46.04 3.37
CA PRO F 196 12.82 -45.29 2.14
C PRO F 196 11.39 -44.81 2.03
N ALA F 197 11.09 -44.02 0.99
CA ALA F 197 9.72 -43.72 0.64
C ALA F 197 9.07 -44.94 -0.01
N LEU F 198 7.77 -45.08 0.19
CA LEU F 198 7.05 -46.23 -0.33
C LEU F 198 7.16 -46.26 -1.85
N PRO F 199 7.48 -47.40 -2.45
CA PRO F 199 7.55 -47.46 -3.92
C PRO F 199 6.24 -47.03 -4.55
N GLY F 200 6.34 -46.10 -5.49
CA GLY F 200 5.18 -45.47 -6.09
C GLY F 200 4.85 -44.10 -5.56
N THR F 201 5.44 -43.69 -4.43
CA THR F 201 5.20 -42.38 -3.86
C THR F 201 6.48 -41.57 -3.69
N GLU F 202 7.54 -41.90 -4.44
CA GLU F 202 8.79 -41.18 -4.32
C GLU F 202 8.74 -39.81 -4.99
N ALA F 203 7.94 -39.68 -6.06
CA ALA F 203 7.92 -38.43 -6.82
C ALA F 203 7.41 -37.28 -5.96
N LEU F 204 6.37 -37.51 -5.16
CA LEU F 204 5.85 -36.46 -4.29
C LEU F 204 6.90 -36.00 -3.29
N VAL F 205 7.63 -36.93 -2.68
CA VAL F 205 8.61 -36.57 -1.68
C VAL F 205 9.77 -35.82 -2.30
N ILE F 206 10.19 -36.22 -3.50
CA ILE F 206 11.27 -35.50 -4.16
C ILE F 206 10.83 -34.09 -4.56
N GLY F 207 9.58 -33.95 -5.02
CA GLY F 207 9.07 -32.62 -5.31
C GLY F 207 9.02 -31.74 -4.08
N ILE F 208 8.60 -32.31 -2.94
CA ILE F 208 8.56 -31.55 -1.69
C ILE F 208 9.97 -31.14 -1.27
N LEU F 209 10.94 -32.04 -1.45
CA LEU F 209 12.33 -31.70 -1.13
C LEU F 209 12.81 -30.50 -1.94
N VAL F 210 12.53 -30.50 -3.25
CA VAL F 210 12.94 -29.37 -4.08
C VAL F 210 12.20 -28.10 -3.67
N VAL F 211 10.91 -28.22 -3.36
CA VAL F 211 10.13 -27.05 -2.95
C VAL F 211 10.73 -26.42 -1.71
N ILE F 212 11.10 -27.23 -0.72
CA ILE F 212 11.58 -26.64 0.52
C ILE F 212 13.04 -26.19 0.41
N ILE F 213 13.82 -26.79 -0.51
CA ILE F 213 15.13 -26.21 -0.79
C ILE F 213 14.97 -24.81 -1.36
N GLY F 214 14.00 -24.61 -2.24
CA GLY F 214 13.72 -23.27 -2.73
C GLY F 214 13.20 -22.34 -1.65
N VAL F 215 12.30 -22.83 -0.80
CA VAL F 215 11.68 -22.00 0.23
C VAL F 215 12.72 -21.53 1.24
N SER F 216 13.58 -22.44 1.69
CA SER F 216 14.45 -22.17 2.83
C SER F 216 15.75 -21.48 2.46
N LEU F 217 16.35 -21.82 1.32
CA LEU F 217 17.71 -21.41 1.00
C LEU F 217 17.79 -20.85 -0.41
N GLY F 218 16.88 -19.95 -0.77
CA GLY F 218 16.79 -19.55 -2.16
C GLY F 218 17.10 -18.11 -2.51
N MET F 219 17.09 -17.20 -1.53
CA MET F 219 17.22 -15.79 -1.85
C MET F 219 18.66 -15.37 -2.14
N ASN F 220 19.65 -16.16 -1.71
CA ASN F 220 21.04 -15.73 -1.83
C ASN F 220 21.58 -15.84 -3.25
N THR F 221 21.16 -16.87 -3.99
CA THR F 221 21.76 -17.12 -5.30
C THR F 221 20.75 -17.50 -6.38
N GLY F 222 19.46 -17.60 -6.07
CA GLY F 222 18.50 -18.12 -7.02
C GLY F 222 18.46 -19.63 -7.10
N TYR F 223 19.25 -20.32 -6.27
CA TYR F 223 19.35 -21.77 -6.19
C TYR F 223 19.25 -22.43 -7.56
N ALA F 224 20.20 -22.08 -8.42
CA ALA F 224 20.40 -22.81 -9.68
C ALA F 224 21.37 -23.95 -9.41
N ILE F 225 20.89 -24.94 -8.67
CA ILE F 225 21.70 -26.04 -8.17
C ILE F 225 21.83 -27.10 -9.25
N ASN F 226 21.47 -26.75 -10.49
CA ASN F 226 21.50 -27.67 -11.61
C ASN F 226 22.25 -26.98 -12.75
N PRO F 227 23.39 -27.50 -13.20
CA PRO F 227 24.06 -26.88 -14.35
C PRO F 227 23.21 -26.82 -15.60
N SER F 228 22.35 -27.84 -15.82
CA SER F 228 21.45 -27.83 -16.95
C SER F 228 20.37 -26.76 -16.82
N ARG F 229 20.00 -26.41 -15.59
CA ARG F 229 19.01 -25.37 -15.37
C ARG F 229 19.56 -23.98 -15.65
N ASP F 230 20.88 -23.83 -15.68
CA ASP F 230 21.51 -22.52 -15.73
C ASP F 230 22.20 -22.22 -17.06
N LEU F 231 22.98 -23.16 -17.60
CA LEU F 231 23.82 -22.78 -18.73
C LEU F 231 23.07 -22.69 -20.07
N PRO F 232 22.31 -23.71 -20.49
CA PRO F 232 21.65 -23.63 -21.81
C PRO F 232 20.67 -22.47 -21.91
N PRO F 233 19.90 -22.13 -20.87
CA PRO F 233 19.10 -20.90 -20.97
C PRO F 233 19.94 -19.63 -21.12
N ARG F 234 21.12 -19.59 -20.49
CA ARG F 234 21.99 -18.43 -20.67
C ARG F 234 22.47 -18.33 -22.10
N ILE F 235 22.82 -19.47 -22.71
CA ILE F 235 23.23 -19.46 -24.11
C ILE F 235 22.08 -19.00 -24.99
N PHE F 236 20.86 -19.45 -24.69
CA PHE F 236 19.71 -19.02 -25.47
C PHE F 236 19.50 -17.51 -25.35
N THR F 237 19.62 -16.96 -24.15
CA THR F 237 19.44 -15.52 -24.00
C THR F 237 20.53 -14.75 -24.72
N PHE F 238 21.76 -15.27 -24.73
CA PHE F 238 22.81 -14.63 -25.51
C PHE F 238 22.48 -14.64 -27.00
N ILE F 239 21.96 -15.75 -27.51
CA ILE F 239 21.67 -15.84 -28.94
C ILE F 239 20.48 -14.97 -29.32
N ALA F 240 19.43 -14.96 -28.49
CA ALA F 240 18.15 -14.35 -28.85
C ALA F 240 18.17 -12.83 -28.85
N GLY F 241 19.24 -12.20 -28.37
CA GLY F 241 19.36 -10.77 -28.50
C GLY F 241 19.42 -10.00 -27.20
N TRP F 242 19.89 -10.63 -26.13
CA TRP F 242 20.11 -9.93 -24.87
C TRP F 242 21.52 -9.35 -24.76
N GLY F 243 22.43 -9.75 -25.64
CA GLY F 243 23.77 -9.21 -25.64
C GLY F 243 24.77 -10.15 -24.99
N LYS F 244 26.02 -9.68 -24.95
CA LYS F 244 27.10 -10.42 -24.32
C LYS F 244 27.25 -10.08 -22.84
N GLN F 245 26.39 -9.23 -22.29
CA GLN F 245 26.45 -8.91 -20.87
C GLN F 245 25.93 -10.04 -20.00
N VAL F 246 25.30 -11.06 -20.58
CA VAL F 246 24.82 -12.18 -19.79
C VAL F 246 25.99 -12.96 -19.21
N PHE F 247 27.09 -13.06 -19.94
CA PHE F 247 28.25 -13.81 -19.47
C PHE F 247 29.14 -13.00 -18.55
N SER F 248 29.28 -11.69 -18.79
CA SER F 248 30.21 -10.86 -18.05
C SER F 248 29.56 -10.09 -16.90
N ASN F 249 28.31 -10.40 -16.59
CA ASN F 249 27.63 -9.72 -15.49
C ASN F 249 28.07 -10.31 -14.16
N GLY F 250 28.32 -9.45 -13.18
CA GLY F 250 28.72 -9.89 -11.85
C GLY F 250 30.07 -10.58 -11.80
N GLU F 251 31.05 -10.07 -12.53
CA GLU F 251 32.42 -10.59 -12.53
C GLU F 251 32.47 -12.04 -13.02
N ASN F 252 31.88 -12.27 -14.18
CA ASN F 252 31.84 -13.60 -14.80
C ASN F 252 31.27 -14.64 -13.85
N TRP F 253 30.00 -14.44 -13.50
CA TRP F 253 29.29 -15.36 -12.62
C TRP F 253 28.91 -16.67 -13.31
N TRP F 254 28.99 -16.74 -14.63
CA TRP F 254 28.38 -17.85 -15.36
C TRP F 254 29.01 -19.20 -15.06
N TRP F 255 30.24 -19.24 -14.55
CA TRP F 255 30.92 -20.52 -14.36
C TRP F 255 30.76 -21.09 -12.96
N VAL F 256 30.28 -20.30 -11.99
CA VAL F 256 30.06 -20.80 -10.64
C VAL F 256 28.97 -21.86 -10.60
N PRO F 257 27.79 -21.64 -11.20
CA PRO F 257 26.75 -22.68 -11.18
C PRO F 257 27.09 -23.93 -11.97
N VAL F 258 28.19 -23.93 -12.72
CA VAL F 258 28.59 -25.13 -13.46
C VAL F 258 29.60 -25.97 -12.69
N VAL F 259 30.37 -25.37 -11.78
CA VAL F 259 31.42 -26.07 -11.07
C VAL F 259 31.04 -26.37 -9.63
N ALA F 260 30.39 -25.43 -8.94
CA ALA F 260 30.04 -25.66 -7.54
C ALA F 260 29.12 -26.86 -7.32
N PRO F 261 28.05 -27.06 -8.11
CA PRO F 261 27.17 -28.21 -7.84
C PRO F 261 27.87 -29.56 -7.89
N LEU F 262 28.89 -29.75 -8.74
CA LEU F 262 29.56 -31.04 -8.81
C LEU F 262 30.22 -31.39 -7.48
N LEU F 263 31.01 -30.46 -6.94
CA LEU F 263 31.66 -30.68 -5.66
C LEU F 263 30.64 -30.85 -4.54
N GLY F 264 29.59 -30.02 -4.54
CA GLY F 264 28.58 -30.15 -3.50
C GLY F 264 27.92 -31.52 -3.50
N ALA F 265 27.51 -31.98 -4.69
CA ALA F 265 26.83 -33.27 -4.80
C ALA F 265 27.74 -34.41 -4.38
N TYR F 266 29.01 -34.38 -4.81
CA TYR F 266 29.92 -35.44 -4.43
C TYR F 266 30.13 -35.50 -2.93
N LEU F 267 30.33 -34.33 -2.30
CA LEU F 267 30.55 -34.32 -0.85
C LEU F 267 29.32 -34.81 -0.10
N GLY F 268 28.13 -34.37 -0.50
CA GLY F 268 26.92 -34.85 0.15
C GLY F 268 26.76 -36.35 0.04
N GLY F 269 26.97 -36.90 -1.16
CA GLY F 269 26.87 -38.33 -1.34
C GLY F 269 27.86 -39.12 -0.50
N ILE F 270 29.12 -38.68 -0.47
CA ILE F 270 30.12 -39.42 0.29
C ILE F 270 29.83 -39.33 1.78
N ILE F 271 29.33 -38.17 2.25
CA ILE F 271 28.96 -38.04 3.66
C ILE F 271 27.87 -39.04 4.02
N TYR F 272 26.82 -39.11 3.19
CA TYR F 272 25.74 -40.03 3.48
C TYR F 272 26.23 -41.47 3.48
N LEU F 273 27.05 -41.85 2.48
CA LEU F 273 27.51 -43.23 2.40
C LEU F 273 28.39 -43.60 3.60
N VAL F 274 29.28 -42.70 4.02
CA VAL F 274 30.16 -43.02 5.13
C VAL F 274 29.40 -43.10 6.44
N PHE F 275 28.54 -42.12 6.70
CA PHE F 275 27.96 -42.00 8.03
C PHE F 275 26.67 -42.81 8.20
N ILE F 276 25.67 -42.54 7.37
CA ILE F 276 24.36 -43.16 7.57
C ILE F 276 24.29 -44.53 6.91
N GLY F 277 24.70 -44.62 5.65
CA GLY F 277 24.68 -45.88 4.94
C GLY F 277 25.68 -46.89 5.49
N ILE G 25 39.27 -47.60 11.63
CA ILE G 25 38.24 -47.01 12.46
C ILE G 25 36.85 -47.44 11.99
N GLN G 26 36.81 -48.48 11.16
CA GLN G 26 35.53 -48.99 10.71
C GLN G 26 34.82 -49.81 11.79
N GLU G 27 35.59 -50.43 12.69
CA GLU G 27 34.98 -51.23 13.75
C GLU G 27 34.18 -50.36 14.71
N ILE G 28 34.71 -49.19 15.08
CA ILE G 28 34.01 -48.32 16.02
C ILE G 28 32.76 -47.72 15.37
N LEU G 29 32.85 -47.36 14.10
CA LEU G 29 31.70 -46.79 13.41
C LEU G 29 30.55 -47.78 13.28
N GLN G 30 30.81 -49.07 13.39
CA GLN G 30 29.77 -50.09 13.27
C GLN G 30 29.05 -50.38 14.58
N ARG G 31 29.46 -49.75 15.68
CA ARG G 31 28.77 -49.96 16.94
C ARG G 31 27.37 -49.36 16.90
N LYS G 32 26.50 -49.87 17.77
CA LYS G 32 25.10 -49.46 17.76
C LYS G 32 24.95 -48.03 18.26
N MET G 33 25.59 -47.71 19.38
CA MET G 33 25.45 -46.38 19.97
C MET G 33 26.02 -45.31 19.06
N VAL G 34 27.14 -45.60 18.40
CA VAL G 34 27.72 -44.64 17.46
C VAL G 34 26.76 -44.38 16.31
N ARG G 35 26.14 -45.45 15.80
CA ARG G 35 25.17 -45.28 14.71
C ARG G 35 23.99 -44.44 15.14
N GLU G 36 23.46 -44.66 16.34
CA GLU G 36 22.33 -43.87 16.81
C GLU G 36 22.72 -42.41 17.01
N PHE G 37 23.90 -42.17 17.57
CA PHE G 37 24.39 -40.80 17.73
C PHE G 37 24.48 -40.09 16.38
N LEU G 38 25.08 -40.75 15.39
CA LEU G 38 25.22 -40.13 14.08
C LEU G 38 23.87 -39.89 13.42
N ALA G 39 22.94 -40.83 13.59
CA ALA G 39 21.62 -40.67 12.99
C ALA G 39 20.89 -39.46 13.56
N GLU G 40 20.90 -39.32 14.90
CA GLU G 40 20.25 -38.16 15.50
C GLU G 40 20.94 -36.86 15.09
N PHE G 41 22.27 -36.88 15.03
CA PHE G 41 23.02 -35.71 14.59
C PHE G 41 22.59 -35.26 13.20
N MET G 42 22.59 -36.19 12.24
CA MET G 42 22.28 -35.83 10.86
C MET G 42 20.84 -35.35 10.70
N SER G 43 19.89 -36.07 11.31
CA SER G 43 18.49 -35.67 11.16
C SER G 43 18.24 -34.28 11.77
N THR G 44 18.78 -34.03 12.96
CA THR G 44 18.61 -32.72 13.59
C THR G 44 19.25 -31.63 12.76
N TYR G 45 20.43 -31.90 12.20
CA TYR G 45 21.09 -30.91 11.35
C TYR G 45 20.23 -30.53 10.16
N VAL G 46 19.68 -31.53 9.46
CA VAL G 46 18.86 -31.24 8.28
C VAL G 46 17.63 -30.43 8.66
N MET G 47 16.91 -30.87 9.70
CA MET G 47 15.70 -30.17 10.11
C MET G 47 16.00 -28.72 10.45
N MET G 48 17.04 -28.50 11.27
CA MET G 48 17.32 -27.15 11.74
C MET G 48 17.80 -26.26 10.61
N VAL G 49 18.57 -26.80 9.66
CA VAL G 49 19.02 -25.99 8.52
C VAL G 49 17.82 -25.48 7.74
N PHE G 50 16.89 -26.38 7.40
CA PHE G 50 15.72 -25.93 6.63
C PHE G 50 14.89 -24.91 7.40
N GLY G 51 14.62 -25.19 8.68
CA GLY G 51 13.76 -24.30 9.46
C GLY G 51 14.37 -22.92 9.64
N LEU G 52 15.64 -22.86 10.04
CA LEU G 52 16.28 -21.57 10.25
C LEU G 52 16.46 -20.81 8.96
N GLY G 53 16.68 -21.52 7.83
CA GLY G 53 16.71 -20.82 6.56
C GLY G 53 15.40 -20.14 6.23
N SER G 54 14.28 -20.83 6.48
CA SER G 54 12.98 -20.21 6.24
C SER G 54 12.76 -19.00 7.15
N VAL G 55 13.15 -19.11 8.42
CA VAL G 55 12.99 -17.99 9.35
C VAL G 55 13.82 -16.79 8.90
N ALA G 56 15.06 -17.04 8.47
CA ALA G 56 15.92 -15.95 8.01
C ALA G 56 15.35 -15.30 6.75
N HIS G 57 14.83 -16.10 5.82
CA HIS G 57 14.14 -15.55 4.66
C HIS G 57 13.03 -14.60 5.09
N MET G 58 12.22 -15.02 6.06
CA MET G 58 11.11 -14.17 6.50
C MET G 58 11.62 -12.89 7.12
N VAL G 59 12.63 -12.98 8.00
CA VAL G 59 13.06 -11.82 8.77
C VAL G 59 13.75 -10.79 7.87
N LEU G 60 14.62 -11.24 6.98
CA LEU G 60 15.46 -10.29 6.24
C LEU G 60 14.72 -9.68 5.05
N ASN G 61 14.29 -10.52 4.11
CA ASN G 61 13.69 -10.00 2.89
C ASN G 61 12.18 -9.87 3.03
N LYS G 62 11.61 -8.99 2.21
CA LYS G 62 10.19 -8.69 2.22
C LYS G 62 9.40 -9.47 1.18
N LYS G 63 9.88 -9.49 -0.06
CA LYS G 63 9.18 -10.15 -1.15
C LYS G 63 9.50 -11.63 -1.27
N TYR G 64 10.48 -12.13 -0.53
CA TYR G 64 10.88 -13.53 -0.62
C TYR G 64 10.48 -14.34 0.60
N GLY G 65 9.80 -13.75 1.57
CA GLY G 65 9.48 -14.44 2.81
C GLY G 65 8.05 -14.25 3.22
N SER G 66 7.55 -15.23 3.97
CA SER G 66 6.21 -15.17 4.54
C SER G 66 6.14 -16.17 5.68
N TYR G 67 5.08 -16.02 6.49
CA TYR G 67 4.87 -16.93 7.61
C TYR G 67 4.60 -18.35 7.13
N LEU G 68 3.81 -18.48 6.06
CA LEU G 68 3.55 -19.79 5.49
C LEU G 68 4.84 -20.47 5.06
N GLY G 69 5.80 -19.69 4.56
CA GLY G 69 7.10 -20.26 4.22
C GLY G 69 7.82 -20.83 5.42
N VAL G 70 7.76 -20.14 6.56
CA VAL G 70 8.39 -20.63 7.78
C VAL G 70 7.77 -21.95 8.20
N ASN G 71 6.44 -22.00 8.18
CA ASN G 71 5.74 -23.22 8.59
C ASN G 71 6.11 -24.39 7.69
N LEU G 72 6.06 -24.18 6.36
CA LEU G 72 6.41 -25.24 5.43
C LEU G 72 7.86 -25.69 5.62
N GLY G 73 8.77 -24.73 5.81
CA GLY G 73 10.17 -25.10 5.97
C GLY G 73 10.40 -26.00 7.16
N PHE G 74 9.86 -25.62 8.32
CA PHE G 74 10.08 -26.45 9.51
C PHE G 74 9.41 -27.82 9.35
N GLY G 75 8.17 -27.86 8.86
CA GLY G 75 7.47 -29.13 8.76
C GLY G 75 8.15 -30.11 7.82
N PHE G 76 8.52 -29.65 6.63
CA PHE G 76 9.11 -30.59 5.69
C PHE G 76 10.60 -30.84 5.96
N GLY G 77 11.26 -29.98 6.71
CA GLY G 77 12.55 -30.36 7.27
C GLY G 77 12.40 -31.54 8.23
N VAL G 78 11.35 -31.52 9.06
CA VAL G 78 11.07 -32.67 9.91
C VAL G 78 10.85 -33.92 9.07
N THR G 79 10.09 -33.78 7.97
CA THR G 79 9.85 -34.93 7.09
C THR G 79 11.16 -35.51 6.56
N MET G 80 12.03 -34.65 6.02
CA MET G 80 13.29 -35.14 5.45
C MET G 80 14.18 -35.77 6.52
N GLY G 81 14.20 -35.21 7.72
CA GLY G 81 14.96 -35.83 8.80
C GLY G 81 14.42 -37.21 9.16
N VAL G 82 13.10 -37.35 9.19
CA VAL G 82 12.50 -38.67 9.46
C VAL G 82 12.93 -39.67 8.41
N HIS G 83 12.96 -39.27 7.14
CA HIS G 83 13.44 -40.18 6.11
C HIS G 83 14.91 -40.51 6.30
N VAL G 84 15.71 -39.54 6.74
CA VAL G 84 17.15 -39.77 6.90
C VAL G 84 17.43 -40.79 7.99
N ALA G 85 16.82 -40.62 9.16
CA ALA G 85 17.21 -41.44 10.30
C ALA G 85 16.00 -41.95 11.08
N GLY G 86 14.97 -42.40 10.37
CA GLY G 86 13.77 -42.87 11.02
C GLY G 86 13.77 -44.32 11.46
N ARG G 87 14.78 -45.10 11.06
CA ARG G 87 14.85 -46.51 11.40
C ARG G 87 16.01 -46.87 12.31
N ILE G 88 17.10 -46.11 12.24
CA ILE G 88 18.25 -46.38 13.10
C ILE G 88 17.95 -46.05 14.55
N SER G 89 17.31 -44.89 14.79
CA SER G 89 17.09 -44.41 16.14
C SER G 89 15.67 -43.99 16.44
N GLY G 90 14.79 -43.89 15.44
CA GLY G 90 13.44 -43.43 15.64
C GLY G 90 13.19 -42.00 15.19
N ALA G 91 14.25 -41.24 14.92
CA ALA G 91 14.13 -39.86 14.41
C ALA G 91 13.32 -38.99 15.34
N HIS G 92 13.73 -38.94 16.61
CA HIS G 92 13.06 -38.07 17.56
C HIS G 92 13.28 -36.61 17.23
N MET G 93 14.54 -36.22 17.02
CA MET G 93 14.91 -34.83 16.70
C MET G 93 14.38 -33.85 17.74
N ASN G 94 14.12 -34.33 18.95
CA ASN G 94 13.41 -33.54 19.95
C ASN G 94 13.76 -34.10 21.32
N ALA G 95 14.15 -33.22 22.25
CA ALA G 95 14.48 -33.68 23.59
C ALA G 95 13.23 -33.98 24.40
N ALA G 96 12.17 -33.20 24.20
CA ALA G 96 10.91 -33.46 24.90
C ALA G 96 10.31 -34.79 24.48
N VAL G 97 10.33 -35.10 23.18
CA VAL G 97 9.81 -36.38 22.70
C VAL G 97 10.63 -37.54 23.23
N THR G 98 11.95 -37.39 23.27
CA THR G 98 12.80 -38.44 23.83
C THR G 98 12.52 -38.65 25.31
N PHE G 99 12.37 -37.56 26.07
CA PHE G 99 12.05 -37.69 27.49
C PHE G 99 10.70 -38.35 27.70
N ALA G 100 9.70 -37.99 26.88
CA ALA G 100 8.39 -38.61 27.00
C ALA G 100 8.44 -40.10 26.69
N ASN G 101 9.19 -40.49 25.66
CA ASN G 101 9.32 -41.91 25.35
C ASN G 101 10.02 -42.67 26.46
N CYS G 102 11.12 -42.12 26.98
CA CYS G 102 11.86 -42.82 28.03
C CYS G 102 11.04 -42.94 29.30
N ALA G 103 10.33 -41.88 29.69
CA ALA G 103 9.60 -41.88 30.95
C ALA G 103 8.36 -42.77 30.91
N LEU G 104 7.83 -43.06 29.73
CA LEU G 104 6.67 -43.93 29.58
C LEU G 104 7.06 -45.38 29.34
N GLY G 105 8.35 -45.71 29.39
CA GLY G 105 8.78 -47.08 29.28
C GLY G 105 8.89 -47.62 27.86
N ARG G 106 9.11 -46.75 26.88
CA ARG G 106 9.26 -47.18 25.50
C ARG G 106 10.70 -47.22 25.03
N VAL G 107 11.59 -46.46 25.67
CA VAL G 107 13.01 -46.42 25.32
C VAL G 107 13.81 -46.55 26.61
N PRO G 108 14.92 -47.29 26.61
CA PRO G 108 15.74 -47.38 27.82
C PRO G 108 16.26 -46.02 28.25
N TRP G 109 16.35 -45.82 29.57
CA TRP G 109 16.85 -44.57 30.10
C TRP G 109 18.33 -44.36 29.82
N ARG G 110 19.06 -45.40 29.45
CA ARG G 110 20.49 -45.26 29.22
C ARG G 110 20.81 -44.59 27.89
N LYS G 111 19.83 -44.47 26.99
CA LYS G 111 20.04 -43.84 25.69
C LYS G 111 19.56 -42.40 25.62
N PHE G 112 19.13 -41.83 26.74
CA PHE G 112 18.78 -40.40 26.77
C PHE G 112 19.99 -39.50 26.52
N PRO G 113 21.13 -39.67 27.21
CA PRO G 113 22.25 -38.74 26.98
C PRO G 113 22.78 -38.73 25.56
N VAL G 114 22.87 -39.89 24.90
CA VAL G 114 23.46 -39.93 23.57
C VAL G 114 22.57 -39.21 22.57
N TYR G 115 21.25 -39.44 22.63
CA TYR G 115 20.33 -38.75 21.74
C TYR G 115 20.36 -37.25 21.99
N VAL G 116 20.34 -36.83 23.25
CA VAL G 116 20.32 -35.40 23.54
C VAL G 116 21.61 -34.73 23.07
N LEU G 117 22.76 -35.38 23.29
CA LEU G 117 24.02 -34.82 22.84
C LEU G 117 24.09 -34.71 21.32
N GLY G 118 23.63 -35.75 20.61
CA GLY G 118 23.63 -35.68 19.16
C GLY G 118 22.74 -34.56 18.63
N GLN G 119 21.54 -34.42 19.22
CA GLN G 119 20.63 -33.36 18.79
C GLN G 119 21.23 -31.99 19.04
N PHE G 120 21.86 -31.80 20.20
CA PHE G 120 22.45 -30.49 20.51
C PHE G 120 23.59 -30.16 19.56
N LEU G 121 24.46 -31.12 19.27
CA LEU G 121 25.54 -30.85 18.32
C LEU G 121 25.00 -30.50 16.95
N GLY G 122 24.01 -31.26 16.48
CA GLY G 122 23.43 -30.96 15.19
C GLY G 122 22.82 -29.57 15.12
N SER G 123 22.08 -29.19 16.17
CA SER G 123 21.46 -27.87 16.17
C SER G 123 22.50 -26.76 16.19
N PHE G 124 23.57 -26.93 16.97
CA PHE G 124 24.63 -25.92 17.01
C PHE G 124 25.27 -25.74 15.64
N LEU G 125 25.60 -26.84 14.97
CA LEU G 125 26.22 -26.73 13.65
C LEU G 125 25.27 -26.17 12.61
N ALA G 126 23.97 -26.46 12.73
CA ALA G 126 23.00 -25.87 11.81
C ALA G 126 22.92 -24.36 11.99
N ALA G 127 22.97 -23.89 13.23
CA ALA G 127 23.00 -22.46 13.48
C ALA G 127 24.25 -21.82 12.88
N ALA G 128 25.40 -22.48 13.03
CA ALA G 128 26.63 -21.95 12.45
C ALA G 128 26.54 -21.88 10.92
N THR G 129 25.96 -22.90 10.30
CA THR G 129 25.80 -22.92 8.85
C THR G 129 24.90 -21.78 8.38
N ILE G 130 23.77 -21.57 9.06
CA ILE G 130 22.86 -20.49 8.65
C ILE G 130 23.53 -19.14 8.85
N TYR G 131 24.34 -19.00 9.89
CA TYR G 131 25.09 -17.75 10.09
C TYR G 131 26.07 -17.51 8.96
N SER G 132 26.75 -18.57 8.50
CA SER G 132 27.76 -18.40 7.45
C SER G 132 27.13 -18.14 6.08
N LEU G 133 25.98 -18.76 5.79
CA LEU G 133 25.41 -18.62 4.46
C LEU G 133 24.76 -17.26 4.24
N PHE G 134 24.12 -16.69 5.27
CA PHE G 134 23.36 -15.46 5.16
C PHE G 134 24.11 -14.25 5.71
N TYR G 135 25.45 -14.32 5.76
CA TYR G 135 26.23 -13.30 6.47
C TYR G 135 26.07 -11.93 5.84
N THR G 136 26.24 -11.83 4.52
CA THR G 136 26.15 -10.55 3.84
C THR G 136 24.77 -9.95 3.97
N ALA G 137 23.72 -10.78 3.85
CA ALA G 137 22.36 -10.28 3.99
C ALA G 137 22.10 -9.76 5.40
N ILE G 138 22.62 -10.46 6.41
CA ILE G 138 22.43 -10.01 7.79
C ILE G 138 23.08 -8.65 8.00
N LEU G 139 24.33 -8.49 7.53
CA LEU G 139 25.00 -7.21 7.71
C LEU G 139 24.31 -6.10 6.92
N HIS G 140 23.85 -6.41 5.71
CA HIS G 140 23.15 -5.40 4.91
C HIS G 140 21.84 -4.98 5.56
N PHE G 141 21.10 -5.93 6.15
CA PHE G 141 19.84 -5.60 6.79
C PHE G 141 20.06 -4.78 8.05
N SER G 142 20.97 -5.23 8.92
CA SER G 142 21.12 -4.57 10.21
C SER G 142 21.88 -3.26 10.11
N GLY G 143 22.83 -3.17 9.18
CA GLY G 143 23.72 -2.03 9.11
C GLY G 143 25.05 -2.22 9.79
N GLY G 144 25.38 -3.44 10.20
CA GLY G 144 26.64 -3.75 10.86
C GLY G 144 26.55 -3.98 12.35
N GLN G 145 25.45 -3.60 12.98
CA GLN G 145 25.25 -3.76 14.41
C GLN G 145 24.32 -4.93 14.69
N LEU G 146 24.76 -5.86 15.53
CA LEU G 146 23.99 -7.04 15.87
C LEU G 146 23.18 -6.75 17.12
N MET G 147 21.86 -6.64 16.96
CA MET G 147 20.96 -6.18 18.01
C MET G 147 19.99 -7.28 18.38
N VAL G 148 19.85 -7.53 19.69
CA VAL G 148 18.86 -8.50 20.16
C VAL G 148 17.45 -7.96 20.00
N THR G 149 17.24 -6.69 20.35
CA THR G 149 15.92 -6.07 20.31
C THR G 149 16.00 -4.73 19.60
N GLY G 150 14.89 -4.32 19.01
CA GLY G 150 14.80 -3.10 18.26
C GLY G 150 14.04 -3.29 16.97
N PRO G 151 14.05 -2.28 16.10
CA PRO G 151 13.39 -2.44 14.79
C PRO G 151 14.24 -3.14 13.75
N VAL G 152 15.53 -3.36 14.01
CA VAL G 152 16.40 -4.08 13.10
C VAL G 152 17.04 -5.27 13.80
N ALA G 153 16.29 -5.87 14.73
CA ALA G 153 16.82 -7.00 15.49
C ALA G 153 16.93 -8.23 14.60
N THR G 154 18.08 -8.90 14.69
CA THR G 154 18.33 -10.11 13.93
C THR G 154 18.60 -11.33 14.81
N ALA G 155 18.54 -11.19 16.13
CA ALA G 155 18.75 -12.35 16.99
C ALA G 155 17.57 -13.31 16.97
N GLY G 156 16.43 -12.90 16.43
CA GLY G 156 15.26 -13.75 16.37
C GLY G 156 15.28 -14.78 15.26
N ILE G 157 16.29 -14.72 14.40
CA ILE G 157 16.45 -15.75 13.37
C ILE G 157 16.81 -17.09 14.00
N PHE G 158 17.61 -17.07 15.06
CA PHE G 158 18.18 -18.28 15.63
C PHE G 158 17.36 -18.85 16.79
N ALA G 159 16.89 -18.00 17.69
CA ALA G 159 16.11 -18.45 18.83
C ALA G 159 14.79 -17.69 18.87
N THR G 160 13.94 -18.06 19.83
CA THR G 160 12.62 -17.44 19.99
C THR G 160 12.64 -16.51 21.19
N TYR G 161 11.96 -15.37 21.05
CA TYR G 161 11.89 -14.37 22.10
C TYR G 161 10.43 -14.03 22.38
N LEU G 162 10.17 -13.59 23.60
CA LEU G 162 8.81 -13.32 24.03
C LEU G 162 8.24 -12.12 23.29
N PRO G 163 7.02 -12.19 22.75
CA PRO G 163 6.44 -11.04 22.04
C PRO G 163 6.15 -9.87 22.96
N ASP G 164 5.58 -8.80 22.39
CA ASP G 164 5.40 -7.57 23.16
C ASP G 164 4.24 -7.69 24.15
N HIS G 165 3.15 -8.33 23.75
CA HIS G 165 1.95 -8.38 24.59
C HIS G 165 1.94 -9.54 25.57
N MET G 166 2.88 -10.47 25.48
CA MET G 166 2.86 -11.68 26.28
C MET G 166 3.53 -11.46 27.63
N THR G 167 3.18 -12.34 28.58
CA THR G 167 3.86 -12.45 29.86
C THR G 167 4.56 -13.80 29.92
N LEU G 168 5.28 -14.04 31.01
CA LEU G 168 6.09 -15.26 31.09
C LEU G 168 5.23 -16.50 31.29
N TRP G 169 4.24 -16.44 32.17
CA TRP G 169 3.45 -17.64 32.47
C TRP G 169 2.46 -17.96 31.36
N ARG G 170 1.98 -16.95 30.63
CA ARG G 170 1.23 -17.24 29.41
C ARG G 170 2.09 -18.01 28.42
N GLY G 171 3.36 -17.61 28.29
CA GLY G 171 4.27 -18.35 27.42
C GLY G 171 4.51 -19.77 27.90
N PHE G 172 4.61 -19.96 29.21
CA PHE G 172 4.76 -21.29 29.77
C PHE G 172 3.55 -22.17 29.39
N LEU G 173 2.35 -21.61 29.57
CA LEU G 173 1.14 -22.34 29.21
C LEU G 173 1.11 -22.69 27.72
N ASN G 174 1.48 -21.73 26.87
CA ASN G 174 1.49 -21.97 25.43
C ASN G 174 2.46 -23.10 25.07
N GLU G 175 3.67 -23.04 25.61
CA GLU G 175 4.68 -24.06 25.29
C GLU G 175 4.19 -25.45 25.73
N ALA G 176 3.69 -25.56 26.95
CA ALA G 176 3.24 -26.85 27.46
C ALA G 176 2.10 -27.40 26.60
N TRP G 177 1.11 -26.57 26.28
CA TRP G 177 -0.04 -27.07 25.54
C TRP G 177 0.35 -27.48 24.13
N LEU G 178 1.18 -26.69 23.46
CA LEU G 178 1.58 -27.04 22.10
C LEU G 178 2.38 -28.33 22.07
N THR G 179 3.30 -28.52 23.02
CA THR G 179 4.05 -29.76 23.04
C THR G 179 3.15 -30.95 23.36
N GLY G 180 2.14 -30.76 24.22
CA GLY G 180 1.21 -31.83 24.49
C GLY G 180 0.42 -32.24 23.26
N MET G 181 -0.07 -31.26 22.49
CA MET G 181 -0.77 -31.58 21.25
C MET G 181 0.13 -32.32 20.28
N LEU G 182 1.37 -31.86 20.13
CA LEU G 182 2.32 -32.52 19.24
C LEU G 182 2.52 -33.97 19.64
N GLN G 183 2.74 -34.23 20.93
CA GLN G 183 3.00 -35.60 21.38
C GLN G 183 1.79 -36.50 21.20
N LEU G 184 0.59 -35.99 21.49
CA LEU G 184 -0.60 -36.80 21.32
C LEU G 184 -0.81 -37.19 19.86
N CYS G 185 -0.67 -36.23 18.95
CA CYS G 185 -0.83 -36.56 17.54
C CYS G 185 0.28 -37.49 17.05
N LEU G 186 1.51 -37.32 17.56
CA LEU G 186 2.60 -38.21 17.16
C LEU G 186 2.33 -39.64 17.61
N PHE G 187 1.81 -39.82 18.83
CA PHE G 187 1.43 -41.16 19.26
C PHE G 187 0.32 -41.73 18.40
N ALA G 188 -0.64 -40.89 18.02
CA ALA G 188 -1.76 -41.38 17.20
C ALA G 188 -1.29 -41.82 15.82
N ILE G 189 -0.34 -41.11 15.22
CA ILE G 189 0.05 -41.38 13.84
C ILE G 189 0.76 -42.72 13.73
N THR G 190 1.61 -43.07 14.69
CA THR G 190 2.47 -44.24 14.60
C THR G 190 1.97 -45.43 15.43
N ASP G 191 0.73 -45.40 15.90
CA ASP G 191 0.20 -46.47 16.74
C ASP G 191 -0.33 -47.59 15.85
N GLN G 192 0.30 -48.77 15.94
CA GLN G 192 -0.02 -49.86 15.02
C GLN G 192 -1.34 -50.54 15.36
N GLU G 193 -1.68 -50.65 16.65
CA GLU G 193 -2.96 -51.24 17.03
C GLU G 193 -4.12 -50.36 16.61
N ASN G 194 -3.98 -49.05 16.75
CA ASN G 194 -5.01 -48.10 16.35
C ASN G 194 -4.97 -47.92 14.84
N ASN G 195 -5.50 -46.82 14.35
CA ASN G 195 -5.48 -46.45 12.93
C ASN G 195 -4.19 -45.70 12.60
N PRO G 196 -3.16 -46.36 12.05
CA PRO G 196 -1.90 -45.67 11.77
C PRO G 196 -1.79 -45.19 10.33
N ALA G 197 -0.80 -44.35 10.06
CA ALA G 197 -0.50 -43.98 8.69
C ALA G 197 0.16 -45.15 7.97
N LEU G 198 -0.12 -45.26 6.68
CA LEU G 198 0.40 -46.38 5.90
C LEU G 198 1.93 -46.36 5.95
N PRO G 199 2.57 -47.47 6.32
CA PRO G 199 4.03 -47.47 6.45
C PRO G 199 4.71 -47.05 5.15
N GLY G 200 5.65 -46.13 5.26
CA GLY G 200 6.26 -45.48 4.11
C GLY G 200 5.70 -44.12 3.81
N THR G 201 4.57 -43.75 4.41
CA THR G 201 3.96 -42.43 4.21
C THR G 201 3.79 -41.67 5.52
N GLU G 202 4.50 -42.08 6.57
CA GLU G 202 4.38 -41.43 7.86
C GLU G 202 5.11 -40.09 7.91
N ALA G 203 6.22 -39.97 7.17
CA ALA G 203 6.99 -38.74 7.20
C ALA G 203 6.19 -37.55 6.69
N LEU G 204 5.40 -37.77 5.63
CA LEU G 204 4.55 -36.70 5.11
C LEU G 204 3.55 -36.24 6.15
N VAL G 205 2.93 -37.18 6.86
CA VAL G 205 1.91 -36.82 7.84
C VAL G 205 2.52 -36.09 9.01
N ILE G 206 3.72 -36.49 9.45
CA ILE G 206 4.39 -35.78 10.53
C ILE G 206 4.76 -34.36 10.09
N GLY G 207 5.25 -34.22 8.86
CA GLY G 207 5.52 -32.88 8.35
C GLY G 207 4.28 -32.01 8.32
N ILE G 208 3.16 -32.56 7.88
CA ILE G 208 1.91 -31.79 7.84
C ILE G 208 1.46 -31.43 9.25
N LEU G 209 1.65 -32.33 10.20
CA LEU G 209 1.31 -32.04 11.59
C LEU G 209 2.10 -30.83 12.10
N VAL G 210 3.40 -30.82 11.85
CA VAL G 210 4.22 -29.69 12.30
C VAL G 210 3.83 -28.41 11.56
N VAL G 211 3.49 -28.53 10.28
CA VAL G 211 3.08 -27.36 9.50
C VAL G 211 1.83 -26.73 10.11
N ILE G 212 0.84 -27.54 10.46
CA ILE G 212 -0.39 -26.96 10.99
C ILE G 212 -0.23 -26.53 12.45
N ILE G 213 0.68 -27.14 13.21
CA ILE G 213 1.00 -26.60 14.52
C ILE G 213 1.56 -25.20 14.39
N GLY G 214 2.42 -24.97 13.40
CA GLY G 214 2.91 -23.63 13.15
C GLY G 214 1.82 -22.68 12.68
N VAL G 215 0.95 -23.14 11.79
CA VAL G 215 -0.07 -22.27 11.22
C VAL G 215 -1.09 -21.84 12.26
N SER G 216 -1.53 -22.78 13.12
CA SER G 216 -2.66 -22.52 13.99
C SER G 216 -2.26 -21.81 15.28
N LEU G 217 -1.13 -22.16 15.87
CA LEU G 217 -0.81 -21.74 17.23
C LEU G 217 0.62 -21.23 17.33
N GLY G 218 1.06 -20.42 16.38
CA GLY G 218 2.47 -20.10 16.33
C GLY G 218 2.88 -18.69 16.70
N MET G 219 1.95 -17.73 16.66
CA MET G 219 2.34 -16.34 16.82
C MET G 219 2.53 -15.93 18.27
N ASN G 220 2.03 -16.71 19.22
CA ASN G 220 2.09 -16.29 20.61
C ASN G 220 3.47 -16.47 21.21
N THR G 221 4.20 -17.52 20.84
CA THR G 221 5.52 -17.75 21.42
C THR G 221 6.59 -18.13 20.40
N GLY G 222 6.27 -18.21 19.11
CA GLY G 222 7.20 -18.74 18.14
C GLY G 222 7.28 -20.24 18.09
N TYR G 223 6.42 -20.93 18.84
CA TYR G 223 6.33 -22.39 18.94
C TYR G 223 7.71 -23.05 18.87
N ALA G 224 8.55 -22.71 19.83
CA ALA G 224 9.81 -23.41 20.07
C ALA G 224 9.50 -24.65 20.92
N ILE G 225 8.77 -25.58 20.31
CA ILE G 225 8.25 -26.76 21.02
C ILE G 225 9.33 -27.83 21.10
N ASN G 226 10.56 -27.44 20.79
CA ASN G 226 11.72 -28.33 20.82
C ASN G 226 12.79 -27.65 21.64
N PRO G 227 13.24 -28.24 22.76
CA PRO G 227 14.37 -27.64 23.49
C PRO G 227 15.63 -27.52 22.66
N SER G 228 15.89 -28.50 21.80
CA SER G 228 17.08 -28.47 20.94
C SER G 228 16.97 -27.42 19.86
N ARG G 229 15.74 -27.06 19.47
CA ARG G 229 15.56 -25.98 18.51
C ARG G 229 15.87 -24.62 19.13
N ASP G 230 15.81 -24.51 20.45
CA ASP G 230 15.90 -23.21 21.11
C ASP G 230 17.25 -22.96 21.77
N LEU G 231 17.78 -23.92 22.51
CA LEU G 231 18.93 -23.58 23.35
C LEU G 231 20.25 -23.47 22.59
N PRO G 232 20.63 -24.43 21.74
CA PRO G 232 21.94 -24.34 21.08
C PRO G 232 22.07 -23.13 20.16
N PRO G 233 21.05 -22.76 19.38
CA PRO G 233 21.16 -21.49 18.63
C PRO G 233 21.33 -20.27 19.51
N ARG G 234 20.67 -20.25 20.68
CA ARG G 234 20.86 -19.14 21.60
C ARG G 234 22.29 -19.08 22.12
N ILE G 235 22.88 -20.24 22.44
CA ILE G 235 24.27 -20.27 22.84
C ILE G 235 25.17 -19.77 21.73
N PHE G 236 24.88 -20.17 20.49
CA PHE G 236 25.69 -19.69 19.37
C PHE G 236 25.61 -18.18 19.21
N THR G 237 24.40 -17.62 19.32
CA THR G 237 24.28 -16.17 19.19
C THR G 237 24.99 -15.45 20.32
N PHE G 238 24.98 -16.02 21.52
CA PHE G 238 25.76 -15.44 22.61
C PHE G 238 27.25 -15.45 22.27
N ILE G 239 27.74 -16.55 21.72
CA ILE G 239 29.17 -16.66 21.40
C ILE G 239 29.56 -15.73 20.26
N ALA G 240 28.69 -15.58 19.27
CA ALA G 240 29.04 -14.97 17.98
C ALA G 240 28.98 -13.45 17.97
N GLY G 241 28.64 -12.80 19.08
CA GLY G 241 28.66 -11.36 19.14
C GLY G 241 27.32 -10.66 19.29
N TRP G 242 26.25 -11.40 19.55
CA TRP G 242 24.98 -10.76 19.86
C TRP G 242 24.87 -10.33 21.32
N GLY G 243 25.85 -10.67 22.14
CA GLY G 243 25.91 -10.18 23.50
C GLY G 243 25.27 -11.09 24.51
N LYS G 244 25.24 -10.62 25.75
CA LYS G 244 24.65 -11.37 26.85
C LYS G 244 23.19 -11.03 27.07
N GLN G 245 22.60 -10.19 26.21
CA GLN G 245 21.18 -9.89 26.32
C GLN G 245 20.30 -11.01 25.80
N VAL G 246 20.87 -12.04 25.16
CA VAL G 246 20.07 -13.15 24.68
C VAL G 246 19.45 -13.91 25.85
N PHE G 247 20.15 -14.00 26.98
CA PHE G 247 19.66 -14.72 28.13
C PHE G 247 18.83 -13.88 29.07
N SER G 248 19.06 -12.56 29.12
CA SER G 248 18.37 -11.69 30.06
C SER G 248 17.26 -10.86 29.43
N ASN G 249 16.87 -11.17 28.20
CA ASN G 249 15.78 -10.47 27.54
C ASN G 249 14.46 -11.13 27.89
N GLY G 250 13.43 -10.31 28.12
CA GLY G 250 12.12 -10.82 28.46
C GLY G 250 12.04 -11.49 29.81
N GLU G 251 12.74 -10.95 30.81
CA GLU G 251 12.71 -11.47 32.18
C GLU G 251 13.18 -12.92 32.25
N ASN G 252 14.35 -13.19 31.65
CA ASN G 252 14.97 -14.50 31.68
C ASN G 252 14.05 -15.56 31.08
N TRP G 253 13.75 -15.39 29.80
CA TRP G 253 12.88 -16.29 29.07
C TRP G 253 13.59 -17.57 28.61
N TRP G 254 14.91 -17.64 28.74
CA TRP G 254 15.67 -18.71 28.11
C TRP G 254 15.36 -20.09 28.67
N TRP G 255 14.74 -20.20 29.84
CA TRP G 255 14.52 -21.50 30.46
C TRP G 255 13.12 -22.04 30.25
N VAL G 256 12.15 -21.21 29.86
CA VAL G 256 10.81 -21.71 29.61
C VAL G 256 10.75 -22.71 28.46
N PRO G 257 11.36 -22.45 27.30
CA PRO G 257 11.36 -23.46 26.23
C PRO G 257 12.14 -24.72 26.57
N VAL G 258 12.94 -24.72 27.63
CA VAL G 258 13.67 -25.91 28.02
C VAL G 258 12.88 -26.77 29.01
N VAL G 259 12.00 -26.17 29.81
CA VAL G 259 11.31 -26.87 30.88
C VAL G 259 9.87 -27.21 30.50
N ALA G 260 9.15 -26.26 29.89
CA ALA G 260 7.74 -26.50 29.58
C ALA G 260 7.51 -27.67 28.63
N PRO G 261 8.27 -27.82 27.53
CA PRO G 261 7.98 -28.95 26.63
C PRO G 261 8.07 -30.32 27.25
N LEU G 262 8.95 -30.55 28.22
CA LEU G 262 9.03 -31.87 28.84
C LEU G 262 7.72 -32.23 29.52
N LEU G 263 7.19 -31.32 30.33
CA LEU G 263 5.92 -31.55 31.00
C LEU G 263 4.79 -31.70 30.00
N GLY G 264 4.76 -30.84 28.97
CA GLY G 264 3.70 -30.95 27.97
C GLY G 264 3.69 -32.27 27.25
N ALA G 265 4.88 -32.72 26.83
CA ALA G 265 4.98 -33.98 26.10
C ALA G 265 4.59 -35.16 26.99
N TYR G 266 5.04 -35.17 28.24
CA TYR G 266 4.67 -36.25 29.14
C TYR G 266 3.16 -36.30 29.34
N LEU G 267 2.53 -35.15 29.58
CA LEU G 267 1.09 -35.14 29.81
C LEU G 267 0.31 -35.58 28.57
N GLY G 268 0.72 -35.11 27.38
CA GLY G 268 0.04 -35.54 26.17
C GLY G 268 0.16 -37.04 25.94
N GLY G 269 1.36 -37.59 26.15
CA GLY G 269 1.55 -39.01 25.97
C GLY G 269 0.73 -39.84 26.94
N ILE G 270 0.72 -39.45 28.21
CA ILE G 270 -0.03 -40.24 29.20
C ILE G 270 -1.54 -40.12 28.94
N ILE G 271 -2.01 -38.96 28.48
CA ILE G 271 -3.42 -38.81 28.15
C ILE G 271 -3.79 -39.74 27.00
N TYR G 272 -2.98 -39.75 25.95
CA TYR G 272 -3.29 -40.64 24.83
C TYR G 272 -3.29 -42.10 25.26
N LEU G 273 -2.30 -42.49 26.07
CA LEU G 273 -2.22 -43.90 26.48
C LEU G 273 -3.40 -44.30 27.34
N VAL G 274 -3.84 -43.43 28.25
CA VAL G 274 -4.96 -43.78 29.13
C VAL G 274 -6.27 -43.81 28.35
N PHE G 275 -6.52 -42.80 27.52
CA PHE G 275 -7.85 -42.65 26.93
C PHE G 275 -8.01 -43.41 25.61
N ILE G 276 -7.17 -43.11 24.62
CA ILE G 276 -7.35 -43.70 23.29
C ILE G 276 -6.75 -45.10 23.25
N GLY G 277 -5.56 -45.28 23.80
CA GLY G 277 -4.93 -46.60 23.81
C GLY G 277 -5.62 -47.57 24.73
N ILE H 25 -38.01 -47.77 -12.62
CA ILE H 25 -36.93 -46.84 -12.90
C ILE H 25 -35.59 -47.54 -12.81
N GLN H 26 -35.43 -48.39 -11.79
CA GLN H 26 -34.15 -49.04 -11.55
C GLN H 26 -33.70 -49.88 -12.74
N GLU H 27 -34.64 -50.36 -13.55
CA GLU H 27 -34.27 -51.16 -14.72
C GLU H 27 -33.49 -50.32 -15.73
N ILE H 28 -34.01 -49.15 -16.09
CA ILE H 28 -33.32 -48.29 -17.04
C ILE H 28 -32.03 -47.74 -16.45
N LEU H 29 -32.04 -47.41 -15.16
CA LEU H 29 -30.88 -46.83 -14.50
C LEU H 29 -29.72 -47.81 -14.40
N GLN H 30 -29.93 -49.09 -14.68
CA GLN H 30 -28.87 -50.10 -14.59
C GLN H 30 -28.11 -50.28 -15.90
N ARG H 31 -28.48 -49.58 -16.96
CA ARG H 31 -27.74 -49.67 -18.22
C ARG H 31 -26.35 -49.10 -18.06
N LYS H 32 -25.36 -49.72 -18.72
CA LYS H 32 -23.98 -49.28 -18.58
C LYS H 32 -23.77 -47.89 -19.17
N MET H 33 -24.41 -47.61 -20.31
CA MET H 33 -24.28 -46.28 -20.91
C MET H 33 -24.85 -45.20 -20.00
N VAL H 34 -25.99 -45.49 -19.36
CA VAL H 34 -26.56 -44.54 -18.41
C VAL H 34 -25.63 -44.33 -17.24
N ARG H 35 -25.01 -45.41 -16.74
CA ARG H 35 -24.07 -45.29 -15.63
C ARG H 35 -22.88 -44.41 -16.00
N GLU H 36 -22.33 -44.61 -17.20
CA GLU H 36 -21.20 -43.80 -17.63
C GLU H 36 -21.58 -42.34 -17.82
N PHE H 37 -22.76 -42.09 -18.40
CA PHE H 37 -23.25 -40.72 -18.55
C PHE H 37 -23.39 -40.04 -17.20
N LEU H 38 -23.98 -40.73 -16.21
CA LEU H 38 -24.14 -40.15 -14.89
C LEU H 38 -22.80 -39.91 -14.20
N ALA H 39 -21.86 -40.83 -14.38
CA ALA H 39 -20.54 -40.66 -13.76
C ALA H 39 -19.83 -39.43 -14.31
N GLU H 40 -19.85 -39.26 -15.64
CA GLU H 40 -19.23 -38.08 -16.24
C GLU H 40 -19.94 -36.81 -15.78
N PHE H 41 -21.27 -36.84 -15.73
CA PHE H 41 -22.04 -35.69 -15.27
C PHE H 41 -21.62 -35.27 -13.86
N MET H 42 -21.60 -36.22 -12.93
CA MET H 42 -21.32 -35.89 -11.53
C MET H 42 -19.88 -35.40 -11.36
N SER H 43 -18.92 -36.08 -11.97
CA SER H 43 -17.53 -35.67 -11.80
C SER H 43 -17.29 -34.27 -12.38
N THR H 44 -17.81 -34.00 -13.58
CA THR H 44 -17.65 -32.68 -14.17
C THR H 44 -18.33 -31.61 -13.33
N TYR H 45 -19.51 -31.90 -12.80
CA TYR H 45 -20.21 -30.93 -11.97
C TYR H 45 -19.38 -30.56 -10.74
N VAL H 46 -18.83 -31.57 -10.07
CA VAL H 46 -18.04 -31.31 -8.86
C VAL H 46 -16.82 -30.46 -9.19
N MET H 47 -16.07 -30.85 -10.24
CA MET H 47 -14.86 -30.12 -10.60
C MET H 47 -15.18 -28.68 -10.96
N MET H 48 -16.23 -28.46 -11.75
CA MET H 48 -16.54 -27.11 -12.21
C MET H 48 -17.05 -26.24 -11.05
N VAL H 49 -17.82 -26.82 -10.13
CA VAL H 49 -18.29 -26.04 -8.99
C VAL H 49 -17.09 -25.54 -8.18
N PHE H 50 -16.13 -26.42 -7.90
CA PHE H 50 -14.97 -25.98 -7.12
C PHE H 50 -14.16 -24.92 -7.86
N GLY H 51 -13.90 -25.14 -9.15
CA GLY H 51 -13.09 -24.19 -9.90
C GLY H 51 -13.73 -22.82 -10.03
N LEU H 52 -15.02 -22.79 -10.41
CA LEU H 52 -15.70 -21.51 -10.57
C LEU H 52 -15.89 -20.80 -9.24
N GLY H 53 -16.09 -21.55 -8.15
CA GLY H 53 -16.13 -20.91 -6.84
C GLY H 53 -14.83 -20.22 -6.49
N SER H 54 -13.70 -20.87 -6.77
CA SER H 54 -12.41 -20.24 -6.49
C SER H 54 -12.22 -18.98 -7.34
N VAL H 55 -12.58 -19.04 -8.62
CA VAL H 55 -12.44 -17.87 -9.49
C VAL H 55 -13.32 -16.72 -9.00
N ALA H 56 -14.55 -17.03 -8.58
CA ALA H 56 -15.44 -15.98 -8.06
C ALA H 56 -14.88 -15.38 -6.78
N HIS H 57 -14.32 -16.20 -5.91
CA HIS H 57 -13.65 -15.68 -4.71
C HIS H 57 -12.56 -14.70 -5.08
N MET H 58 -11.73 -15.05 -6.07
CA MET H 58 -10.65 -14.15 -6.46
C MET H 58 -11.17 -12.85 -7.04
N VAL H 59 -12.13 -12.92 -7.96
CA VAL H 59 -12.56 -11.72 -8.68
C VAL H 59 -13.34 -10.79 -7.77
N LEU H 60 -14.28 -11.33 -6.99
CA LEU H 60 -15.18 -10.48 -6.22
C LEU H 60 -14.47 -9.85 -5.03
N ASN H 61 -13.91 -10.67 -4.15
CA ASN H 61 -13.29 -10.16 -2.93
C ASN H 61 -11.80 -10.00 -3.12
N LYS H 62 -11.19 -9.22 -2.22
CA LYS H 62 -9.77 -8.91 -2.26
C LYS H 62 -8.97 -9.60 -1.17
N LYS H 63 -9.48 -9.58 0.06
CA LYS H 63 -8.81 -10.26 1.16
C LYS H 63 -9.13 -11.75 1.24
N TYR H 64 -10.12 -12.22 0.50
CA TYR H 64 -10.54 -13.61 0.52
C TYR H 64 -10.16 -14.36 -0.76
N GLY H 65 -9.35 -13.76 -1.61
CA GLY H 65 -9.04 -14.37 -2.89
C GLY H 65 -7.58 -14.18 -3.26
N SER H 66 -7.08 -15.10 -4.08
CA SER H 66 -5.73 -15.05 -4.60
C SER H 66 -5.66 -15.93 -5.83
N TYR H 67 -4.58 -15.78 -6.58
CA TYR H 67 -4.36 -16.64 -7.75
C TYR H 67 -4.01 -18.06 -7.32
N LEU H 68 -3.26 -18.19 -6.22
CA LEU H 68 -2.92 -19.51 -5.71
C LEU H 68 -4.17 -20.26 -5.27
N GLY H 69 -5.14 -19.56 -4.69
CA GLY H 69 -6.39 -20.20 -4.35
C GLY H 69 -7.13 -20.70 -5.57
N VAL H 70 -7.09 -19.94 -6.67
CA VAL H 70 -7.72 -20.38 -7.91
C VAL H 70 -7.07 -21.67 -8.39
N ASN H 71 -5.73 -21.69 -8.39
CA ASN H 71 -5.01 -22.88 -8.84
C ASN H 71 -5.35 -24.08 -7.97
N LEU H 72 -5.37 -23.90 -6.65
CA LEU H 72 -5.67 -24.99 -5.74
C LEU H 72 -7.08 -25.54 -5.97
N GLY H 73 -8.06 -24.64 -6.09
CA GLY H 73 -9.42 -25.09 -6.29
C GLY H 73 -9.60 -25.86 -7.58
N PHE H 74 -9.13 -25.29 -8.69
CA PHE H 74 -9.27 -25.96 -9.97
C PHE H 74 -8.45 -27.24 -10.04
N GLY H 75 -7.38 -27.34 -9.26
CA GLY H 75 -6.56 -28.55 -9.27
C GLY H 75 -7.15 -29.69 -8.47
N PHE H 76 -7.55 -29.43 -7.23
CA PHE H 76 -8.06 -30.52 -6.40
C PHE H 76 -9.54 -30.84 -6.64
N GLY H 77 -10.27 -29.97 -7.34
CA GLY H 77 -11.57 -30.39 -7.85
C GLY H 77 -11.45 -31.59 -8.77
N VAL H 78 -10.35 -31.64 -9.54
CA VAL H 78 -10.08 -32.78 -10.42
C VAL H 78 -9.86 -34.05 -9.60
N THR H 79 -9.14 -33.92 -8.47
CA THR H 79 -8.94 -35.08 -7.60
C THR H 79 -10.27 -35.60 -7.07
N MET H 80 -11.15 -34.70 -6.63
CA MET H 80 -12.45 -35.15 -6.12
C MET H 80 -13.28 -35.79 -7.23
N GLY H 81 -13.23 -35.22 -8.44
CA GLY H 81 -13.96 -35.83 -9.55
C GLY H 81 -13.44 -37.21 -9.91
N VAL H 82 -12.12 -37.39 -9.87
CA VAL H 82 -11.53 -38.69 -10.14
C VAL H 82 -11.98 -39.71 -9.09
N HIS H 83 -12.04 -39.31 -7.83
CA HIS H 83 -12.55 -40.22 -6.82
C HIS H 83 -14.02 -40.55 -7.06
N VAL H 84 -14.80 -39.57 -7.53
CA VAL H 84 -16.23 -39.82 -7.74
C VAL H 84 -16.44 -40.82 -8.88
N ALA H 85 -15.79 -40.62 -10.01
CA ALA H 85 -16.12 -41.38 -11.21
C ALA H 85 -14.88 -41.90 -11.92
N GLY H 86 -13.89 -42.38 -11.17
CA GLY H 86 -12.66 -42.82 -11.78
C GLY H 86 -12.68 -44.23 -12.34
N ARG H 87 -13.57 -45.09 -11.82
CA ARG H 87 -13.63 -46.48 -12.25
C ARG H 87 -14.72 -46.73 -13.28
N ILE H 88 -15.86 -46.05 -13.15
CA ILE H 88 -17.00 -46.31 -14.04
C ILE H 88 -16.66 -45.93 -15.47
N SER H 89 -16.05 -44.75 -15.67
CA SER H 89 -15.83 -44.23 -17.01
C SER H 89 -14.42 -43.70 -17.24
N GLY H 90 -13.54 -43.74 -16.26
CA GLY H 90 -12.19 -43.25 -16.42
C GLY H 90 -11.97 -41.80 -15.99
N ALA H 91 -13.04 -41.04 -15.77
CA ALA H 91 -12.97 -39.68 -15.26
C ALA H 91 -12.12 -38.78 -16.17
N HIS H 92 -12.63 -38.58 -17.39
CA HIS H 92 -11.99 -37.66 -18.31
C HIS H 92 -12.27 -36.21 -17.92
N MET H 93 -13.55 -35.86 -17.80
CA MET H 93 -13.98 -34.51 -17.41
C MET H 93 -13.44 -33.44 -18.36
N ASN H 94 -13.23 -33.82 -19.63
CA ASN H 94 -12.57 -32.96 -20.60
C ASN H 94 -12.87 -33.50 -21.99
N ALA H 95 -13.37 -32.64 -22.88
CA ALA H 95 -13.66 -33.09 -24.23
C ALA H 95 -12.38 -33.38 -25.01
N ALA H 96 -11.32 -32.61 -24.77
CA ALA H 96 -10.07 -32.84 -25.46
C ALA H 96 -9.44 -34.16 -25.07
N VAL H 97 -9.48 -34.50 -23.78
CA VAL H 97 -8.94 -35.77 -23.31
C VAL H 97 -9.73 -36.94 -23.90
N THR H 98 -11.06 -36.81 -23.94
CA THR H 98 -11.88 -37.86 -24.56
C THR H 98 -11.56 -38.01 -26.03
N PHE H 99 -11.41 -36.89 -26.74
CA PHE H 99 -11.07 -36.95 -28.17
C PHE H 99 -9.72 -37.62 -28.39
N ALA H 100 -8.73 -37.27 -27.58
CA ALA H 100 -7.41 -37.86 -27.72
C ALA H 100 -7.43 -39.35 -27.43
N ASN H 101 -8.16 -39.76 -26.39
CA ASN H 101 -8.26 -41.18 -26.07
C ASN H 101 -8.96 -41.95 -27.17
N CYS H 102 -10.03 -41.39 -27.74
CA CYS H 102 -10.75 -42.09 -28.81
C CYS H 102 -9.91 -42.17 -30.08
N ALA H 103 -9.19 -41.10 -30.42
CA ALA H 103 -8.43 -41.08 -31.67
C ALA H 103 -7.19 -41.97 -31.62
N LEU H 104 -6.75 -42.37 -30.44
CA LEU H 104 -5.59 -43.24 -30.30
C LEU H 104 -5.98 -44.67 -29.98
N GLY H 105 -7.26 -45.02 -30.15
CA GLY H 105 -7.73 -46.38 -30.01
C GLY H 105 -8.03 -46.83 -28.60
N ARG H 106 -7.86 -45.97 -27.59
CA ARG H 106 -8.07 -46.38 -26.21
C ARG H 106 -9.55 -46.46 -25.83
N VAL H 107 -10.41 -45.69 -26.48
CA VAL H 107 -11.84 -45.69 -26.19
C VAL H 107 -12.59 -45.80 -27.52
N PRO H 108 -13.69 -46.56 -27.58
CA PRO H 108 -14.47 -46.61 -28.82
C PRO H 108 -15.02 -45.25 -29.21
N TRP H 109 -15.17 -45.04 -30.52
CA TRP H 109 -15.66 -43.76 -31.02
C TRP H 109 -17.11 -43.53 -30.66
N ARG H 110 -17.89 -44.61 -30.50
CA ARG H 110 -19.32 -44.47 -30.23
C ARG H 110 -19.61 -43.87 -28.86
N LYS H 111 -18.64 -43.80 -27.97
CA LYS H 111 -18.83 -43.23 -26.65
C LYS H 111 -18.49 -41.74 -26.56
N PHE H 112 -18.05 -41.13 -27.67
CA PHE H 112 -17.78 -39.70 -27.66
C PHE H 112 -19.02 -38.86 -27.39
N PRO H 113 -20.16 -39.05 -28.09
CA PRO H 113 -21.30 -38.15 -27.85
C PRO H 113 -21.83 -38.18 -26.43
N VAL H 114 -21.94 -39.36 -25.83
CA VAL H 114 -22.53 -39.45 -24.49
C VAL H 114 -21.62 -38.79 -23.46
N TYR H 115 -20.32 -39.03 -23.55
CA TYR H 115 -19.39 -38.40 -22.62
C TYR H 115 -19.42 -36.88 -22.77
N VAL H 116 -19.39 -36.39 -24.01
CA VAL H 116 -19.36 -34.94 -24.21
C VAL H 116 -20.66 -34.31 -23.73
N LEU H 117 -21.79 -34.96 -24.00
CA LEU H 117 -23.07 -34.43 -23.53
C LEU H 117 -23.13 -34.37 -22.01
N GLY H 118 -22.68 -35.43 -21.33
CA GLY H 118 -22.68 -35.40 -19.89
C GLY H 118 -21.79 -34.31 -19.32
N GLN H 119 -20.60 -34.15 -19.90
CA GLN H 119 -19.70 -33.10 -19.43
C GLN H 119 -20.30 -31.71 -19.63
N PHE H 120 -20.93 -31.49 -20.78
CA PHE H 120 -21.53 -30.18 -21.06
C PHE H 120 -22.68 -29.89 -20.11
N LEU H 121 -23.54 -30.87 -19.84
CA LEU H 121 -24.63 -30.65 -18.90
C LEU H 121 -24.10 -30.35 -17.50
N GLY H 122 -23.10 -31.11 -17.05
CA GLY H 122 -22.53 -30.85 -15.74
C GLY H 122 -21.94 -29.47 -15.62
N SER H 123 -21.21 -29.04 -16.64
CA SER H 123 -20.60 -27.70 -16.61
C SER H 123 -21.67 -26.61 -16.61
N PHE H 124 -22.72 -26.78 -17.41
CA PHE H 124 -23.81 -25.79 -17.44
C PHE H 124 -24.47 -25.65 -16.07
N LEU H 125 -24.79 -26.79 -15.45
CA LEU H 125 -25.44 -26.73 -14.14
C LEU H 125 -24.52 -26.17 -13.07
N ALA H 126 -23.22 -26.46 -13.14
CA ALA H 126 -22.27 -25.88 -12.20
C ALA H 126 -22.20 -24.37 -12.34
N ALA H 127 -22.24 -23.87 -13.58
CA ALA H 127 -22.27 -22.42 -13.79
C ALA H 127 -23.53 -21.81 -13.19
N ALA H 128 -24.68 -22.46 -13.38
CA ALA H 128 -25.92 -21.96 -12.80
C ALA H 128 -25.85 -21.95 -11.27
N THR H 129 -25.28 -22.99 -10.67
CA THR H 129 -25.16 -23.04 -9.21
C THR H 129 -24.27 -21.92 -8.70
N ILE H 130 -23.14 -21.66 -9.37
CA ILE H 130 -22.26 -20.60 -8.92
C ILE H 130 -22.94 -19.24 -9.08
N TYR H 131 -23.75 -19.08 -10.13
CA TYR H 131 -24.53 -17.85 -10.26
C TYR H 131 -25.51 -17.69 -9.10
N SER H 132 -26.16 -18.78 -8.70
CA SER H 132 -27.15 -18.69 -7.63
C SER H 132 -26.52 -18.40 -6.27
N LEU H 133 -25.38 -19.03 -5.98
CA LEU H 133 -24.80 -18.88 -4.64
C LEU H 133 -24.12 -17.53 -4.43
N PHE H 134 -23.57 -16.92 -5.48
CA PHE H 134 -22.82 -15.67 -5.38
C PHE H 134 -23.59 -14.46 -5.90
N TYR H 135 -24.91 -14.57 -6.01
CA TYR H 135 -25.70 -13.54 -6.68
C TYR H 135 -25.56 -12.18 -5.98
N THR H 136 -25.71 -12.17 -4.65
CA THR H 136 -25.68 -10.91 -3.91
C THR H 136 -24.34 -10.23 -4.05
N ALA H 137 -23.23 -10.98 -3.93
CA ALA H 137 -21.91 -10.39 -4.06
C ALA H 137 -21.67 -9.87 -5.46
N ILE H 138 -22.16 -10.59 -6.48
CA ILE H 138 -22.00 -10.13 -7.86
C ILE H 138 -22.69 -8.78 -8.06
N LEU H 139 -23.94 -8.68 -7.60
CA LEU H 139 -24.66 -7.41 -7.77
C LEU H 139 -24.01 -6.30 -6.96
N HIS H 140 -23.58 -6.59 -5.73
CA HIS H 140 -22.95 -5.58 -4.90
C HIS H 140 -21.65 -5.08 -5.52
N PHE H 141 -20.85 -5.99 -6.09
CA PHE H 141 -19.59 -5.61 -6.70
C PHE H 141 -19.81 -4.79 -7.97
N SER H 142 -20.67 -5.27 -8.87
CA SER H 142 -20.79 -4.63 -10.17
C SER H 142 -21.64 -3.37 -10.15
N GLY H 143 -22.31 -3.07 -9.05
CA GLY H 143 -23.23 -1.94 -9.03
C GLY H 143 -24.56 -2.20 -9.68
N GLY H 144 -24.91 -3.47 -9.91
CA GLY H 144 -26.15 -3.82 -10.57
C GLY H 144 -26.04 -4.02 -12.07
N GLN H 145 -24.92 -3.65 -12.67
CA GLN H 145 -24.74 -3.72 -14.12
C GLN H 145 -23.87 -4.93 -14.47
N LEU H 146 -24.38 -5.78 -15.35
CA LEU H 146 -23.66 -6.98 -15.78
C LEU H 146 -22.86 -6.61 -17.02
N MET H 147 -21.55 -6.43 -16.84
CA MET H 147 -20.68 -5.89 -17.88
C MET H 147 -19.65 -6.94 -18.29
N VAL H 148 -19.51 -7.14 -19.60
CA VAL H 148 -18.46 -8.02 -20.11
C VAL H 148 -17.08 -7.38 -19.94
N THR H 149 -16.99 -6.08 -20.19
CA THR H 149 -15.71 -5.37 -20.16
C THR H 149 -15.79 -4.16 -19.25
N GLY H 150 -14.65 -3.79 -18.68
CA GLY H 150 -14.58 -2.63 -17.81
C GLY H 150 -13.90 -2.96 -16.50
N PRO H 151 -13.79 -1.96 -15.61
CA PRO H 151 -13.20 -2.19 -14.29
C PRO H 151 -14.08 -3.01 -13.36
N VAL H 152 -15.35 -3.22 -13.68
CA VAL H 152 -16.25 -3.98 -12.83
C VAL H 152 -16.85 -5.14 -13.61
N ALA H 153 -16.08 -5.71 -14.54
CA ALA H 153 -16.57 -6.82 -15.35
C ALA H 153 -16.72 -8.07 -14.50
N THR H 154 -17.85 -8.76 -14.65
CA THR H 154 -18.13 -9.98 -13.92
C THR H 154 -18.38 -11.18 -14.83
N ALA H 155 -18.28 -11.01 -16.15
CA ALA H 155 -18.47 -12.14 -17.06
C ALA H 155 -17.27 -13.06 -17.10
N GLY H 156 -16.09 -12.58 -16.69
CA GLY H 156 -14.90 -13.40 -16.68
C GLY H 156 -14.84 -14.44 -15.59
N ILE H 157 -15.81 -14.41 -14.66
CA ILE H 157 -15.92 -15.47 -13.66
C ILE H 157 -16.23 -16.80 -14.32
N PHE H 158 -17.13 -16.81 -15.30
CA PHE H 158 -17.65 -18.04 -15.88
C PHE H 158 -16.85 -18.53 -17.08
N ALA H 159 -16.37 -17.61 -17.92
CA ALA H 159 -15.59 -17.97 -19.10
C ALA H 159 -14.26 -17.24 -19.09
N THR H 160 -13.46 -17.47 -20.13
CA THR H 160 -12.13 -16.90 -20.24
C THR H 160 -12.08 -15.89 -21.37
N TYR H 161 -11.43 -14.76 -21.14
CA TYR H 161 -11.31 -13.70 -22.12
C TYR H 161 -9.85 -13.33 -22.31
N LEU H 162 -9.52 -12.91 -23.53
CA LEU H 162 -8.14 -12.63 -23.89
C LEU H 162 -7.62 -11.40 -23.15
N PRO H 163 -6.38 -11.42 -22.66
CA PRO H 163 -5.85 -10.25 -21.97
C PRO H 163 -5.59 -9.07 -22.90
N ASP H 164 -5.03 -7.99 -22.35
CA ASP H 164 -4.91 -6.75 -23.11
C ASP H 164 -3.81 -6.86 -24.17
N HIS H 165 -2.70 -7.48 -23.84
CA HIS H 165 -1.52 -7.47 -24.70
C HIS H 165 -1.44 -8.67 -25.64
N MET H 166 -2.42 -9.56 -25.63
CA MET H 166 -2.36 -10.79 -26.41
C MET H 166 -3.16 -10.67 -27.70
N THR H 167 -2.71 -11.38 -28.72
CA THR H 167 -3.43 -11.50 -29.98
C THR H 167 -4.13 -12.86 -30.02
N LEU H 168 -4.84 -13.11 -31.13
CA LEU H 168 -5.62 -14.34 -31.22
C LEU H 168 -4.73 -15.56 -31.44
N TRP H 169 -3.73 -15.44 -32.32
CA TRP H 169 -2.91 -16.60 -32.64
C TRP H 169 -1.91 -16.94 -31.54
N ARG H 170 -1.45 -15.93 -30.80
CA ARG H 170 -0.68 -16.22 -29.58
C ARG H 170 -1.52 -17.02 -28.60
N GLY H 171 -2.79 -16.66 -28.44
CA GLY H 171 -3.66 -17.44 -27.58
C GLY H 171 -3.87 -18.85 -28.09
N PHE H 172 -4.00 -19.01 -29.41
CA PHE H 172 -4.13 -20.33 -30.00
C PHE H 172 -2.91 -21.19 -29.66
N LEU H 173 -1.71 -20.61 -29.82
CA LEU H 173 -0.48 -21.33 -29.50
C LEU H 173 -0.45 -21.72 -28.02
N ASN H 174 -0.82 -20.79 -27.14
CA ASN H 174 -0.81 -21.08 -25.71
C ASN H 174 -1.75 -22.23 -25.37
N GLU H 175 -2.98 -22.19 -25.90
CA GLU H 175 -3.94 -23.24 -25.59
C GLU H 175 -3.46 -24.60 -26.09
N ALA H 176 -2.99 -24.66 -27.33
CA ALA H 176 -2.54 -25.94 -27.89
C ALA H 176 -1.38 -26.51 -27.08
N TRP H 177 -0.39 -25.67 -26.75
CA TRP H 177 0.78 -26.16 -26.04
C TRP H 177 0.42 -26.63 -24.63
N LEU H 178 -0.42 -25.87 -23.92
CA LEU H 178 -0.80 -26.27 -22.58
C LEU H 178 -1.56 -27.58 -22.57
N THR H 179 -2.49 -27.76 -23.52
CA THR H 179 -3.22 -29.02 -23.59
C THR H 179 -2.29 -30.18 -23.95
N GLY H 180 -1.33 -29.95 -24.82
CA GLY H 180 -0.36 -31.00 -25.13
C GLY H 180 0.42 -31.44 -23.91
N MET H 181 0.89 -30.48 -23.11
CA MET H 181 1.62 -30.84 -21.89
C MET H 181 0.74 -31.60 -20.92
N LEU H 182 -0.53 -31.16 -20.76
CA LEU H 182 -1.44 -31.86 -19.88
C LEU H 182 -1.63 -33.32 -20.32
N GLN H 183 -1.85 -33.54 -21.62
CA GLN H 183 -2.08 -34.90 -22.09
C GLN H 183 -0.84 -35.77 -21.94
N LEU H 184 0.34 -35.21 -22.22
CA LEU H 184 1.56 -35.98 -22.06
C LEU H 184 1.75 -36.43 -20.62
N CYS H 185 1.55 -35.52 -19.67
CA CYS H 185 1.74 -35.88 -18.27
C CYS H 185 0.64 -36.84 -17.79
N LEU H 186 -0.58 -36.69 -18.29
CA LEU H 186 -1.64 -37.63 -17.94
C LEU H 186 -1.32 -39.03 -18.41
N PHE H 187 -0.80 -39.16 -19.63
CA PHE H 187 -0.36 -40.48 -20.10
C PHE H 187 0.76 -41.02 -19.24
N ALA H 188 1.71 -40.17 -18.84
CA ALA H 188 2.84 -40.64 -18.05
C ALA H 188 2.42 -41.16 -16.68
N ILE H 189 1.50 -40.46 -16.02
CA ILE H 189 1.17 -40.79 -14.63
C ILE H 189 0.45 -42.13 -14.52
N THR H 190 -0.43 -42.43 -15.48
CA THR H 190 -1.31 -43.60 -15.40
C THR H 190 -0.90 -44.71 -16.37
N ASP H 191 0.40 -44.91 -16.56
CA ASP H 191 0.90 -45.94 -17.46
C ASP H 191 1.49 -47.08 -16.63
N GLN H 192 0.88 -48.26 -16.73
CA GLN H 192 1.25 -49.37 -15.87
C GLN H 192 2.58 -50.01 -16.26
N GLU H 193 2.90 -50.05 -17.55
CA GLU H 193 4.17 -50.63 -17.98
C GLU H 193 5.35 -49.74 -17.57
N ASN H 194 5.18 -48.42 -17.69
CA ASN H 194 6.22 -47.47 -17.29
C ASN H 194 6.17 -47.30 -15.77
N ASN H 195 6.71 -46.20 -15.28
CA ASN H 195 6.68 -45.85 -13.86
C ASN H 195 5.38 -45.14 -13.51
N PRO H 196 4.39 -45.84 -12.94
CA PRO H 196 3.11 -45.18 -12.65
C PRO H 196 3.00 -44.68 -11.22
N ALA H 197 1.93 -43.98 -10.91
CA ALA H 197 1.60 -43.70 -9.52
C ALA H 197 0.99 -44.93 -8.88
N LEU H 198 1.14 -45.03 -7.56
CA LEU H 198 0.63 -46.20 -6.85
C LEU H 198 -0.89 -46.25 -6.95
N PRO H 199 -1.48 -47.36 -7.38
CA PRO H 199 -2.94 -47.44 -7.50
C PRO H 199 -3.62 -47.13 -6.19
N GLY H 200 -4.42 -46.06 -6.18
CA GLY H 200 -5.01 -45.51 -4.99
C GLY H 200 -4.48 -44.14 -4.62
N THR H 201 -3.45 -43.65 -5.30
CA THR H 201 -2.91 -42.32 -5.05
C THR H 201 -2.79 -41.50 -6.33
N GLU H 202 -3.44 -41.92 -7.41
CA GLU H 202 -3.29 -41.22 -8.69
C GLU H 202 -4.03 -39.90 -8.70
N ALA H 203 -5.13 -39.79 -7.96
CA ALA H 203 -5.92 -38.57 -7.97
C ALA H 203 -5.13 -37.39 -7.41
N LEU H 204 -4.33 -37.63 -6.37
CA LEU H 204 -3.49 -36.57 -5.82
C LEU H 204 -2.51 -36.05 -6.86
N VAL H 205 -1.87 -36.95 -7.60
CA VAL H 205 -0.87 -36.54 -8.57
C VAL H 205 -1.50 -35.82 -9.75
N ILE H 206 -2.68 -36.27 -10.18
CA ILE H 206 -3.39 -35.55 -11.25
C ILE H 206 -3.79 -34.16 -10.79
N GLY H 207 -4.28 -34.03 -9.55
CA GLY H 207 -4.60 -32.72 -9.02
C GLY H 207 -3.40 -31.80 -8.95
N ILE H 208 -2.25 -32.34 -8.54
CA ILE H 208 -1.04 -31.54 -8.46
C ILE H 208 -0.59 -31.10 -9.86
N LEU H 209 -0.76 -31.98 -10.85
CA LEU H 209 -0.43 -31.62 -12.22
C LEU H 209 -1.27 -30.44 -12.69
N VAL H 210 -2.58 -30.48 -12.42
CA VAL H 210 -3.43 -29.37 -12.82
C VAL H 210 -3.06 -28.09 -12.05
N VAL H 211 -2.70 -28.23 -10.77
CA VAL H 211 -2.31 -27.08 -9.97
C VAL H 211 -1.10 -26.39 -10.59
N ILE H 212 -0.09 -27.17 -10.97
CA ILE H 212 1.12 -26.53 -11.50
C ILE H 212 0.92 -26.05 -12.92
N ILE H 213 0.03 -26.68 -13.70
CA ILE H 213 -0.32 -26.11 -15.00
C ILE H 213 -0.91 -24.71 -14.80
N GLY H 214 -1.78 -24.56 -13.81
CA GLY H 214 -2.30 -23.23 -13.50
C GLY H 214 -1.23 -22.28 -13.02
N VAL H 215 -0.33 -22.75 -12.15
CA VAL H 215 0.65 -21.88 -11.52
C VAL H 215 1.67 -21.37 -12.52
N SER H 216 2.11 -22.22 -13.45
CA SER H 216 3.23 -21.88 -14.32
C SER H 216 2.82 -21.21 -15.61
N LEU H 217 1.69 -21.56 -16.21
CA LEU H 217 1.39 -21.16 -17.58
C LEU H 217 -0.03 -20.62 -17.72
N GLY H 218 -0.54 -19.93 -16.71
CA GLY H 218 -1.95 -19.58 -16.72
C GLY H 218 -2.30 -18.12 -16.97
N MET H 219 -1.32 -17.22 -16.93
CA MET H 219 -1.64 -15.79 -17.05
C MET H 219 -1.95 -15.37 -18.48
N ASN H 220 -1.52 -16.13 -19.47
CA ASN H 220 -1.66 -15.71 -20.87
C ASN H 220 -3.08 -15.89 -21.39
N THR H 221 -3.78 -16.93 -20.96
CA THR H 221 -5.10 -17.21 -21.50
C THR H 221 -6.16 -17.56 -20.45
N GLY H 222 -5.80 -17.67 -19.17
CA GLY H 222 -6.70 -18.25 -18.20
C GLY H 222 -6.70 -19.75 -18.19
N TYR H 223 -5.79 -20.38 -18.92
CA TYR H 223 -5.65 -21.83 -19.08
C TYR H 223 -7.00 -22.53 -19.11
N ALA H 224 -7.81 -22.13 -20.08
CA ALA H 224 -9.04 -22.85 -20.41
C ALA H 224 -8.68 -24.01 -21.34
N ILE H 225 -8.06 -25.03 -20.75
CA ILE H 225 -7.50 -26.13 -21.51
C ILE H 225 -8.56 -27.22 -21.64
N ASN H 226 -9.81 -26.82 -21.47
CA ASN H 226 -10.94 -27.73 -21.45
C ASN H 226 -12.10 -27.10 -22.23
N PRO H 227 -12.52 -27.67 -23.35
CA PRO H 227 -13.69 -27.11 -24.05
C PRO H 227 -14.94 -27.11 -23.20
N SER H 228 -15.12 -28.15 -22.37
CA SER H 228 -16.28 -28.24 -21.50
C SER H 228 -16.24 -27.20 -20.41
N ARG H 229 -15.06 -26.77 -20.00
CA ARG H 229 -14.93 -25.71 -19.00
C ARG H 229 -15.23 -24.34 -19.58
N ASP H 230 -15.16 -24.19 -20.90
CA ASP H 230 -15.21 -22.88 -21.52
C ASP H 230 -16.51 -22.58 -22.24
N LEU H 231 -17.09 -23.53 -22.98
CA LEU H 231 -18.26 -23.15 -23.78
C LEU H 231 -19.56 -23.07 -22.98
N PRO H 232 -19.96 -24.10 -22.22
CA PRO H 232 -21.27 -24.06 -21.55
C PRO H 232 -21.42 -22.89 -20.59
N PRO H 233 -20.39 -22.52 -19.81
CA PRO H 233 -20.53 -21.29 -19.01
C PRO H 233 -20.70 -20.03 -19.83
N ARG H 234 -20.07 -19.95 -21.00
CA ARG H 234 -20.26 -18.79 -21.87
C ARG H 234 -21.68 -18.72 -22.38
N ILE H 235 -22.25 -19.88 -22.76
CA ILE H 235 -23.65 -19.90 -23.18
C ILE H 235 -24.56 -19.49 -22.03
N PHE H 236 -24.24 -19.94 -20.82
CA PHE H 236 -25.04 -19.52 -19.66
C PHE H 236 -24.99 -18.02 -19.45
N THR H 237 -23.80 -17.41 -19.57
CA THR H 237 -23.71 -15.97 -19.39
C THR H 237 -24.44 -15.22 -20.51
N PHE H 238 -24.46 -15.77 -21.72
CA PHE H 238 -25.28 -15.18 -22.76
C PHE H 238 -26.76 -15.21 -22.40
N ILE H 239 -27.23 -16.34 -21.87
CA ILE H 239 -28.66 -16.47 -21.55
C ILE H 239 -29.03 -15.60 -20.34
N ALA H 240 -28.18 -15.56 -19.32
CA ALA H 240 -28.53 -14.98 -18.03
C ALA H 240 -28.56 -13.46 -18.03
N GLY H 241 -28.08 -12.81 -19.08
CA GLY H 241 -28.20 -11.37 -19.15
C GLY H 241 -26.89 -10.60 -19.21
N TRP H 242 -25.84 -11.25 -19.69
CA TRP H 242 -24.59 -10.55 -19.98
C TRP H 242 -24.50 -10.11 -21.43
N GLY H 243 -25.54 -10.33 -22.23
CA GLY H 243 -25.59 -9.83 -23.58
C GLY H 243 -24.91 -10.75 -24.57
N LYS H 244 -24.86 -10.29 -25.82
CA LYS H 244 -24.21 -11.02 -26.90
C LYS H 244 -22.76 -10.60 -27.09
N GLN H 245 -22.23 -9.72 -26.23
CA GLN H 245 -20.82 -9.37 -26.30
C GLN H 245 -19.91 -10.47 -25.79
N VAL H 246 -20.46 -11.50 -25.15
CA VAL H 246 -19.64 -12.62 -24.70
C VAL H 246 -19.04 -13.35 -25.89
N PHE H 247 -19.72 -13.33 -27.04
CA PHE H 247 -19.25 -14.03 -28.21
C PHE H 247 -18.38 -13.17 -29.14
N SER H 248 -18.67 -11.87 -29.22
CA SER H 248 -17.95 -11.00 -30.14
C SER H 248 -16.76 -10.28 -29.50
N ASN H 249 -16.49 -10.51 -28.22
CA ASN H 249 -15.38 -9.85 -27.56
C ASN H 249 -14.07 -10.49 -27.99
N GLY H 250 -13.03 -9.66 -28.13
CA GLY H 250 -11.70 -10.16 -28.45
C GLY H 250 -11.56 -10.78 -29.82
N GLU H 251 -12.14 -10.16 -30.85
CA GLU H 251 -12.05 -10.63 -32.23
C GLU H 251 -12.61 -12.04 -32.39
N ASN H 252 -13.76 -12.29 -31.75
CA ASN H 252 -14.41 -13.59 -31.75
C ASN H 252 -13.48 -14.68 -31.22
N TRP H 253 -13.09 -14.51 -29.97
CA TRP H 253 -12.20 -15.45 -29.28
C TRP H 253 -12.93 -16.71 -28.83
N TRP H 254 -14.26 -16.75 -28.89
CA TRP H 254 -15.02 -17.82 -28.26
C TRP H 254 -14.70 -19.20 -28.81
N TRP H 255 -14.19 -19.29 -30.04
CA TRP H 255 -14.00 -20.59 -30.68
C TRP H 255 -12.61 -21.18 -30.47
N VAL H 256 -11.64 -20.37 -30.02
CA VAL H 256 -10.28 -20.89 -29.85
C VAL H 256 -10.21 -21.95 -28.75
N PRO H 257 -10.77 -21.75 -27.55
CA PRO H 257 -10.70 -22.80 -26.52
C PRO H 257 -11.53 -24.03 -26.84
N VAL H 258 -12.16 -24.12 -28.01
CA VAL H 258 -12.92 -25.29 -28.39
C VAL H 258 -12.16 -26.09 -29.43
N VAL H 259 -11.30 -25.42 -30.20
CA VAL H 259 -10.58 -26.05 -31.30
C VAL H 259 -9.14 -26.37 -30.94
N ALA H 260 -8.44 -25.42 -30.30
CA ALA H 260 -7.02 -25.64 -30.00
C ALA H 260 -6.77 -26.85 -29.10
N PRO H 261 -7.49 -27.04 -27.98
CA PRO H 261 -7.16 -28.17 -27.09
C PRO H 261 -7.23 -29.53 -27.75
N LEU H 262 -8.11 -29.75 -28.74
CA LEU H 262 -8.19 -31.06 -29.39
C LEU H 262 -6.88 -31.39 -30.09
N LEU H 263 -6.37 -30.44 -30.90
CA LEU H 263 -5.10 -30.63 -31.58
C LEU H 263 -3.96 -30.79 -30.58
N GLY H 264 -3.95 -29.97 -29.53
CA GLY H 264 -2.89 -30.09 -28.55
C GLY H 264 -2.86 -31.44 -27.88
N ALA H 265 -4.02 -31.93 -27.45
CA ALA H 265 -4.09 -33.21 -26.76
C ALA H 265 -3.67 -34.35 -27.68
N TYR H 266 -4.14 -34.33 -28.93
CA TYR H 266 -3.75 -35.39 -29.85
C TYR H 266 -2.24 -35.42 -30.06
N LEU H 267 -1.63 -34.24 -30.27
CA LEU H 267 -0.19 -34.21 -30.50
C LEU H 267 0.60 -34.65 -29.28
N GLY H 268 0.20 -34.21 -28.09
CA GLY H 268 0.91 -34.64 -26.90
C GLY H 268 0.83 -36.13 -26.68
N GLY H 269 -0.36 -36.71 -26.88
CA GLY H 269 -0.51 -38.14 -26.74
C GLY H 269 0.34 -38.93 -27.72
N ILE H 270 0.35 -38.49 -28.99
CA ILE H 270 1.13 -39.23 -29.99
C ILE H 270 2.61 -39.10 -29.71
N ILE H 271 3.06 -37.93 -29.22
CA ILE H 271 4.47 -37.77 -28.89
C ILE H 271 4.88 -38.72 -27.76
N TYR H 272 4.07 -38.77 -26.70
CA TYR H 272 4.39 -39.69 -25.61
C TYR H 272 4.40 -41.13 -26.09
N LEU H 273 3.41 -41.51 -26.91
CA LEU H 273 3.34 -42.90 -27.35
C LEU H 273 4.55 -43.27 -28.19
N VAL H 274 4.98 -42.39 -29.10
CA VAL H 274 6.08 -42.72 -29.99
C VAL H 274 7.40 -42.74 -29.23
N PHE H 275 7.65 -41.74 -28.39
CA PHE H 275 8.98 -41.60 -27.82
C PHE H 275 9.17 -42.42 -26.54
N ILE H 276 8.32 -42.19 -25.53
CA ILE H 276 8.49 -42.85 -24.25
C ILE H 276 7.83 -44.22 -24.24
N GLY H 277 6.58 -44.29 -24.65
CA GLY H 277 5.86 -45.56 -24.68
C GLY H 277 6.43 -46.53 -25.70
C1 GOL I . -19.11 32.23 -2.42
O1 GOL I . -18.95 31.14 -3.28
C2 GOL I . -18.48 33.45 -3.13
O2 GOL I . -18.84 33.49 -4.45
C3 GOL I . -18.99 34.68 -2.33
O3 GOL I . -18.42 35.81 -2.91
C1 GOL J . -17.99 27.44 -3.61
O1 GOL J . -18.77 28.53 -3.96
C2 GOL J . -18.95 26.33 -3.15
O2 GOL J . -20.04 26.20 -3.99
C3 GOL J . -18.10 25.05 -3.11
O3 GOL J . -18.99 23.99 -2.99
C1 GOL K . -2.63 17.70 -5.92
O1 GOL K . -3.39 17.90 -7.06
C2 GOL K . -2.41 16.18 -5.79
O2 GOL K . -2.25 15.57 -7.01
C3 GOL K . -1.16 16.03 -4.90
O3 GOL K . -0.81 14.68 -4.93
C1 GOL L . -8.01 17.65 6.38
O1 GOL L . -9.00 18.09 7.24
C2 GOL L . -8.56 17.79 4.96
O2 GOL L . -9.59 18.71 4.91
C3 GOL L . -7.35 18.22 4.10
O3 GOL L . -7.77 18.15 2.78
C1 GOL M . 17.63 34.71 3.39
O1 GOL M . 18.23 35.86 3.90
C2 GOL M . 18.48 33.53 3.90
O2 GOL M . 18.33 33.34 5.27
C3 GOL M . 17.96 32.31 3.11
O3 GOL M . 18.62 31.20 3.64
C1 GOL N . 4.00 27.45 -17.41
O1 GOL N . 3.70 28.60 -18.13
C2 GOL N . 3.22 26.30 -18.07
O2 GOL N . 3.63 26.09 -19.37
C3 GOL N . 3.48 25.06 -17.17
O3 GOL N . 3.01 23.95 -17.86
C1 GOL O . 1.85 38.12 -17.52
C1 GOL O . 2.08 31.84 -18.18
O1 GOL O . 2.38 39.37 -17.85
O1 GOL O . 2.70 30.62 -18.44
C2 GOL O . 2.99 37.10 -17.66
C2 GOL O . 3.16 32.92 -18.32
O2 GOL O . 3.99 37.31 -16.72
O2 GOL O . 4.35 32.53 -17.72
C3 GOL O . 2.33 35.71 -17.51
C3 GOL O . 2.56 34.18 -17.68
O3 GOL O . 3.16 34.80 -18.15
O3 GOL O . 3.21 35.28 -18.23
C1 GOL P . -0.32 40.47 -19.75
O1 GOL P . 1.05 40.35 -19.93
C2 GOL P . -0.64 41.99 -19.80
O2 GOL P . -0.70 42.47 -21.10
C3 GOL P . -1.99 42.14 -19.08
O3 GOL P . -2.28 43.50 -19.02
C1 GOL Q . 3.39 18.88 -17.17
O1 GOL Q . 3.70 20.24 -17.17
C2 GOL Q . 3.37 18.43 -15.69
O2 GOL Q . 2.79 19.37 -14.88
C3 GOL Q . 2.59 17.10 -15.69
O3 GOL Q . 1.25 17.43 -15.90
C1 GOL R . -4.51 30.61 18.44
C1 GOL R . -4.00 27.59 17.89
O1 GOL R . -3.71 29.51 18.72
O1 GOL R . -4.21 26.33 18.43
C2 GOL R . -4.06 31.73 19.39
C2 GOL R . -4.15 28.58 19.04
O2 GOL R . -3.23 31.26 20.39
O2 GOL R . -5.31 28.38 19.75
C3 GOL R . -3.35 32.76 18.48
C3 GOL R . -4.09 29.98 18.40
O3 GOL R . -3.71 34.02 18.93
O3 GOL R . -3.82 30.90 19.41
C1 GOL S . -16.42 -31.66 8.65
C1 GOL S . -15.57 -30.08 9.89
O1 GOL S . -15.82 -30.50 9.14
O1 GOL S . -15.77 -28.94 9.11
C2 GOL S . -15.63 -32.86 9.22
C2 GOL S . -15.79 -31.29 8.96
O2 GOL S . -15.89 -33.06 10.56
O2 GOL S . -16.98 -31.20 8.26
C3 GOL S . -16.06 -34.07 8.36
C3 GOL S . -15.78 -32.52 9.90
O3 GOL S . -15.76 -35.21 9.09
O3 GOL S . -15.78 -33.66 9.10
C1 GOL T . 16.07 -33.41 -9.66
C1 GOL T . 16.40 -32.26 -9.99
O1 GOL T . 17.10 -32.49 -9.54
O1 GOL T . 16.86 -33.39 -9.32
C2 GOL T . 16.57 -34.76 -9.08
C2 GOL T . 17.10 -31.05 -9.36
O2 GOL T . 17.72 -35.19 -9.72
O2 GOL T . 18.46 -31.07 -9.59
C3 GOL T . 15.39 -35.74 -9.27
C3 GOL T . 16.43 -29.82 -10.00
O3 GOL T . 15.91 -37.03 -9.16
O3 GOL T . 16.95 -28.70 -9.37
C1 GOL U . 9.64 -24.97 15.40
O1 GOL U . 9.81 -23.89 16.25
C2 GOL U . 9.80 -26.25 16.24
O2 GOL U . 10.89 -26.18 17.07
C3 GOL U . 9.93 -27.38 15.21
O3 GOL U . 10.43 -28.49 15.91
C1 GOL V . 9.86 -31.66 15.42
O1 GOL V . 9.72 -30.60 16.30
C2 GOL V . 10.18 -32.91 16.26
O2 GOL V . 9.74 -32.76 17.57
C3 GOL V . 9.48 -34.07 15.54
O3 GOL V . 9.82 -35.24 16.21
C1 GOL W . 9.04 -40.16 14.10
O1 GOL W . 9.45 -41.49 13.99
C2 GOL W . 9.44 -39.67 15.50
O2 GOL W . 9.18 -38.32 15.66
C3 GOL W . 8.66 -40.56 16.48
O3 GOL W . 9.02 -40.14 17.77
C1 GOL X . -8.33 -32.14 -16.97
C1 GOL X . -9.39 -32.49 -15.95
O1 GOL X . -8.61 -33.37 -16.40
O1 GOL X . -9.32 -31.28 -16.61
C2 GOL X . -9.25 -31.09 -16.29
C2 GOL X . -8.25 -33.38 -16.51
O2 GOL X . -10.58 -31.39 -16.49
O2 GOL X . -8.45 -33.69 -17.83
C3 GOL X . -8.85 -29.74 -16.91
C3 GOL X . -8.25 -34.64 -15.62
O3 GOL X . -9.50 -28.75 -16.16
O3 GOL X . -8.76 -35.67 -16.41
#